data_8HXX
#
_entry.id   8HXX
#
_cell.length_a   1.00
_cell.length_b   1.00
_cell.length_c   1.00
_cell.angle_alpha   90.00
_cell.angle_beta   90.00
_cell.angle_gamma   90.00
#
_symmetry.space_group_name_H-M   'P 1'
#
loop_
_entity.id
_entity.type
_entity.pdbx_description
1 polymer 'Transcriptional regulatory protein SIN3'
2 polymer 'Histone deacetylase RPD3'
3 polymer 'Chromatin modification-related protein EAF3'
4 polymer 'RCO1 isoform 1'
5 polymer 'Histone H3'
6 non-polymer 'ZINC ION'
#
loop_
_entity_poly.entity_id
_entity_poly.type
_entity_poly.pdbx_seq_one_letter_code
_entity_poly.pdbx_strand_id
1 'polypeptide(L)'
;MSQVWHNSNSQSNDVATSNDATGSNERNEKEPSLQGNKPGFVQQQQRITLPSLSALSTKEEDRRDSNGQQALTSHAAHIL
GYPPPHSNAMPSIATDSALKQPHEYHPRPKSSSSSPSINASLMNAGPAPLPTVGAASFSLSRFDNPLPIKAPVHTEEPKS
YNGLQEEEKATQRPQDCKEVPAGVQPADAPDPSSNHADANDDNNNNENSHDEDADYRPLNVKDALSYLEQVKFQFSSRPD
IYNLFLDIMKDFKSQAIDTPGVIERVSTLFRGYPILIQGFNTFLPQGYRIECSSNPDDPIRVTTPMGTTTVNNNISPSGR
GTTDAQELGSFPESDGNGVQQPSNVPMVPSSVYQSEQNQDQQQSLPLLATSSGLPSIQQPEMPAHRQIPQSQSLVPQEDA
KKNVDVEFSQAISYVNKIKTRFADQPDIYKHFLEILQTYQREQKPINEVYAQVTHLFQNAPDLLEDFKKFLPDSSASANQ
QVQHAQQHAQQQHEAQMHAQAQAQAQAQAQVEQQKQQQQFLYPASGYYGHPSNRGIPQQNLPPIGSFSPPTNGSTVHEAY
QDQQHMQPPHFMPLPSIVQHGPNMVHQGIANENPPLSDLRTSLTEQYAPSSIQHQQQHPQSISPIANTQYGDIPVRPEID
LDPSIVPVVPEPTEPIENNISLNEEVTFFEKAKRYIGNKHLYTEFLKILNLYSQDILDLDDLVEKVDFYLGSNKELFTWF
KNFVGYQEKTKCIENIVHEKHRLDLDLCEAFGPSYKRLPKSDTFMPCSGRDDMCWEVLNDEWVGHPVWASEDSGFIAHRK
NQYEETLFKIEEERHEYDFYIESNLRTIQCLETIVNKIENMTENEKANFKLPPGLGHTSMTIYKKVIRKVYDKERGFEII
DALHEHPAVTAPVVLKRLKQKDEEWRRAQREWNKVWRELEQKVFFKSLDHLGLTFKQADKKLLTTKQLISEISSIKVDQT
NKKIHWLTPKPKSQLDFDFPDKNIFYDILCLADTFITHTTAYSNPDKERLKDLLKYFISLFFSISFEKIEESLYSHKQNV
SESSGSDDGSSIASRKRPYQQEMSLLDILHRSRYQKLKRSNDEDGKVPQLSEPPEEEPNTIEEEELIDEEAKNPWLTGNL
VEEANSQGIIQNRSIFNLFANTNIYIFFRHWTTIYERLLEIKQMNERVTKEINTRSTVTFAKDLDLLSSQLSEMGLDFVG
EDAYKQVLRLSRRLINGDLEHQWFEESLRQAYNNKAFKLYTIDKVTQSLVKHAHTLMTDAKTAEIMALFVKDRNASTTSA
KDQIIYRLQVRSHMSNTENMFRIEFDKRTLHVSIQYIALDDLTLKEPKADEDKWKYYVTSYALPHPTEGIPHEKLKIPFL
ERLIEFGQDIDGTEVDEEFSPEGISVSTLKIKIQPITYQLHIENGSYDVFTRKATNKYPTIANDNTQKGMVSQKKELISK
FLDCAVGLRNNLDEAQKLSMQKKWENLKDSIAKTSAGNQGIESETEKGKITKQEQSDNLDSSTASVLPASITTVPQDDNI
ETTGNTESSDKGAKIQ
;
K
2 'polypeptide(L)'
;MVYEATPFDPITVKPSDKRRVAYFYDADVGNYAYGAGHPMKPHRIRMAHSLIMNYGLYKKMEIYRAKPATKQEMCQFHTD
EYIDFLSRVTPDNLEMFKRESVKFNVGDDCPVFDGLYEYCSISGGGSMEGAARLNRGKCDVAVNYAGGLHHAKKSEASGF
CYLNDIVLGIIELLRYHPRVLYIDIDVHHGDGVEEAFYTTDRVMTCSFHKYGEFFPGTGELRDIGVGAGKNYAVNVPLRD
GIDDATYRSVFEPVIKKIMEWYQPSAVVLQCGGDSLSGDRLGCFNLSMEGHANCVNYVKSFGIPMMVVGGGGYTMRNVAR
TWCFETGLLNNVVLDKDLPYNEYYEYYGPDYKLSVRPSNMFNVNTPEYLDKVMTNIFANLENTKYAPSVQLNHTPRDAED
LGDVEEDSAEAKDTKGGSQYARDLHVEHDNEFY
;
L
3 'polypeptide(L)'
;MVDLEQEFALGGRCLAFHGPLMYEAKILKIWDPSSKMYTSIPNDKPGGSSQATKEIKPQKLGEDESIPEEIINGKCFFIH
YQGWKSSWDEWVGYDRIRAYNEENIAMKKRLANEAKEAKKSLLEQQKKKKLSTSLGGPSNGGKRKGDSRSNASISKSTSQ
SFLTSSVSGRKSGRSSANSLHPGSSLRSSSDQNGNDDRRRSSSLSPNMLHHIAGYPTPKISLQIPIKLKSVLVDDWEYVT
KDKKICRLPADVTVEMVLNKYEHEVSQELESPGSQSQLSEYCAGLKLYFDKCLGNMLLYRLERLQYDELLKKSSKDQKPL
VPIRIYGAIHLLRLISVLPELISSTTMDLQSCQLLIKQTEDFLVWLLMHVDEYFNDKDPNRSDDALYVNTSSQYEGVALG
M
;
M,O
4 'polypeptide(L)'
;MDTSKKDTTRSPSHSNSSSPSSSSLSSSSSKEKKRPKRLSSQNVNYDLKRRKIITSEGIERSFKNEHSNLAVEDNIPEEE
PKELLEKDSKGNIIKLNEPSTISEDSKVSVTGLPLNKGPSEKIKRESLWNYRKNLGGQSNNSEMTLVPSKRFTQVPKNFQ
DLNRNDLKTFLTENMTEESNIRSTIGWNGDIINRTRDREPESDRDNKKLSNIRTKIILSTNATYDSKSKLFGQNSIKSTS
NASEKIFRDKNNSTIDFENEDFCSACNQSGSFLCCDTCPKSFHFLCLDPPIDPNNLPKGDWHCNECKFKIFINNSMATLK
KIESNFIKQNNNVKIFAKLLFNIDSHNPKQFQLPNYIKETFPAVKTGSRGQYSDENDKIPLTDRQLFNTSYGQSITKLDS
YNPDTHIDSNSGKFLICYKCNQTRLGSWSHPENSRLIMTCDYCQTPWHLDCVPRASFKNLGSKWKCPLHSPTKVYKKIHH
CQEDNSVNYKVWKKQRLINKKNQLYYEPLQKIGYQNNGNIQIIPTTSHTDYDFNQDFKITQIDENSIKYDFFDKIYKSKM
VQKRKLFQFQESLIDKLVSNGSQNGNSEDNMVKDIASLIYFQVSNNDKSSNNKSASKSNNLRKLWDLKELTNVVVPNELD
SIQFNDFSSDEIKHLLYLKKIIESKPKEELLKFLNIENPENQSE
;
N,P
5 'polypeptide(L)'
;ARTKQTARKSTGGKAPRKQLATKAARKSAPATGGV(ML3)KPHRYRPGTVALREIRRYQKSTELLIRKLPFQRLVREIAQ
DFKTDLRFQSSAVMALQEASEAYLVALFEDTNLAAIHAKRVTIMPKDIQLARRIRGERA
;
E
#
# COMPACT_ATOMS: atom_id res chain seq x y z
N SER A 661 7.95 -22.68 -36.08
CA SER A 661 8.99 -22.24 -35.15
C SER A 661 9.55 -20.88 -35.58
N LEU A 662 9.03 -20.35 -36.69
CA LEU A 662 9.53 -19.08 -37.22
C LEU A 662 8.45 -18.00 -37.18
N ASN A 663 7.25 -18.33 -37.63
CA ASN A 663 6.19 -17.32 -37.79
C ASN A 663 5.75 -16.75 -36.45
N GLU A 664 5.58 -17.60 -35.43
CA GLU A 664 5.21 -17.07 -34.13
C GLU A 664 6.36 -16.30 -33.50
N GLU A 665 7.60 -16.68 -33.83
CA GLU A 665 8.77 -15.96 -33.32
C GLU A 665 8.82 -14.55 -33.88
N VAL A 666 8.49 -14.37 -35.16
CA VAL A 666 8.53 -13.01 -35.70
C VAL A 666 7.25 -12.23 -35.43
N THR A 667 6.12 -12.91 -35.17
CA THR A 667 4.86 -12.23 -34.96
C THR A 667 4.46 -12.07 -33.50
N PHE A 668 5.29 -12.57 -32.56
CA PHE A 668 4.96 -12.52 -31.14
C PHE A 668 4.80 -11.09 -30.63
N PHE A 669 5.66 -10.19 -31.08
CA PHE A 669 5.67 -8.84 -30.51
C PHE A 669 4.43 -8.06 -30.89
N GLU A 670 4.06 -8.06 -32.18
CA GLU A 670 2.86 -7.31 -32.53
C GLU A 670 1.58 -8.08 -32.19
N LYS A 671 1.68 -9.37 -31.95
CA LYS A 671 0.49 -10.08 -31.50
C LYS A 671 0.29 -9.70 -30.04
N ALA A 672 1.37 -9.62 -29.28
CA ALA A 672 1.26 -9.15 -27.91
C ALA A 672 0.79 -7.71 -27.86
N LYS A 673 1.22 -6.89 -28.82
CA LYS A 673 0.76 -5.50 -28.90
C LYS A 673 -0.74 -5.43 -29.15
N ARG A 674 -1.26 -6.33 -29.96
CA ARG A 674 -2.70 -6.35 -30.14
C ARG A 674 -3.37 -6.72 -28.83
N TYR A 675 -2.80 -7.69 -28.11
CA TYR A 675 -3.41 -8.15 -26.86
C TYR A 675 -3.39 -7.08 -25.78
N ILE A 676 -2.25 -6.42 -25.59
CA ILE A 676 -2.15 -5.44 -24.51
C ILE A 676 -3.15 -4.34 -24.75
N GLY A 677 -3.36 -3.98 -26.01
CA GLY A 677 -4.32 -2.95 -26.33
C GLY A 677 -3.78 -1.56 -26.11
N ASN A 678 -4.12 -0.94 -24.99
CA ASN A 678 -3.72 0.43 -24.76
C ASN A 678 -2.27 0.62 -25.13
N LYS A 679 -1.99 1.64 -25.92
CA LYS A 679 -0.63 1.93 -26.30
C LYS A 679 0.18 2.15 -25.06
N HIS A 680 -0.35 2.94 -24.14
CA HIS A 680 0.39 3.25 -22.94
C HIS A 680 0.89 1.98 -22.30
N LEU A 681 -0.03 1.08 -21.97
CA LEU A 681 0.36 -0.19 -21.38
C LEU A 681 1.41 -0.90 -22.23
N TYR A 682 1.32 -0.80 -23.55
CA TYR A 682 2.36 -1.33 -24.41
C TYR A 682 3.67 -0.56 -24.26
N THR A 683 3.59 0.75 -24.02
CA THR A 683 4.78 1.56 -23.77
C THR A 683 5.49 1.10 -22.50
N GLU A 684 4.73 0.89 -21.42
CA GLU A 684 5.34 0.37 -20.20
C GLU A 684 5.81 -1.07 -20.35
N PHE A 685 5.16 -1.85 -21.21
CA PHE A 685 5.63 -3.21 -21.49
C PHE A 685 6.97 -3.19 -22.20
N LEU A 686 7.14 -2.29 -23.18
CA LEU A 686 8.42 -2.12 -23.84
C LEU A 686 9.48 -1.58 -22.89
N LYS A 687 9.07 -0.72 -21.94
CA LYS A 687 10.01 -0.26 -20.91
C LYS A 687 10.46 -1.41 -20.02
N ILE A 688 9.53 -2.31 -19.68
CA ILE A 688 9.87 -3.51 -18.90
C ILE A 688 10.86 -4.38 -19.66
N LEU A 689 10.61 -4.58 -20.95
CA LEU A 689 11.48 -5.39 -21.78
C LEU A 689 12.87 -4.78 -21.93
N ASN A 690 12.94 -3.45 -22.09
CA ASN A 690 14.25 -2.79 -22.15
C ASN A 690 14.97 -2.86 -20.82
N LEU A 691 14.24 -2.70 -19.70
CA LEU A 691 14.85 -2.79 -18.38
C LEU A 691 15.41 -4.17 -18.10
N TYR A 692 14.74 -5.21 -18.61
CA TYR A 692 15.36 -6.54 -18.60
C TYR A 692 16.58 -6.59 -19.52
N SER A 693 16.50 -5.94 -20.68
CA SER A 693 17.56 -6.03 -21.67
C SER A 693 18.82 -5.24 -21.30
N GLN A 694 18.71 -4.29 -20.37
CA GLN A 694 19.86 -3.47 -19.99
C GLN A 694 20.58 -4.00 -18.76
N ASP A 695 20.42 -5.30 -18.45
CA ASP A 695 21.01 -5.96 -17.28
C ASP A 695 20.62 -5.25 -15.99
N ILE A 696 19.38 -4.79 -15.92
CA ILE A 696 18.87 -4.05 -14.76
C ILE A 696 17.77 -4.84 -14.06
N LEU A 697 16.81 -5.37 -14.81
CA LEU A 697 15.75 -6.17 -14.22
C LEU A 697 16.13 -7.64 -14.22
N ASP A 698 15.88 -8.31 -13.10
CA ASP A 698 16.11 -9.73 -12.98
C ASP A 698 15.07 -10.47 -13.82
N LEU A 699 15.42 -11.70 -14.22
CA LEU A 699 14.57 -12.46 -15.14
C LEU A 699 13.26 -12.87 -14.48
N ASP A 700 13.28 -13.15 -13.18
CA ASP A 700 12.06 -13.51 -12.46
C ASP A 700 11.10 -12.34 -12.40
N ASP A 701 11.64 -11.13 -12.19
CA ASP A 701 10.80 -9.93 -12.18
C ASP A 701 10.18 -9.67 -13.54
N LEU A 702 10.95 -9.88 -14.61
CA LEU A 702 10.41 -9.78 -15.96
C LEU A 702 9.30 -10.81 -16.18
N VAL A 703 9.50 -12.03 -15.67
CA VAL A 703 8.52 -13.10 -15.84
C VAL A 703 7.21 -12.74 -15.14
N GLU A 704 7.32 -12.22 -13.93
CA GLU A 704 6.12 -11.86 -13.18
C GLU A 704 5.42 -10.70 -13.86
N LYS A 705 6.18 -9.72 -14.33
CA LYS A 705 5.58 -8.57 -14.99
C LYS A 705 4.84 -8.98 -16.26
N VAL A 706 5.42 -9.88 -17.06
CA VAL A 706 4.72 -10.40 -18.23
C VAL A 706 3.52 -11.24 -17.82
N ASP A 707 3.62 -11.95 -16.69
CA ASP A 707 2.47 -12.70 -16.15
C ASP A 707 1.34 -11.75 -15.80
N PHE A 708 1.66 -10.60 -15.22
CA PHE A 708 0.64 -9.59 -14.99
C PHE A 708 0.16 -8.94 -16.28
N TYR A 709 0.98 -8.98 -17.34
CA TYR A 709 0.61 -8.40 -18.62
C TYR A 709 -0.20 -9.35 -19.50
N LEU A 710 0.25 -10.59 -19.65
CA LEU A 710 -0.39 -11.55 -20.55
C LEU A 710 -0.86 -12.79 -19.79
N GLY A 711 -1.50 -12.57 -18.64
CA GLY A 711 -1.96 -13.70 -17.83
C GLY A 711 -3.09 -14.49 -18.47
N SER A 712 -4.09 -13.78 -19.03
CA SER A 712 -5.24 -14.47 -19.59
C SER A 712 -4.90 -15.16 -20.90
N ASN A 713 -3.94 -14.62 -21.65
CA ASN A 713 -3.45 -15.29 -22.86
C ASN A 713 -2.50 -16.38 -22.41
N LYS A 714 -3.02 -17.57 -22.20
CA LYS A 714 -2.17 -18.64 -21.70
C LYS A 714 -1.17 -19.04 -22.76
N GLU A 715 -1.63 -19.25 -23.98
CA GLU A 715 -0.72 -19.73 -25.03
C GLU A 715 0.45 -18.77 -25.22
N LEU A 716 0.17 -17.46 -25.26
CA LEU A 716 1.22 -16.48 -25.49
C LEU A 716 2.20 -16.42 -24.32
N PHE A 717 1.67 -16.44 -23.09
CA PHE A 717 2.56 -16.44 -21.93
C PHE A 717 3.31 -17.75 -21.77
N THR A 718 2.71 -18.88 -22.12
CA THR A 718 3.43 -20.15 -22.12
C THR A 718 4.57 -20.15 -23.15
N TRP A 719 4.32 -19.60 -24.33
CA TRP A 719 5.36 -19.46 -25.35
C TRP A 719 6.48 -18.56 -24.85
N PHE A 720 6.12 -17.45 -24.20
CA PHE A 720 7.12 -16.54 -23.65
C PHE A 720 7.94 -17.23 -22.57
N LYS A 721 7.28 -18.03 -21.73
CA LYS A 721 7.97 -18.73 -20.64
C LYS A 721 8.95 -19.77 -21.16
N ASN A 722 8.55 -20.58 -22.14
CA ASN A 722 9.46 -21.60 -22.66
C ASN A 722 10.52 -21.03 -23.60
N PHE A 723 10.18 -20.01 -24.40
CA PHE A 723 11.15 -19.39 -25.30
C PHE A 723 12.17 -18.55 -24.55
N VAL A 724 11.76 -17.88 -23.48
CA VAL A 724 12.69 -17.17 -22.61
C VAL A 724 13.56 -18.14 -21.82
N GLY A 725 12.96 -19.20 -21.29
CA GLY A 725 13.72 -20.20 -20.55
C GLY A 725 13.63 -20.06 -19.05
N TYR A 726 12.42 -19.90 -18.53
CA TYR A 726 12.19 -19.83 -17.09
C TYR A 726 11.95 -21.22 -16.54
N GLN A 727 12.60 -21.53 -15.43
CA GLN A 727 12.40 -22.79 -14.71
C GLN A 727 11.84 -22.49 -13.33
N GLU A 728 10.75 -23.16 -12.97
CA GLU A 728 10.12 -22.95 -11.68
C GLU A 728 10.73 -23.85 -10.61
N CYS A 748 14.94 -15.30 -2.57
CA CYS A 748 14.27 -15.06 -1.29
C CYS A 748 14.29 -13.58 -0.94
N GLU A 749 14.54 -13.29 0.35
CA GLU A 749 14.63 -11.94 0.90
C GLU A 749 13.35 -11.13 0.63
N ALA A 750 12.20 -11.77 0.79
CA ALA A 750 10.91 -11.12 0.66
C ALA A 750 10.55 -10.53 2.02
N PHE A 751 10.94 -9.27 2.23
CA PHE A 751 10.79 -8.64 3.53
C PHE A 751 9.34 -8.23 3.82
N GLY A 752 8.58 -7.92 2.79
CA GLY A 752 7.24 -7.42 2.97
C GLY A 752 7.21 -5.90 3.01
N PRO A 753 6.02 -5.32 2.87
CA PRO A 753 5.93 -3.85 2.77
C PRO A 753 5.83 -3.13 4.10
N SER A 754 5.52 -3.83 5.20
CA SER A 754 5.20 -3.17 6.46
C SER A 754 6.26 -3.41 7.53
N TYR A 755 7.50 -3.64 7.13
CA TYR A 755 8.58 -3.83 8.10
C TYR A 755 9.86 -3.22 7.56
N LYS A 756 10.60 -2.61 8.49
CA LYS A 756 11.86 -2.00 8.16
C LYS A 756 12.88 -2.52 9.13
N ARG A 757 14.16 -2.38 8.83
CA ARG A 757 15.23 -2.90 9.69
C ARG A 757 15.89 -1.76 10.44
N LEU A 758 15.96 -1.89 11.76
CA LEU A 758 16.71 -0.97 12.60
C LEU A 758 18.20 -1.28 12.50
N PRO A 759 19.06 -0.29 12.76
CA PRO A 759 20.50 -0.56 12.86
C PRO A 759 20.82 -1.28 14.17
N LYS A 760 22.09 -1.66 14.30
CA LYS A 760 22.54 -2.35 15.50
C LYS A 760 22.65 -1.41 16.70
N SER A 761 22.65 -0.09 16.48
CA SER A 761 22.76 0.84 17.59
C SER A 761 21.46 0.90 18.40
N ASP A 762 20.32 0.95 17.72
CA ASP A 762 19.04 0.99 18.42
C ASP A 762 18.61 -0.36 18.97
N THR A 763 19.24 -1.44 18.52
CA THR A 763 18.91 -2.76 19.05
C THR A 763 19.38 -2.91 20.49
N PHE A 764 20.53 -2.33 20.83
CA PHE A 764 21.13 -2.48 22.15
C PHE A 764 20.35 -1.61 23.15
N MET A 765 19.21 -2.13 23.57
CA MET A 765 18.36 -1.50 24.57
C MET A 765 18.18 -2.52 25.68
N PRO A 766 18.58 -2.20 26.92
CA PRO A 766 18.64 -3.23 27.97
C PRO A 766 17.27 -3.71 28.40
N CYS A 767 17.03 -5.01 28.22
CA CYS A 767 15.88 -5.73 28.77
C CYS A 767 16.43 -6.67 29.82
N SER A 768 16.17 -6.36 31.09
CA SER A 768 16.85 -7.05 32.18
C SER A 768 16.37 -8.48 32.37
N GLY A 769 15.16 -8.79 31.91
CA GLY A 769 14.62 -10.12 32.10
C GLY A 769 15.00 -11.15 31.06
N ARG A 770 15.80 -10.78 30.07
CA ARG A 770 16.08 -11.66 28.94
C ARG A 770 17.31 -12.51 29.20
N ASP A 771 17.14 -13.82 29.13
CA ASP A 771 18.25 -14.76 29.09
C ASP A 771 18.59 -15.03 27.61
N ASP A 772 19.38 -16.08 27.37
CA ASP A 772 19.86 -16.37 26.02
C ASP A 772 18.72 -16.77 25.09
N MET A 773 17.70 -17.44 25.62
CA MET A 773 16.59 -17.90 24.78
C MET A 773 15.76 -16.73 24.26
N CYS A 774 15.45 -15.76 25.13
CA CYS A 774 14.71 -14.59 24.68
C CYS A 774 15.55 -13.72 23.74
N TRP A 775 16.86 -13.65 23.97
CA TRP A 775 17.72 -12.94 23.03
C TRP A 775 17.86 -13.67 21.71
N GLU A 776 17.59 -14.98 21.69
CA GLU A 776 17.69 -15.73 20.44
C GLU A 776 16.39 -15.68 19.64
N VAL A 777 15.23 -15.79 20.31
CA VAL A 777 13.97 -15.97 19.59
C VAL A 777 13.18 -14.68 19.37
N LEU A 778 13.56 -13.57 19.99
CA LEU A 778 12.83 -12.33 19.85
C LEU A 778 13.48 -11.45 18.78
N ASN A 779 12.64 -10.82 17.96
CA ASN A 779 13.10 -9.93 16.91
C ASN A 779 13.17 -8.51 17.45
N ASP A 780 14.35 -7.90 17.35
CA ASP A 780 14.57 -6.55 17.83
C ASP A 780 15.04 -5.59 16.74
N GLU A 781 15.31 -6.08 15.53
CA GLU A 781 15.80 -5.25 14.45
C GLU A 781 14.71 -4.86 13.46
N TRP A 782 13.76 -5.74 13.20
CA TRP A 782 12.68 -5.47 12.26
C TRP A 782 11.45 -5.02 13.03
N VAL A 783 10.95 -3.83 12.71
CA VAL A 783 9.84 -3.22 13.43
C VAL A 783 8.80 -2.72 12.43
N GLY A 784 7.60 -2.51 12.95
CA GLY A 784 6.53 -1.93 12.16
C GLY A 784 5.66 -1.06 13.04
N HIS A 785 5.03 -0.07 12.42
CA HIS A 785 4.20 0.88 13.15
C HIS A 785 2.94 1.16 12.34
N PRO A 786 1.84 1.49 13.01
CA PRO A 786 0.65 1.98 12.26
C PRO A 786 0.89 3.25 11.49
N VAL A 787 1.79 4.13 11.96
CA VAL A 787 2.07 5.36 11.25
C VAL A 787 2.80 5.08 9.94
N TRP A 788 3.76 4.15 9.97
CA TRP A 788 4.48 3.81 8.74
C TRP A 788 3.60 3.03 7.78
N ALA A 789 2.71 2.19 8.31
CA ALA A 789 1.80 1.42 7.46
C ALA A 789 0.70 2.29 6.85
N SER A 790 0.38 3.42 7.48
CA SER A 790 -0.63 4.33 6.94
C SER A 790 -0.08 5.22 5.84
N GLU A 791 1.24 5.19 5.61
CA GLU A 791 1.94 6.13 4.72
C GLU A 791 1.68 7.57 5.16
N ASP A 792 1.67 7.78 6.48
CA ASP A 792 1.44 9.08 7.13
C ASP A 792 0.13 9.72 6.68
N SER A 793 -0.92 8.91 6.59
CA SER A 793 -2.23 9.39 6.14
C SER A 793 -3.33 9.14 7.14
N GLY A 794 -3.34 8.00 7.81
CA GLY A 794 -4.33 7.71 8.84
C GLY A 794 -5.03 6.40 8.55
N PHE A 795 -6.13 6.18 9.28
CA PHE A 795 -6.92 4.96 9.15
C PHE A 795 -8.38 5.31 8.98
N ILE A 796 -9.14 4.36 8.43
CA ILE A 796 -10.56 4.53 8.16
C ILE A 796 -11.34 3.67 9.15
N ALA A 797 -12.12 4.32 10.00
CA ALA A 797 -12.98 3.59 10.93
C ALA A 797 -14.22 3.08 10.21
N HIS A 798 -14.79 2.00 10.75
CA HIS A 798 -15.99 1.43 10.15
C HIS A 798 -17.21 2.27 10.50
N ARG A 799 -18.05 2.52 9.51
CA ARG A 799 -19.24 3.33 9.71
C ARG A 799 -20.30 2.55 10.46
N LYS A 800 -20.95 3.23 11.40
CA LYS A 800 -21.97 2.62 12.26
C LYS A 800 -23.27 3.40 12.16
N ASN A 801 -24.37 2.72 12.44
CA ASN A 801 -25.68 3.37 12.48
C ASN A 801 -25.78 4.30 13.68
N GLN A 802 -26.74 5.22 13.62
CA GLN A 802 -27.04 6.03 14.80
C GLN A 802 -27.69 5.18 15.90
N TYR A 803 -28.39 4.11 15.52
CA TYR A 803 -28.88 3.15 16.50
C TYR A 803 -27.74 2.39 17.14
N GLU A 804 -26.73 2.03 16.35
CA GLU A 804 -25.54 1.40 16.92
C GLU A 804 -24.79 2.38 17.81
N GLU A 805 -24.74 3.66 17.43
CA GLU A 805 -24.07 4.66 18.26
C GLU A 805 -24.78 4.87 19.59
N THR A 806 -26.12 4.92 19.58
CA THR A 806 -26.81 5.08 20.87
C THR A 806 -26.79 3.78 21.67
N LEU A 807 -26.64 2.62 21.00
CA LEU A 807 -26.37 1.38 21.72
C LEU A 807 -25.02 1.43 22.41
N PHE A 808 -24.01 2.00 21.74
CA PHE A 808 -22.70 2.14 22.37
C PHE A 808 -22.75 3.14 23.52
N LYS A 809 -23.59 4.16 23.39
CA LYS A 809 -23.77 5.12 24.50
C LYS A 809 -24.45 4.46 25.70
N ILE A 810 -25.46 3.61 25.44
CA ILE A 810 -26.11 2.85 26.52
C ILE A 810 -25.11 1.93 27.19
N GLU A 811 -24.27 1.26 26.39
CA GLU A 811 -23.24 0.37 26.93
C GLU A 811 -22.21 1.17 27.73
N GLU A 812 -21.91 2.39 27.28
CA GLU A 812 -20.98 3.27 27.98
C GLU A 812 -21.51 3.64 29.35
N GLU A 813 -22.78 4.03 29.43
CA GLU A 813 -23.38 4.39 30.70
C GLU A 813 -23.52 3.17 31.62
N ARG A 814 -23.82 2.01 31.04
CA ARG A 814 -23.90 0.77 31.81
C ARG A 814 -22.55 0.42 32.44
N HIS A 815 -21.47 0.50 31.65
CA HIS A 815 -20.14 0.23 32.18
C HIS A 815 -19.75 1.27 33.22
N GLU A 816 -20.12 2.53 33.00
CA GLU A 816 -19.87 3.61 33.96
C GLU A 816 -20.46 3.28 35.33
N TYR A 817 -21.77 3.00 35.36
CA TYR A 817 -22.45 2.72 36.62
C TYR A 817 -21.95 1.43 37.25
N ASP A 818 -21.77 0.37 36.45
CA ASP A 818 -21.40 -0.92 37.02
C ASP A 818 -19.96 -0.93 37.51
N PHE A 819 -19.05 -0.25 36.80
CA PHE A 819 -17.66 -0.17 37.25
C PHE A 819 -17.57 0.58 38.57
N TYR A 820 -18.26 1.72 38.69
CA TYR A 820 -18.20 2.44 39.96
C TYR A 820 -18.85 1.65 41.09
N ILE A 821 -19.97 0.99 40.82
CA ILE A 821 -20.68 0.24 41.86
C ILE A 821 -19.85 -0.97 42.31
N GLU A 822 -19.24 -1.69 41.37
CA GLU A 822 -18.48 -2.88 41.74
C GLU A 822 -17.16 -2.52 42.42
N SER A 823 -16.52 -1.42 42.01
CA SER A 823 -15.34 -0.95 42.73
C SER A 823 -15.69 -0.55 44.16
N ASN A 824 -16.82 0.15 44.33
CA ASN A 824 -17.27 0.52 45.66
C ASN A 824 -17.62 -0.72 46.49
N LEU A 825 -18.20 -1.74 45.86
CA LEU A 825 -18.55 -2.96 46.57
C LEU A 825 -17.32 -3.73 47.02
N ARG A 826 -16.28 -3.79 46.18
CA ARG A 826 -15.03 -4.43 46.57
C ARG A 826 -14.38 -3.69 47.73
N THR A 827 -14.40 -2.35 47.68
CA THR A 827 -13.86 -1.57 48.79
C THR A 827 -14.68 -1.75 50.07
N ILE A 828 -16.01 -1.91 49.93
CA ILE A 828 -16.86 -2.19 51.08
C ILE A 828 -16.52 -3.55 51.68
N GLN A 829 -16.27 -4.55 50.83
CA GLN A 829 -15.91 -5.88 51.32
C GLN A 829 -14.58 -5.84 52.09
N CYS A 830 -13.58 -5.14 51.55
CA CYS A 830 -12.30 -5.02 52.25
C CYS A 830 -12.44 -4.24 53.55
N LEU A 831 -13.19 -3.13 53.52
CA LEU A 831 -13.37 -2.31 54.71
C LEU A 831 -14.17 -3.02 55.78
N GLU A 832 -15.17 -3.82 55.40
CA GLU A 832 -15.93 -4.57 56.39
C GLU A 832 -15.15 -5.75 56.93
N THR A 833 -14.22 -6.31 56.14
CA THR A 833 -13.29 -7.29 56.68
C THR A 833 -12.41 -6.66 57.75
N ILE A 834 -11.89 -5.46 57.48
CA ILE A 834 -11.10 -4.73 58.46
C ILE A 834 -11.94 -4.39 59.70
N VAL A 835 -13.21 -4.02 59.48
CA VAL A 835 -14.08 -3.61 60.58
C VAL A 835 -14.42 -4.79 61.49
N ASN A 836 -14.75 -5.95 60.91
CA ASN A 836 -15.03 -7.10 61.76
C ASN A 836 -13.75 -7.69 62.37
N LYS A 837 -12.59 -7.42 61.77
CA LYS A 837 -11.34 -7.76 62.43
C LYS A 837 -11.10 -6.86 63.64
N ILE A 838 -11.46 -5.58 63.53
CA ILE A 838 -11.16 -4.62 64.59
C ILE A 838 -12.26 -4.57 65.66
N GLU A 839 -13.43 -5.15 65.41
CA GLU A 839 -14.52 -5.05 66.38
C GLU A 839 -14.28 -5.96 67.58
N ASN A 840 -13.80 -7.18 67.35
CA ASN A 840 -13.65 -8.16 68.43
C ASN A 840 -12.25 -8.11 69.04
N MET A 841 -11.79 -6.90 69.32
CA MET A 841 -10.49 -6.73 69.97
C MET A 841 -10.67 -5.54 70.90
N THR A 842 -9.74 -5.33 71.83
CA THR A 842 -9.91 -4.28 72.82
C THR A 842 -9.13 -3.03 72.43
N GLU A 843 -9.20 -2.01 73.28
CA GLU A 843 -8.73 -0.68 72.94
C GLU A 843 -7.28 -0.42 73.34
N ASN A 844 -6.64 -1.33 74.07
CA ASN A 844 -5.27 -1.07 74.52
C ASN A 844 -4.25 -1.19 73.40
N GLU A 845 -4.54 -2.00 72.37
CA GLU A 845 -3.69 -2.08 71.20
C GLU A 845 -4.37 -1.55 69.93
N LYS A 846 -5.59 -1.03 70.07
CA LYS A 846 -6.26 -0.38 68.94
C LYS A 846 -5.67 0.99 68.63
N ALA A 847 -4.90 1.57 69.55
CA ALA A 847 -4.32 2.89 69.30
C ALA A 847 -3.16 2.82 68.33
N ASN A 848 -2.31 1.81 68.45
CA ASN A 848 -1.13 1.67 67.60
C ASN A 848 -1.33 0.65 66.48
N PHE A 849 -2.55 0.19 66.26
CA PHE A 849 -2.81 -0.72 65.15
C PHE A 849 -2.79 0.06 63.83
N LYS A 850 -2.03 -0.42 62.87
CA LYS A 850 -1.89 0.23 61.57
C LYS A 850 -2.34 -0.72 60.47
N LEU A 851 -2.40 -0.18 59.25
CA LEU A 851 -2.78 -0.95 58.07
C LEU A 851 -1.74 -0.73 56.98
N PRO A 852 -1.30 -1.80 56.30
CA PRO A 852 -0.34 -1.63 55.21
C PRO A 852 -1.01 -1.04 53.98
N PRO A 853 -0.24 -0.50 53.04
CA PRO A 853 -0.81 -0.08 51.76
C PRO A 853 -1.50 -1.24 51.05
N GLY A 854 -2.67 -0.96 50.48
CA GLY A 854 -3.51 -1.99 49.91
C GLY A 854 -4.46 -2.66 50.87
N LEU A 855 -4.34 -2.37 52.17
CA LEU A 855 -5.23 -2.85 53.23
C LEU A 855 -5.28 -4.38 53.27
N GLY A 856 -4.15 -5.03 53.00
CA GLY A 856 -4.10 -6.47 53.02
C GLY A 856 -4.77 -7.15 51.84
N HIS A 857 -5.07 -6.39 50.78
CA HIS A 857 -5.70 -6.93 49.59
C HIS A 857 -4.68 -7.08 48.48
N THR A 858 -5.13 -7.67 47.37
CA THR A 858 -4.25 -7.91 46.23
C THR A 858 -4.07 -6.67 45.36
N SER A 859 -4.80 -5.60 45.63
CA SER A 859 -4.73 -4.38 44.83
C SER A 859 -4.19 -3.22 45.66
N MET A 860 -3.48 -2.31 44.99
CA MET A 860 -2.87 -1.17 45.64
C MET A 860 -3.62 0.14 45.39
N THR A 861 -4.56 0.17 44.44
CA THR A 861 -5.10 1.43 43.95
C THR A 861 -6.62 1.48 43.85
N ILE A 862 -7.33 0.35 43.94
CA ILE A 862 -8.78 0.33 43.75
C ILE A 862 -9.47 1.09 44.87
N TYR A 863 -9.09 0.83 46.12
CA TYR A 863 -9.61 1.58 47.26
C TYR A 863 -9.20 3.04 47.19
N LYS A 864 -8.03 3.34 46.62
CA LYS A 864 -7.62 4.72 46.41
C LYS A 864 -8.54 5.42 45.41
N LYS A 865 -8.92 4.73 44.33
CA LYS A 865 -9.85 5.29 43.36
C LYS A 865 -11.21 5.55 44.00
N VAL A 866 -11.70 4.60 44.79
CA VAL A 866 -13.01 4.73 45.42
C VAL A 866 -13.01 5.88 46.42
N ILE A 867 -11.95 5.98 47.23
CA ILE A 867 -11.83 7.06 48.21
C ILE A 867 -11.73 8.41 47.51
N ARG A 868 -10.90 8.52 46.46
CA ARG A 868 -10.73 9.77 45.75
C ARG A 868 -11.99 10.19 44.98
N LYS A 869 -12.84 9.24 44.61
CA LYS A 869 -14.10 9.62 43.97
C LYS A 869 -15.15 10.03 44.99
N VAL A 870 -15.33 9.23 46.04
CA VAL A 870 -16.43 9.46 46.97
C VAL A 870 -16.20 10.72 47.79
N TYR A 871 -15.01 10.89 48.33
CA TYR A 871 -14.69 12.08 49.10
C TYR A 871 -14.15 13.16 48.17
N ASP A 872 -13.65 14.25 48.75
CA ASP A 872 -13.13 15.35 47.95
C ASP A 872 -11.78 14.98 47.33
N LYS A 873 -11.40 15.76 46.31
CA LYS A 873 -10.13 15.51 45.62
C LYS A 873 -8.94 15.78 46.52
N GLU A 874 -8.93 16.94 47.19
CA GLU A 874 -7.84 17.27 48.08
C GLU A 874 -7.90 16.50 49.39
N ARG A 875 -9.09 16.14 49.84
CA ARG A 875 -9.27 15.43 51.11
C ARG A 875 -9.20 13.92 50.96
N GLY A 876 -9.25 13.39 49.74
CA GLY A 876 -9.16 11.94 49.56
C GLY A 876 -7.80 11.40 49.93
N PHE A 877 -6.73 12.13 49.58
CA PHE A 877 -5.38 11.72 49.94
C PHE A 877 -5.19 11.71 51.45
N GLU A 878 -5.68 12.74 52.14
CA GLU A 878 -5.51 12.79 53.59
C GLU A 878 -6.43 11.80 54.29
N ILE A 879 -7.51 11.39 53.66
CA ILE A 879 -8.32 10.35 54.25
C ILE A 879 -7.54 9.04 54.10
N ILE A 880 -6.93 8.84 52.94
CA ILE A 880 -6.12 7.64 52.74
C ILE A 880 -5.00 7.56 53.79
N ASP A 881 -4.33 8.69 54.05
CA ASP A 881 -3.28 8.70 55.06
C ASP A 881 -3.85 8.47 56.47
N ALA A 882 -5.03 9.02 56.76
CA ALA A 882 -5.66 8.77 58.05
C ALA A 882 -6.10 7.32 58.20
N LEU A 883 -6.50 6.68 57.09
CA LEU A 883 -6.86 5.28 57.13
C LEU A 883 -5.63 4.39 57.32
N HIS A 884 -4.50 4.78 56.72
CA HIS A 884 -3.30 3.97 56.86
C HIS A 884 -2.68 4.12 58.24
N GLU A 885 -2.64 5.34 58.78
CA GLU A 885 -2.06 5.56 60.10
C GLU A 885 -3.02 5.17 61.22
N HIS A 886 -4.27 5.64 61.17
CA HIS A 886 -5.24 5.41 62.24
C HIS A 886 -6.52 4.82 61.65
N PRO A 887 -6.52 3.51 61.34
CA PRO A 887 -7.72 2.90 60.78
C PRO A 887 -8.84 2.71 61.78
N ALA A 888 -8.55 2.76 63.10
CA ALA A 888 -9.53 2.40 64.12
C ALA A 888 -10.71 3.37 64.14
N VAL A 889 -10.44 4.66 63.96
CA VAL A 889 -11.51 5.64 63.96
C VAL A 889 -12.01 5.94 62.55
N THR A 890 -11.12 5.94 61.56
CA THR A 890 -11.50 6.32 60.20
C THR A 890 -12.24 5.22 59.45
N ALA A 891 -11.93 3.94 59.73
CA ALA A 891 -12.51 2.84 58.97
C ALA A 891 -14.03 2.70 59.09
N PRO A 892 -14.67 2.79 60.27
CA PRO A 892 -16.14 2.58 60.28
C PRO A 892 -16.93 3.68 59.60
N VAL A 893 -16.51 4.95 59.74
CA VAL A 893 -17.25 6.03 59.07
C VAL A 893 -17.03 5.97 57.56
N VAL A 894 -15.84 5.51 57.12
CA VAL A 894 -15.59 5.33 55.70
C VAL A 894 -16.46 4.20 55.15
N LEU A 895 -16.58 3.11 55.90
CA LEU A 895 -17.43 1.99 55.50
C LEU A 895 -18.90 2.40 55.44
N LYS A 896 -19.35 3.20 56.41
CA LYS A 896 -20.74 3.68 56.42
C LYS A 896 -21.03 4.60 55.23
N ARG A 897 -20.12 5.52 54.94
CA ARG A 897 -20.33 6.36 53.78
C ARG A 897 -20.37 5.52 52.54
N LEU A 898 -19.37 4.66 52.37
CA LEU A 898 -19.31 3.85 51.16
C LEU A 898 -20.57 3.01 50.99
N LYS A 899 -21.13 2.49 52.09
CA LYS A 899 -22.35 1.69 51.99
C LYS A 899 -23.55 2.56 51.60
N GLN A 900 -23.63 3.77 52.15
CA GLN A 900 -24.70 4.70 51.76
C GLN A 900 -24.58 5.08 50.28
N LYS A 901 -23.35 5.37 49.83
CA LYS A 901 -23.12 5.68 48.43
C LYS A 901 -23.43 4.49 47.54
N ASP A 902 -23.13 3.28 48.02
CA ASP A 902 -23.41 2.06 47.26
C ASP A 902 -24.91 1.85 47.07
N GLU A 903 -25.68 1.97 48.16
CA GLU A 903 -27.12 1.73 48.01
C GLU A 903 -27.80 2.83 47.20
N GLU A 904 -27.33 4.08 47.32
CA GLU A 904 -27.89 5.14 46.49
C GLU A 904 -27.53 4.95 45.02
N TRP A 905 -26.29 4.53 44.74
CA TRP A 905 -25.88 4.26 43.37
C TRP A 905 -26.62 3.07 42.78
N ARG A 906 -26.91 2.05 43.59
CA ARG A 906 -27.64 0.90 43.07
C ARG A 906 -29.10 1.23 42.80
N ARG A 907 -29.71 2.08 43.63
CA ARG A 907 -31.08 2.52 43.34
C ARG A 907 -31.13 3.34 42.05
N ALA A 908 -30.18 4.27 41.89
CA ALA A 908 -30.09 5.04 40.66
C ALA A 908 -29.78 4.15 39.46
N GLN A 909 -28.97 3.12 39.66
CA GLN A 909 -28.62 2.21 38.58
C GLN A 909 -29.81 1.36 38.15
N ARG A 910 -30.65 0.93 39.10
CA ARG A 910 -31.82 0.14 38.74
C ARG A 910 -32.85 0.99 37.98
N GLU A 911 -33.11 2.21 38.46
CA GLU A 911 -34.13 3.00 37.78
C GLU A 911 -33.55 3.72 36.57
N TRP A 912 -32.22 3.63 36.38
CA TRP A 912 -31.60 3.88 35.08
C TRP A 912 -31.69 2.65 34.17
N ASN A 913 -31.62 1.45 34.76
CA ASN A 913 -31.61 0.22 34.00
C ASN A 913 -32.95 -0.02 33.33
N LYS A 914 -34.02 0.47 33.95
CA LYS A 914 -35.33 0.48 33.28
C LYS A 914 -35.27 1.23 31.96
N VAL A 915 -34.71 2.46 32.00
CA VAL A 915 -34.60 3.30 30.81
C VAL A 915 -33.69 2.65 29.77
N TRP A 916 -32.56 2.10 30.21
CA TRP A 916 -31.62 1.45 29.31
C TRP A 916 -32.23 0.23 28.63
N ARG A 917 -33.00 -0.56 29.38
CA ARG A 917 -33.66 -1.73 28.80
C ARG A 917 -34.71 -1.34 27.78
N GLU A 918 -35.51 -0.31 28.08
CA GLU A 918 -36.53 0.10 27.10
C GLU A 918 -35.89 0.68 25.84
N LEU A 919 -34.82 1.47 25.99
CA LEU A 919 -34.15 2.02 24.82
C LEU A 919 -33.44 0.93 24.02
N GLU A 920 -32.91 -0.09 24.70
CA GLU A 920 -32.30 -1.22 24.02
C GLU A 920 -33.34 -2.00 23.22
N GLN A 921 -34.52 -2.22 23.81
CA GLN A 921 -35.61 -2.89 23.08
C GLN A 921 -36.06 -2.05 21.89
N LYS A 922 -36.01 -0.72 22.01
CA LYS A 922 -36.39 0.14 20.90
C LYS A 922 -35.34 0.17 19.79
N VAL A 923 -34.07 -0.02 20.12
CA VAL A 923 -32.97 0.34 19.25
C VAL A 923 -32.30 -0.88 18.61
N PHE A 924 -32.21 -2.00 19.35
CA PHE A 924 -31.23 -3.05 19.07
C PHE A 924 -31.43 -3.70 17.70
N PHE A 925 -32.68 -4.02 17.35
CA PHE A 925 -32.91 -4.71 16.09
C PHE A 925 -32.72 -3.79 14.90
N LYS A 926 -32.99 -2.49 15.05
CA LYS A 926 -32.66 -1.54 14.01
C LYS A 926 -31.15 -1.37 13.88
N SER A 927 -30.43 -1.46 15.00
CA SER A 927 -28.98 -1.33 14.97
C SER A 927 -28.33 -2.50 14.24
N LEU A 928 -28.85 -3.70 14.45
CA LEU A 928 -28.30 -4.88 13.78
C LEU A 928 -28.66 -4.95 12.31
N ASP A 929 -29.61 -4.15 11.86
CA ASP A 929 -29.98 -4.11 10.44
C ASP A 929 -29.06 -3.11 9.74
N HIS A 930 -28.28 -3.60 8.79
CA HIS A 930 -27.30 -2.78 8.08
C HIS A 930 -27.75 -2.43 6.66
N LEU A 931 -28.06 -3.42 5.84
CA LEU A 931 -28.56 -3.14 4.50
C LEU A 931 -30.01 -2.69 4.52
N GLY A 932 -30.79 -3.16 5.50
CA GLY A 932 -32.20 -2.79 5.56
C GLY A 932 -32.45 -1.37 6.01
N LEU A 933 -31.48 -0.75 6.69
CA LEU A 933 -31.65 0.64 7.09
C LEU A 933 -31.59 1.58 5.90
N THR A 934 -30.81 1.23 4.88
CA THR A 934 -30.70 2.04 3.67
C THR A 934 -31.30 1.34 2.45
N PHE A 935 -32.14 0.33 2.67
CA PHE A 935 -32.68 -0.43 1.54
C PHE A 935 -33.74 0.35 0.80
N LYS A 936 -34.41 1.30 1.45
CA LYS A 936 -35.47 2.06 0.77
C LYS A 936 -34.88 2.98 -0.29
N GLN A 937 -33.85 3.76 0.08
CA GLN A 937 -33.20 4.63 -0.89
C GLN A 937 -32.44 3.84 -1.95
N ALA A 938 -31.82 2.73 -1.55
CA ALA A 938 -31.11 1.89 -2.52
C ALA A 938 -32.06 1.24 -3.50
N ASP A 939 -33.24 0.82 -3.05
CA ASP A 939 -34.22 0.23 -3.95
C ASP A 939 -34.86 1.29 -4.84
N LYS A 940 -35.01 2.53 -4.34
CA LYS A 940 -35.47 3.61 -5.18
C LYS A 940 -34.45 3.93 -6.27
N LYS A 941 -33.16 3.95 -5.91
CA LYS A 941 -32.12 4.34 -6.85
C LYS A 941 -31.80 3.25 -7.86
N LEU A 942 -31.76 1.99 -7.42
CA LEU A 942 -31.20 0.92 -8.25
C LEU A 942 -32.25 0.07 -8.95
N LEU A 943 -33.51 0.12 -8.54
CA LEU A 943 -34.56 -0.60 -9.27
C LEU A 943 -35.26 0.33 -10.25
N THR A 944 -34.45 0.91 -11.14
CA THR A 944 -34.91 1.80 -12.19
C THR A 944 -34.71 1.13 -13.54
N THR A 945 -35.09 1.85 -14.60
CA THR A 945 -34.88 1.34 -15.95
C THR A 945 -33.41 1.30 -16.31
N LYS A 946 -32.66 2.35 -15.93
CA LYS A 946 -31.27 2.48 -16.35
C LYS A 946 -30.39 1.38 -15.77
N GLN A 947 -30.58 1.06 -14.49
CA GLN A 947 -29.75 0.02 -13.86
C GLN A 947 -30.10 -1.36 -14.39
N LEU A 948 -31.38 -1.62 -14.66
CA LEU A 948 -31.77 -2.91 -15.21
C LEU A 948 -31.29 -3.09 -16.65
N ILE A 949 -31.21 -2.00 -17.42
CA ILE A 949 -30.57 -2.06 -18.73
C ILE A 949 -29.07 -2.26 -18.56
N SER A 950 -28.47 -1.61 -17.55
CA SER A 950 -27.03 -1.69 -17.34
C SER A 950 -26.58 -3.10 -17.00
N GLU A 951 -27.36 -3.81 -16.18
CA GLU A 951 -27.00 -5.18 -15.79
C GLU A 951 -26.99 -6.11 -16.99
N ILE A 952 -28.06 -6.09 -17.80
CA ILE A 952 -28.17 -6.98 -18.94
C ILE A 952 -27.13 -6.61 -20.00
N SER A 953 -26.84 -5.31 -20.17
CA SER A 953 -25.83 -4.90 -21.14
C SER A 953 -24.43 -5.26 -20.67
N SER A 954 -24.18 -5.21 -19.35
CA SER A 954 -22.88 -5.62 -18.83
C SER A 954 -22.66 -7.12 -19.00
N ILE A 955 -23.71 -7.92 -18.80
CA ILE A 955 -23.57 -9.36 -18.99
C ILE A 955 -23.34 -9.67 -20.47
N LYS A 956 -24.05 -8.98 -21.37
CA LYS A 956 -23.82 -9.16 -22.80
C LYS A 956 -22.41 -8.73 -23.21
N VAL A 957 -21.93 -7.63 -22.63
CA VAL A 957 -20.58 -7.14 -22.91
C VAL A 957 -19.53 -8.14 -22.44
N ASP A 958 -19.74 -8.73 -21.25
CA ASP A 958 -18.84 -9.75 -20.74
C ASP A 958 -18.81 -10.97 -21.65
N GLN A 959 -19.98 -11.41 -22.12
CA GLN A 959 -20.04 -12.59 -22.99
C GLN A 959 -19.39 -12.31 -24.34
N THR A 960 -19.59 -11.12 -24.89
CA THR A 960 -18.96 -10.79 -26.17
C THR A 960 -17.45 -10.59 -26.01
N ASN A 961 -17.01 -10.10 -24.86
CA ASN A 961 -15.58 -9.91 -24.63
C ASN A 961 -14.88 -11.25 -24.45
N LYS A 962 -15.51 -12.20 -23.76
CA LYS A 962 -14.92 -13.51 -23.56
C LYS A 962 -15.23 -14.48 -24.71
N LYS A 963 -16.04 -14.07 -25.67
CA LYS A 963 -16.32 -14.94 -26.82
C LYS A 963 -15.12 -15.03 -27.75
N ILE A 964 -14.40 -13.93 -27.93
CA ILE A 964 -13.27 -13.91 -28.86
C ILE A 964 -12.06 -14.64 -28.28
N HIS A 965 -12.03 -14.90 -26.98
CA HIS A 965 -10.91 -15.60 -26.37
C HIS A 965 -11.13 -17.11 -26.34
N TRP A 966 -12.30 -17.55 -25.87
CA TRP A 966 -12.65 -18.96 -25.86
C TRP A 966 -14.18 -19.05 -25.93
N LEU A 967 -14.70 -20.26 -25.71
CA LEU A 967 -16.13 -20.58 -25.72
C LEU A 967 -16.76 -20.21 -27.08
N THR A 968 -16.31 -20.94 -28.10
CA THR A 968 -16.89 -20.80 -29.43
C THR A 968 -18.40 -21.04 -29.48
N PRO A 969 -19.00 -22.03 -28.77
CA PRO A 969 -20.47 -22.02 -28.66
C PRO A 969 -20.96 -20.90 -27.75
N LYS A 970 -21.07 -19.70 -28.31
CA LYS A 970 -21.55 -18.54 -27.56
C LYS A 970 -23.00 -18.76 -27.15
N PRO A 971 -23.35 -18.55 -25.88
CA PRO A 971 -24.72 -18.80 -25.43
C PRO A 971 -25.71 -17.81 -26.03
N LYS A 972 -26.93 -18.32 -26.26
CA LYS A 972 -28.03 -17.51 -26.77
C LYS A 972 -28.87 -16.90 -25.66
N SER A 973 -28.27 -16.67 -24.49
CA SER A 973 -28.96 -16.10 -23.35
C SER A 973 -27.94 -15.43 -22.44
N GLN A 974 -28.40 -14.41 -21.70
CA GLN A 974 -27.56 -13.68 -20.77
C GLN A 974 -28.03 -13.81 -19.33
N LEU A 975 -29.31 -13.53 -19.07
CA LEU A 975 -29.88 -13.65 -17.74
C LEU A 975 -30.70 -14.92 -17.63
N ASP A 976 -30.62 -15.58 -16.48
CA ASP A 976 -31.35 -16.82 -16.24
C ASP A 976 -32.18 -16.65 -14.98
N PHE A 977 -33.47 -16.99 -15.06
CA PHE A 977 -34.39 -16.90 -13.94
C PHE A 977 -35.04 -18.26 -13.73
N ASP A 978 -35.10 -18.69 -12.48
CA ASP A 978 -35.75 -19.93 -12.18
C ASP A 978 -37.04 -19.65 -11.45
N PHE A 979 -38.04 -20.45 -11.71
CA PHE A 979 -39.36 -20.30 -11.09
C PHE A 979 -39.81 -21.65 -10.57
N PRO A 980 -39.31 -22.06 -9.39
CA PRO A 980 -39.65 -23.38 -8.87
C PRO A 980 -41.01 -23.47 -8.21
N ASP A 981 -41.56 -22.35 -7.73
CA ASP A 981 -42.82 -22.35 -7.01
C ASP A 981 -43.86 -21.53 -7.77
N LYS A 982 -45.09 -22.04 -7.82
CA LYS A 982 -46.17 -21.40 -8.54
C LYS A 982 -47.15 -20.65 -7.64
N ASN A 983 -47.15 -20.92 -6.34
CA ASN A 983 -48.03 -20.19 -5.43
C ASN A 983 -47.57 -18.74 -5.25
N ILE A 984 -46.28 -18.49 -5.50
CA ILE A 984 -45.75 -17.13 -5.40
C ILE A 984 -46.39 -16.22 -6.43
N PHE A 985 -46.71 -16.75 -7.61
CA PHE A 985 -47.43 -15.96 -8.62
C PHE A 985 -48.79 -15.50 -8.09
N TYR A 986 -49.51 -16.41 -7.41
CA TYR A 986 -50.78 -16.03 -6.80
C TYR A 986 -50.59 -15.01 -5.69
N ASP A 987 -49.50 -15.11 -4.93
CA ASP A 987 -49.22 -14.11 -3.90
C ASP A 987 -48.96 -12.73 -4.51
N ILE A 988 -48.19 -12.67 -5.59
CA ILE A 988 -47.92 -11.39 -6.25
C ILE A 988 -49.20 -10.84 -6.87
N LEU A 989 -50.04 -11.71 -7.41
CA LEU A 989 -51.33 -11.26 -7.96
C LEU A 989 -52.23 -10.71 -6.86
N CYS A 990 -52.24 -11.36 -5.69
CA CYS A 990 -53.03 -10.87 -4.56
C CYS A 990 -52.53 -9.52 -4.09
N LEU A 991 -51.21 -9.34 -4.02
CA LEU A 991 -50.65 -8.03 -3.67
C LEU A 991 -51.00 -6.97 -4.69
N ALA A 992 -50.98 -7.34 -5.98
CA ALA A 992 -51.33 -6.40 -7.04
C ALA A 992 -52.77 -5.95 -6.95
N ASP A 993 -53.70 -6.89 -6.74
CA ASP A 993 -55.11 -6.52 -6.61
C ASP A 993 -55.36 -5.75 -5.31
N THR A 994 -54.58 -6.04 -4.25
CA THR A 994 -54.69 -5.24 -3.04
C THR A 994 -54.28 -3.79 -3.28
N PHE A 995 -53.20 -3.60 -4.02
CA PHE A 995 -52.79 -2.23 -4.37
C PHE A 995 -53.80 -1.56 -5.29
N ILE A 996 -54.40 -2.33 -6.20
CA ILE A 996 -55.38 -1.78 -7.12
C ILE A 996 -56.63 -1.32 -6.37
N THR A 997 -57.11 -2.13 -5.43
CA THR A 997 -58.26 -1.74 -4.63
C THR A 997 -57.92 -0.57 -3.72
N HIS A 998 -56.70 -0.52 -3.19
CA HIS A 998 -56.35 0.54 -2.25
C HIS A 998 -56.14 1.89 -2.95
N THR A 999 -55.56 1.89 -4.15
CA THR A 999 -55.11 3.14 -4.77
C THR A 999 -56.29 3.99 -5.23
N THR A 1000 -56.01 5.29 -5.39
CA THR A 1000 -57.02 6.25 -5.81
C THR A 1000 -56.65 7.05 -7.04
N ALA A 1001 -55.40 6.99 -7.50
CA ALA A 1001 -54.97 7.78 -8.64
C ALA A 1001 -55.40 7.18 -9.98
N TYR A 1002 -55.95 5.98 -9.98
CA TYR A 1002 -56.34 5.30 -11.22
C TYR A 1002 -57.86 5.15 -11.27
N SER A 1003 -58.42 5.22 -12.47
CA SER A 1003 -59.85 5.05 -12.64
C SER A 1003 -60.23 3.57 -12.52
N ASN A 1004 -61.50 3.34 -12.18
CA ASN A 1004 -61.99 1.97 -12.02
C ASN A 1004 -61.95 1.12 -13.30
N PRO A 1005 -62.32 1.62 -14.49
CA PRO A 1005 -62.02 0.83 -15.70
C PRO A 1005 -60.55 0.55 -15.89
N ASP A 1006 -59.68 1.51 -15.58
CA ASP A 1006 -58.24 1.26 -15.63
C ASP A 1006 -57.83 0.23 -14.57
N LYS A 1007 -58.51 0.23 -13.43
CA LYS A 1007 -58.22 -0.74 -12.38
C LYS A 1007 -58.56 -2.16 -12.82
N GLU A 1008 -59.74 -2.35 -13.43
CA GLU A 1008 -60.09 -3.70 -13.87
C GLU A 1008 -59.30 -4.12 -15.10
N ARG A 1009 -58.88 -3.16 -15.94
CA ARG A 1009 -57.98 -3.48 -17.04
C ARG A 1009 -56.61 -3.91 -16.52
N LEU A 1010 -56.12 -3.27 -15.46
CA LEU A 1010 -54.90 -3.75 -14.80
C LEU A 1010 -55.06 -5.15 -14.24
N LYS A 1011 -56.20 -5.41 -13.59
CA LYS A 1011 -56.44 -6.72 -12.98
C LYS A 1011 -56.44 -7.83 -14.03
N ASP A 1012 -57.27 -7.70 -15.07
CA ASP A 1012 -57.32 -8.79 -16.04
C ASP A 1012 -56.13 -8.79 -16.99
N LEU A 1013 -55.43 -7.67 -17.15
CA LEU A 1013 -54.19 -7.66 -17.92
C LEU A 1013 -53.10 -8.44 -17.20
N LEU A 1014 -52.94 -8.20 -15.90
CA LEU A 1014 -51.97 -8.96 -15.12
C LEU A 1014 -52.32 -10.45 -15.08
N LYS A 1015 -53.61 -10.75 -14.88
CA LYS A 1015 -54.04 -12.16 -14.86
C LYS A 1015 -53.82 -12.84 -16.19
N TYR A 1016 -54.14 -12.14 -17.30
CA TYR A 1016 -53.96 -12.69 -18.63
C TYR A 1016 -52.48 -12.91 -18.95
N PHE A 1017 -51.62 -11.94 -18.59
CA PHE A 1017 -50.20 -12.08 -18.86
C PHE A 1017 -49.59 -13.22 -18.07
N ILE A 1018 -49.98 -13.38 -16.80
CA ILE A 1018 -49.44 -14.47 -15.99
C ILE A 1018 -49.96 -15.82 -16.48
N SER A 1019 -51.24 -15.87 -16.87
CA SER A 1019 -51.80 -17.12 -17.36
C SER A 1019 -51.22 -17.52 -18.71
N LEU A 1020 -50.88 -16.54 -19.55
CA LEU A 1020 -50.40 -16.83 -20.89
C LEU A 1020 -48.90 -17.08 -20.95
N PHE A 1021 -48.12 -16.35 -20.14
CA PHE A 1021 -46.67 -16.52 -20.17
C PHE A 1021 -46.25 -17.85 -19.56
N PHE A 1022 -46.84 -18.20 -18.42
CA PHE A 1022 -46.46 -19.40 -17.70
C PHE A 1022 -47.49 -20.50 -17.95
N SER A 1023 -47.32 -21.63 -17.25
CA SER A 1023 -48.17 -22.80 -17.45
C SER A 1023 -49.46 -22.76 -16.65
N ILE A 1024 -49.64 -21.75 -15.78
CA ILE A 1024 -50.85 -21.66 -14.97
C ILE A 1024 -52.02 -21.24 -15.84
N SER A 1025 -53.14 -21.94 -15.70
CA SER A 1025 -54.36 -21.60 -16.41
C SER A 1025 -55.12 -20.52 -15.66
N PHE A 1026 -56.12 -19.95 -16.34
CA PHE A 1026 -56.97 -18.92 -15.72
C PHE A 1026 -57.84 -19.52 -14.63
N GLU A 1027 -58.23 -20.79 -14.77
CA GLU A 1027 -59.03 -21.46 -13.75
C GLU A 1027 -58.26 -21.58 -12.44
N LYS A 1028 -56.98 -21.94 -12.53
CA LYS A 1028 -56.15 -22.04 -11.32
C LYS A 1028 -55.93 -20.68 -10.67
N ILE A 1029 -55.77 -19.63 -11.49
CA ILE A 1029 -55.61 -18.28 -10.96
C ILE A 1029 -56.88 -17.83 -10.24
N GLU A 1030 -58.05 -18.09 -10.84
CA GLU A 1030 -59.31 -17.69 -10.22
C GLU A 1030 -59.60 -18.49 -8.96
N GLU A 1031 -59.29 -19.78 -8.96
CA GLU A 1031 -59.54 -20.62 -7.79
C GLU A 1031 -58.51 -20.42 -6.69
N SER A 1032 -57.34 -19.87 -7.01
CA SER A 1032 -56.32 -19.62 -6.01
C SER A 1032 -56.31 -18.17 -5.53
N LEU A 1033 -57.25 -17.35 -5.98
CA LEU A 1033 -57.28 -15.94 -5.61
C LEU A 1033 -58.71 -15.40 -5.65
N GLY A 1128 -38.52 -28.08 -41.53
CA GLY A 1128 -38.09 -27.46 -40.29
C GLY A 1128 -39.25 -27.01 -39.41
N ILE A 1129 -40.33 -27.79 -39.42
CA ILE A 1129 -41.51 -27.48 -38.62
C ILE A 1129 -41.33 -28.05 -37.22
N ILE A 1130 -41.52 -27.21 -36.20
CA ILE A 1130 -41.36 -27.61 -34.81
C ILE A 1130 -42.77 -27.77 -34.24
N GLN A 1131 -43.24 -29.01 -34.19
CA GLN A 1131 -44.55 -29.30 -33.63
C GLN A 1131 -44.46 -29.52 -32.12
N ASN A 1132 -45.61 -29.33 -31.46
CA ASN A 1132 -45.81 -29.37 -30.00
C ASN A 1132 -44.65 -28.73 -29.24
N ARG A 1133 -44.42 -27.45 -29.55
CA ARG A 1133 -43.29 -26.72 -29.02
C ARG A 1133 -43.42 -26.48 -27.52
N SER A 1134 -42.28 -26.46 -26.84
CA SER A 1134 -42.20 -26.19 -25.42
C SER A 1134 -41.43 -24.91 -25.10
N ILE A 1135 -40.61 -24.42 -26.02
CA ILE A 1135 -39.85 -23.18 -25.86
C ILE A 1135 -40.60 -22.08 -26.58
N PHE A 1136 -40.97 -21.03 -25.86
CA PHE A 1136 -41.75 -19.93 -26.41
C PHE A 1136 -40.96 -18.63 -26.24
N ASN A 1137 -40.83 -17.89 -27.34
CA ASN A 1137 -40.03 -16.67 -27.36
C ASN A 1137 -40.96 -15.45 -27.35
N LEU A 1138 -40.65 -14.50 -26.47
CA LEU A 1138 -41.31 -13.20 -26.44
C LEU A 1138 -40.27 -12.15 -26.84
N PHE A 1139 -40.53 -11.45 -27.93
CA PHE A 1139 -39.69 -10.34 -28.34
C PHE A 1139 -40.30 -9.06 -27.79
N ALA A 1140 -39.50 -8.28 -27.07
CA ALA A 1140 -40.07 -7.19 -26.28
C ALA A 1140 -39.20 -5.95 -26.43
N ASN A 1141 -39.83 -4.80 -26.21
CA ASN A 1141 -39.13 -3.53 -26.10
C ASN A 1141 -38.73 -3.31 -24.64
N THR A 1142 -38.35 -2.08 -24.29
CA THR A 1142 -37.91 -1.80 -22.93
C THR A 1142 -39.04 -1.89 -21.92
N ASN A 1143 -40.29 -1.57 -22.33
CA ASN A 1143 -41.39 -1.51 -21.37
C ASN A 1143 -41.76 -2.90 -20.84
N ILE A 1144 -41.93 -3.86 -21.74
CA ILE A 1144 -42.27 -5.23 -21.33
C ILE A 1144 -41.11 -5.85 -20.56
N TYR A 1145 -39.87 -5.54 -20.96
CA TYR A 1145 -38.71 -6.06 -20.25
C TYR A 1145 -38.63 -5.52 -18.83
N ILE A 1146 -38.92 -4.22 -18.65
CA ILE A 1146 -38.87 -3.63 -17.31
C ILE A 1146 -40.01 -4.16 -16.44
N PHE A 1147 -41.19 -4.34 -17.02
CA PHE A 1147 -42.32 -4.91 -16.30
C PHE A 1147 -42.02 -6.35 -15.86
N PHE A 1148 -41.43 -7.14 -16.75
CA PHE A 1148 -41.04 -8.50 -16.42
C PHE A 1148 -39.92 -8.54 -15.39
N ARG A 1149 -39.00 -7.58 -15.45
CA ARG A 1149 -37.93 -7.52 -14.45
C ARG A 1149 -38.48 -7.17 -13.07
N HIS A 1150 -39.47 -6.28 -13.01
CA HIS A 1150 -40.12 -5.99 -11.74
C HIS A 1150 -40.86 -7.21 -11.20
N TRP A 1151 -41.52 -7.97 -12.09
CA TRP A 1151 -42.19 -9.19 -11.66
C TRP A 1151 -41.19 -10.22 -11.13
N THR A 1152 -40.05 -10.38 -11.81
CA THR A 1152 -39.04 -11.31 -11.32
C THR A 1152 -38.38 -10.81 -10.04
N THR A 1153 -38.28 -9.50 -9.87
CA THR A 1153 -37.76 -8.94 -8.62
C THR A 1153 -38.66 -9.30 -7.44
N ILE A 1154 -39.98 -9.11 -7.62
CA ILE A 1154 -40.93 -9.50 -6.57
C ILE A 1154 -40.90 -11.01 -6.35
N TYR A 1155 -40.78 -11.79 -7.43
CA TYR A 1155 -40.78 -13.25 -7.30
C TYR A 1155 -39.56 -13.74 -6.53
N GLU A 1156 -38.38 -13.22 -6.84
CA GLU A 1156 -37.18 -13.63 -6.11
C GLU A 1156 -37.20 -13.13 -4.66
N ARG A 1157 -37.74 -11.93 -4.43
CA ARG A 1157 -37.84 -11.43 -3.05
C ARG A 1157 -38.79 -12.28 -2.21
N LEU A 1158 -39.88 -12.75 -2.80
CA LEU A 1158 -40.79 -13.63 -2.06
C LEU A 1158 -40.27 -15.06 -1.97
N LEU A 1159 -39.50 -15.51 -2.97
CA LEU A 1159 -38.97 -16.87 -2.95
C LEU A 1159 -37.85 -17.02 -1.93
N GLU A 1160 -37.10 -15.94 -1.69
CA GLU A 1160 -36.12 -15.95 -0.59
C GLU A 1160 -36.81 -16.15 0.75
N ILE A 1161 -37.99 -15.54 0.92
CA ILE A 1161 -38.75 -15.73 2.15
C ILE A 1161 -39.33 -17.15 2.22
N LYS A 1162 -39.88 -17.65 1.10
CA LYS A 1162 -40.53 -18.95 1.13
C LYS A 1162 -39.55 -20.11 1.32
N GLN A 1163 -38.37 -20.02 0.72
CA GLN A 1163 -37.41 -21.12 0.79
C GLN A 1163 -36.86 -21.31 2.19
N MET A 1164 -37.03 -20.31 3.06
CA MET A 1164 -36.59 -20.40 4.45
C MET A 1164 -37.75 -20.20 5.37
N ASN A 1165 -38.97 -20.32 4.85
CA ASN A 1165 -40.17 -20.08 5.65
C ASN A 1165 -40.38 -21.15 6.72
N GLU A 1166 -40.12 -22.41 6.39
CA GLU A 1166 -40.36 -23.49 7.35
C GLU A 1166 -39.38 -23.42 8.53
N ARG A 1167 -38.11 -23.09 8.26
CA ARG A 1167 -37.12 -23.02 9.32
C ARG A 1167 -37.39 -21.83 10.25
N VAL A 1168 -37.75 -20.68 9.69
CA VAL A 1168 -38.04 -19.52 10.52
C VAL A 1168 -39.36 -19.71 11.26
N THR A 1169 -40.31 -20.45 10.68
CA THR A 1169 -41.55 -20.78 11.39
C THR A 1169 -41.27 -21.69 12.58
N LYS A 1170 -40.41 -22.70 12.39
CA LYS A 1170 -40.03 -23.58 13.50
C LYS A 1170 -39.23 -22.83 14.54
N GLU A 1171 -38.45 -21.82 14.14
CA GLU A 1171 -37.68 -21.05 15.11
C GLU A 1171 -38.58 -20.12 15.92
N ILE A 1172 -39.56 -19.48 15.27
CA ILE A 1172 -40.45 -18.57 15.96
C ILE A 1172 -41.40 -19.34 16.87
N ASN A 1173 -41.93 -20.46 16.40
CA ASN A 1173 -42.85 -21.26 17.22
C ASN A 1173 -42.15 -21.87 18.42
N THR A 1174 -40.93 -22.35 18.24
CA THR A 1174 -40.15 -22.91 19.36
C THR A 1174 -39.20 -21.86 19.91
N ARG A 1175 -39.78 -20.76 20.40
CA ARG A 1175 -39.03 -19.66 21.02
C ARG A 1175 -39.25 -19.75 22.53
N SER A 1176 -38.36 -20.49 23.20
CA SER A 1176 -38.45 -20.68 24.64
C SER A 1176 -37.77 -19.50 25.33
N THR A 1177 -38.56 -18.59 25.88
CA THR A 1177 -38.02 -17.45 26.60
C THR A 1177 -37.43 -17.90 27.93
N VAL A 1178 -36.43 -17.15 28.40
CA VAL A 1178 -35.80 -17.47 29.68
C VAL A 1178 -36.72 -17.08 30.82
N THR A 1179 -36.51 -17.74 31.97
CA THR A 1179 -37.46 -17.62 33.07
C THR A 1179 -37.35 -16.28 33.79
N PHE A 1180 -36.13 -15.81 34.03
CA PHE A 1180 -35.95 -14.60 34.82
C PHE A 1180 -36.38 -13.34 34.09
N ALA A 1181 -36.43 -13.38 32.75
CA ALA A 1181 -37.01 -12.26 32.01
C ALA A 1181 -38.54 -12.24 32.12
N LYS A 1182 -39.16 -13.43 32.16
CA LYS A 1182 -40.61 -13.48 32.36
C LYS A 1182 -40.98 -13.07 33.78
N ASP A 1183 -40.16 -13.44 34.76
CA ASP A 1183 -40.46 -13.10 36.15
C ASP A 1183 -40.23 -11.62 36.43
N LEU A 1184 -39.34 -10.98 35.70
CA LEU A 1184 -39.01 -9.57 35.91
C LEU A 1184 -39.37 -8.70 34.71
N ASP A 1185 -40.36 -9.15 33.93
CA ASP A 1185 -40.98 -8.54 32.74
C ASP A 1185 -40.03 -7.74 31.85
N LEU A 1186 -38.83 -8.28 31.68
CA LEU A 1186 -37.84 -7.61 30.86
C LEU A 1186 -38.22 -7.66 29.39
N LEU A 1187 -38.57 -8.84 28.90
CA LEU A 1187 -38.86 -8.98 27.48
C LEU A 1187 -39.87 -7.93 27.02
N SER A 1188 -39.71 -7.46 25.78
CA SER A 1188 -40.60 -6.42 25.25
C SER A 1188 -42.01 -6.93 25.00
N SER A 1189 -42.98 -6.04 25.12
CA SER A 1189 -44.37 -6.44 24.90
C SER A 1189 -44.88 -5.88 23.59
N GLN A 1190 -44.18 -4.91 23.03
CA GLN A 1190 -44.58 -4.39 21.73
C GLN A 1190 -44.55 -5.53 20.75
N LEU A 1191 -45.01 -5.29 19.54
CA LEU A 1191 -45.00 -6.32 18.52
C LEU A 1191 -45.82 -7.49 18.99
N SER A 1192 -46.62 -7.28 20.02
CA SER A 1192 -47.48 -8.33 20.53
C SER A 1192 -48.87 -7.79 20.76
N GLU A 1193 -49.05 -6.98 21.80
CA GLU A 1193 -50.35 -6.36 22.02
C GLU A 1193 -50.97 -5.89 20.71
N MET A 1194 -50.14 -5.31 19.84
CA MET A 1194 -50.55 -4.85 18.53
C MET A 1194 -50.37 -5.90 17.44
N GLY A 1195 -50.01 -7.12 17.79
CA GLY A 1195 -50.06 -8.26 16.90
C GLY A 1195 -49.10 -8.28 15.73
N LEU A 1196 -47.83 -7.96 15.96
CA LEU A 1196 -46.82 -8.02 14.92
C LEU A 1196 -45.81 -9.17 15.08
N ASP A 1197 -45.93 -9.99 16.13
CA ASP A 1197 -45.10 -11.18 16.15
C ASP A 1197 -45.69 -12.24 15.22
N PHE A 1198 -44.90 -13.29 14.99
CA PHE A 1198 -45.26 -14.34 14.04
C PHE A 1198 -45.59 -15.66 14.74
N VAL A 1199 -45.92 -15.59 16.03
CA VAL A 1199 -46.17 -16.79 16.81
C VAL A 1199 -47.57 -17.31 16.53
N GLY A 1200 -47.68 -18.60 16.22
CA GLY A 1200 -48.94 -19.25 16.01
C GLY A 1200 -49.43 -19.27 14.58
N GLU A 1201 -48.77 -18.56 13.67
CA GLU A 1201 -49.15 -18.54 12.27
C GLU A 1201 -47.95 -18.93 11.41
N ASP A 1202 -48.24 -19.33 10.18
CA ASP A 1202 -47.18 -19.55 9.20
C ASP A 1202 -46.49 -18.23 8.88
N ALA A 1203 -45.17 -18.28 8.78
CA ALA A 1203 -44.38 -17.06 8.62
C ALA A 1203 -44.63 -16.40 7.27
N TYR A 1204 -44.72 -17.19 6.20
CA TYR A 1204 -44.89 -16.61 4.87
C TYR A 1204 -46.29 -16.01 4.73
N LYS A 1205 -47.30 -16.72 5.20
CA LYS A 1205 -48.63 -16.19 5.07
C LYS A 1205 -48.67 -14.91 5.85
N GLN A 1206 -48.04 -14.90 7.02
CA GLN A 1206 -48.10 -13.73 7.86
C GLN A 1206 -47.49 -12.54 7.16
N VAL A 1207 -46.39 -12.77 6.47
CA VAL A 1207 -45.71 -11.68 5.81
C VAL A 1207 -46.65 -11.08 4.79
N LEU A 1208 -47.27 -11.94 4.01
CA LEU A 1208 -48.17 -11.47 2.98
C LEU A 1208 -49.32 -10.69 3.61
N ARG A 1209 -49.87 -11.21 4.71
CA ARG A 1209 -50.95 -10.51 5.38
C ARG A 1209 -50.47 -9.15 5.81
N LEU A 1210 -49.33 -9.10 6.46
CA LEU A 1210 -48.81 -7.84 6.93
C LEU A 1210 -48.59 -6.92 5.75
N SER A 1211 -47.97 -7.45 4.71
CA SER A 1211 -47.70 -6.62 3.54
C SER A 1211 -49.00 -6.04 3.05
N ARG A 1212 -49.97 -6.91 2.77
CA ARG A 1212 -51.28 -6.40 2.36
C ARG A 1212 -51.75 -5.28 3.27
N ARG A 1213 -51.52 -5.40 4.58
CA ARG A 1213 -51.90 -4.35 5.51
C ARG A 1213 -51.05 -3.09 5.31
N LEU A 1214 -49.78 -3.26 4.97
CA LEU A 1214 -48.92 -2.12 4.68
C LEU A 1214 -49.36 -1.42 3.40
N ILE A 1215 -49.75 -2.20 2.39
CA ILE A 1215 -50.25 -1.64 1.14
C ILE A 1215 -51.55 -0.87 1.37
N ASN A 1216 -52.45 -1.44 2.17
CA ASN A 1216 -53.75 -0.82 2.43
C ASN A 1216 -53.66 0.43 3.27
N GLY A 1217 -52.51 0.71 3.89
CA GLY A 1217 -52.32 1.94 4.63
C GLY A 1217 -52.69 1.89 6.09
N ASP A 1218 -53.23 0.78 6.58
CA ASP A 1218 -53.56 0.63 7.99
C ASP A 1218 -52.35 0.29 8.85
N LEU A 1219 -51.19 0.07 8.24
CA LEU A 1219 -49.99 -0.35 8.95
C LEU A 1219 -48.86 0.63 8.63
N GLU A 1220 -48.16 1.07 9.67
CA GLU A 1220 -47.02 1.96 9.49
C GLU A 1220 -45.82 1.21 8.91
N HIS A 1221 -44.95 1.95 8.23
CA HIS A 1221 -43.76 1.35 7.63
C HIS A 1221 -42.78 0.87 8.70
N GLN A 1222 -42.62 1.66 9.76
CA GLN A 1222 -41.62 1.33 10.79
C GLN A 1222 -42.00 0.05 11.54
N TRP A 1223 -43.28 -0.13 11.83
CA TRP A 1223 -43.70 -1.34 12.54
C TRP A 1223 -43.61 -2.56 11.64
N PHE A 1224 -43.88 -2.40 10.34
CA PHE A 1224 -43.71 -3.50 9.39
C PHE A 1224 -42.25 -3.92 9.31
N GLU A 1225 -41.34 -2.94 9.22
CA GLU A 1225 -39.92 -3.24 9.17
C GLU A 1225 -39.44 -3.88 10.47
N GLU A 1226 -39.93 -3.39 11.62
CA GLU A 1226 -39.55 -3.93 12.91
C GLU A 1226 -40.05 -5.36 13.08
N SER A 1227 -41.28 -5.64 12.65
CA SER A 1227 -41.82 -6.99 12.72
C SER A 1227 -41.03 -7.94 11.83
N LEU A 1228 -40.68 -7.49 10.61
CA LEU A 1228 -39.90 -8.34 9.71
C LEU A 1228 -38.52 -8.64 10.26
N ARG A 1229 -37.85 -7.62 10.81
CA ARG A 1229 -36.48 -7.83 11.29
C ARG A 1229 -36.47 -8.59 12.60
N GLN A 1230 -37.54 -8.53 13.38
CA GLN A 1230 -37.62 -9.32 14.60
C GLN A 1230 -37.96 -10.77 14.28
N ALA A 1231 -38.84 -11.01 13.31
CA ALA A 1231 -39.25 -12.37 13.00
C ALA A 1231 -38.15 -13.11 12.24
N TYR A 1232 -37.52 -12.45 11.26
CA TYR A 1232 -36.62 -13.13 10.33
C TYR A 1232 -35.15 -12.91 10.66
N ASN A 1233 -34.85 -12.24 11.78
CA ASN A 1233 -33.49 -11.86 12.19
C ASN A 1233 -32.78 -11.08 11.09
N ASN A 1234 -33.46 -10.02 10.61
CA ASN A 1234 -32.99 -9.07 9.60
C ASN A 1234 -32.71 -9.72 8.25
N LYS A 1235 -33.18 -10.96 8.02
CA LYS A 1235 -33.01 -11.61 6.73
C LYS A 1235 -34.13 -11.26 5.75
N ALA A 1236 -35.18 -10.58 6.21
CA ALA A 1236 -36.27 -10.12 5.36
C ALA A 1236 -36.18 -8.63 5.09
N PHE A 1237 -34.96 -8.10 5.01
CA PHE A 1237 -34.77 -6.68 4.74
C PHE A 1237 -35.17 -6.30 3.32
N LYS A 1238 -35.14 -7.24 2.39
CA LYS A 1238 -35.47 -6.95 1.00
C LYS A 1238 -36.96 -6.74 0.78
N LEU A 1239 -37.80 -7.03 1.76
CA LEU A 1239 -39.24 -6.86 1.64
C LEU A 1239 -39.73 -5.58 2.29
N TYR A 1240 -38.83 -4.66 2.63
CA TYR A 1240 -39.25 -3.41 3.26
C TYR A 1240 -39.98 -2.50 2.29
N THR A 1241 -39.68 -2.61 1.00
CA THR A 1241 -40.27 -1.77 -0.04
C THR A 1241 -41.17 -2.58 -0.97
N ILE A 1242 -41.92 -3.52 -0.42
CA ILE A 1242 -42.78 -4.37 -1.25
C ILE A 1242 -43.90 -3.55 -1.89
N ASP A 1243 -44.45 -2.59 -1.14
CA ASP A 1243 -45.52 -1.74 -1.66
C ASP A 1243 -45.02 -0.85 -2.80
N LYS A 1244 -43.82 -0.31 -2.67
CA LYS A 1244 -43.29 0.57 -3.71
C LYS A 1244 -43.00 -0.20 -4.99
N VAL A 1245 -42.45 -1.41 -4.87
CA VAL A 1245 -42.12 -2.18 -6.08
C VAL A 1245 -43.38 -2.71 -6.73
N THR A 1246 -44.40 -3.10 -5.95
CA THR A 1246 -45.63 -3.54 -6.60
C THR A 1246 -46.40 -2.34 -7.19
N GLN A 1247 -46.23 -1.15 -6.61
CA GLN A 1247 -46.76 0.06 -7.23
C GLN A 1247 -46.08 0.35 -8.56
N SER A 1248 -44.75 0.18 -8.60
CA SER A 1248 -44.03 0.39 -9.86
C SER A 1248 -44.39 -0.68 -10.88
N LEU A 1249 -44.65 -1.91 -10.43
CA LEU A 1249 -45.08 -2.96 -11.34
C LEU A 1249 -46.46 -2.67 -11.93
N VAL A 1250 -47.37 -2.17 -11.09
CA VAL A 1250 -48.70 -1.77 -11.55
C VAL A 1250 -48.59 -0.61 -12.54
N LYS A 1251 -47.73 0.36 -12.25
CA LYS A 1251 -47.52 1.50 -13.14
C LYS A 1251 -46.92 1.04 -14.48
N HIS A 1252 -45.99 0.09 -14.43
CA HIS A 1252 -45.38 -0.41 -15.66
C HIS A 1252 -46.37 -1.20 -16.50
N ALA A 1253 -47.27 -1.94 -15.87
CA ALA A 1253 -48.33 -2.61 -16.62
C ALA A 1253 -49.30 -1.59 -17.23
N HIS A 1254 -49.61 -0.52 -16.49
CA HIS A 1254 -50.51 0.51 -16.99
C HIS A 1254 -49.91 1.21 -18.21
N THR A 1255 -48.63 1.56 -18.15
CA THR A 1255 -47.97 2.08 -19.35
C THR A 1255 -47.69 1.00 -20.38
N LEU A 1256 -47.78 -0.28 -20.00
CA LEU A 1256 -47.60 -1.35 -20.97
C LEU A 1256 -48.80 -1.48 -21.89
N MET A 1257 -50.04 -1.33 -21.37
CA MET A 1257 -51.13 -1.50 -22.32
C MET A 1257 -51.52 -0.20 -22.99
N THR A 1258 -51.19 0.95 -22.39
CA THR A 1258 -51.66 2.25 -22.85
C THR A 1258 -50.57 3.06 -23.57
N ASP A 1259 -49.67 2.38 -24.27
CA ASP A 1259 -48.65 3.06 -25.07
C ASP A 1259 -48.74 2.57 -26.50
N ALA A 1260 -48.64 3.50 -27.44
CA ALA A 1260 -48.54 3.14 -28.85
C ALA A 1260 -47.23 2.42 -29.11
N LYS A 1261 -47.27 1.48 -30.07
CA LYS A 1261 -46.16 0.59 -30.42
C LYS A 1261 -45.71 -0.28 -29.26
N THR A 1262 -46.57 -0.49 -28.26
CA THR A 1262 -46.25 -1.36 -27.12
C THR A 1262 -47.31 -2.42 -26.88
N ALA A 1263 -48.59 -2.07 -27.00
CA ALA A 1263 -49.65 -3.07 -26.83
C ALA A 1263 -49.75 -3.99 -28.05
N GLU A 1264 -49.32 -3.51 -29.21
CA GLU A 1264 -49.29 -4.36 -30.39
C GLU A 1264 -48.24 -5.46 -30.29
N ILE A 1265 -47.12 -5.18 -29.62
CA ILE A 1265 -46.13 -6.23 -29.35
C ILE A 1265 -46.71 -7.27 -28.40
N MET A 1266 -47.52 -6.81 -27.45
CA MET A 1266 -48.16 -7.77 -26.59
C MET A 1266 -49.05 -8.63 -27.48
N ALA A 1267 -49.93 -8.00 -28.24
CA ALA A 1267 -50.85 -8.77 -29.06
C ALA A 1267 -50.12 -9.77 -29.95
N LEU A 1268 -48.95 -9.38 -30.46
CA LEU A 1268 -48.16 -10.31 -31.26
C LEU A 1268 -47.66 -11.48 -30.42
N PHE A 1269 -47.29 -11.21 -29.17
CA PHE A 1269 -46.92 -12.29 -28.27
C PHE A 1269 -48.13 -13.18 -27.96
N VAL A 1270 -49.32 -12.59 -27.89
CA VAL A 1270 -50.54 -13.35 -27.69
C VAL A 1270 -50.78 -14.30 -28.86
N LYS A 1271 -50.61 -13.79 -30.09
CA LYS A 1271 -50.76 -14.64 -31.27
C LYS A 1271 -49.69 -15.71 -31.35
N ASP A 1272 -48.46 -15.40 -30.95
CA ASP A 1272 -47.39 -16.38 -31.01
C ASP A 1272 -47.58 -17.48 -29.97
N ARG A 1273 -48.03 -17.12 -28.77
CA ARG A 1273 -48.20 -18.11 -27.70
C ARG A 1273 -49.44 -18.96 -27.95
N ASN A 1274 -50.54 -18.34 -28.40
CA ASN A 1274 -51.78 -19.09 -28.63
C ASN A 1274 -51.65 -20.06 -29.79
N ALA A 1275 -50.98 -19.65 -30.86
CA ALA A 1275 -50.79 -20.51 -32.03
C ALA A 1275 -49.49 -21.30 -31.83
N SER A 1276 -49.63 -22.57 -31.45
CA SER A 1276 -48.48 -23.45 -31.28
C SER A 1276 -48.16 -24.10 -32.64
N THR A 1277 -47.15 -24.97 -32.63
CA THR A 1277 -46.65 -25.70 -33.81
C THR A 1277 -46.23 -24.69 -34.88
N THR A 1278 -45.14 -23.99 -34.58
CA THR A 1278 -44.58 -22.97 -35.47
C THR A 1278 -43.17 -23.38 -35.89
N SER A 1279 -42.81 -23.03 -37.13
CA SER A 1279 -41.48 -23.31 -37.64
C SER A 1279 -40.54 -22.17 -37.28
N ALA A 1280 -39.29 -22.25 -37.75
CA ALA A 1280 -38.32 -21.20 -37.45
C ALA A 1280 -38.64 -19.92 -38.20
N LYS A 1281 -39.10 -20.03 -39.45
CA LYS A 1281 -39.42 -18.84 -40.26
C LYS A 1281 -40.56 -18.04 -39.65
N ASP A 1282 -41.48 -18.72 -38.97
CA ASP A 1282 -42.51 -18.01 -38.21
C ASP A 1282 -41.89 -17.18 -37.09
N GLN A 1283 -40.88 -17.72 -36.41
CA GLN A 1283 -40.19 -16.96 -35.37
C GLN A 1283 -39.43 -15.77 -35.97
N ILE A 1284 -38.82 -15.95 -37.14
CA ILE A 1284 -38.10 -14.84 -37.78
C ILE A 1284 -39.07 -13.72 -38.18
N ILE A 1285 -40.18 -14.08 -38.85
CA ILE A 1285 -41.12 -13.05 -39.29
C ILE A 1285 -41.82 -12.41 -38.10
N TYR A 1286 -42.01 -13.16 -37.00
CA TYR A 1286 -42.50 -12.57 -35.76
C TYR A 1286 -41.50 -11.57 -35.20
N ARG A 1287 -40.20 -11.88 -35.32
CA ARG A 1287 -39.16 -10.97 -34.84
C ARG A 1287 -39.16 -9.67 -35.62
N LEU A 1288 -39.19 -9.74 -36.96
CA LEU A 1288 -39.17 -8.46 -37.70
C LEU A 1288 -40.51 -7.73 -37.60
N GLN A 1289 -41.62 -8.46 -37.41
CA GLN A 1289 -42.89 -7.77 -37.20
C GLN A 1289 -42.92 -7.05 -35.86
N VAL A 1290 -42.29 -7.62 -34.83
CA VAL A 1290 -42.12 -6.91 -33.57
C VAL A 1290 -41.20 -5.71 -33.75
N ARG A 1291 -40.11 -5.89 -34.48
CA ARG A 1291 -39.17 -4.79 -34.64
C ARG A 1291 -39.89 -3.64 -35.31
N SER A 1292 -40.81 -3.96 -36.21
CA SER A 1292 -41.47 -2.91 -36.96
C SER A 1292 -42.13 -1.92 -36.05
N HIS A 1293 -42.85 -2.41 -35.04
CA HIS A 1293 -43.58 -1.52 -34.17
C HIS A 1293 -42.64 -0.56 -33.45
N MET A 1294 -41.51 -1.06 -33.00
CA MET A 1294 -40.57 -0.21 -32.27
C MET A 1294 -39.58 0.48 -33.19
N SER A 1295 -38.92 1.51 -32.68
CA SER A 1295 -37.97 2.26 -33.49
C SER A 1295 -36.78 1.40 -33.84
N ASN A 1296 -35.97 1.89 -34.78
CA ASN A 1296 -34.77 1.16 -35.17
C ASN A 1296 -33.65 1.53 -34.21
N THR A 1297 -33.99 2.22 -33.14
CA THR A 1297 -33.00 2.59 -32.16
C THR A 1297 -33.30 1.95 -30.82
N GLU A 1298 -34.55 1.56 -30.63
CA GLU A 1298 -34.94 0.94 -29.37
C GLU A 1298 -34.29 -0.43 -29.22
N ASN A 1299 -34.51 -1.04 -28.05
CA ASN A 1299 -33.82 -2.26 -27.65
C ASN A 1299 -34.74 -3.47 -27.81
N MET A 1300 -34.19 -4.54 -28.37
CA MET A 1300 -34.90 -5.81 -28.48
C MET A 1300 -34.48 -6.74 -27.36
N PHE A 1301 -35.46 -7.39 -26.74
CA PHE A 1301 -35.21 -8.35 -25.68
C PHE A 1301 -35.87 -9.67 -26.05
N ARG A 1302 -35.13 -10.76 -25.94
CA ARG A 1302 -35.65 -12.09 -26.22
C ARG A 1302 -35.85 -12.81 -24.89
N ILE A 1303 -37.11 -12.93 -24.47
CA ILE A 1303 -37.47 -13.60 -23.24
C ILE A 1303 -37.96 -14.99 -23.62
N GLU A 1304 -37.13 -16.00 -23.38
CA GLU A 1304 -37.45 -17.37 -23.73
C GLU A 1304 -37.98 -18.10 -22.50
N PHE A 1305 -39.12 -18.74 -22.64
CA PHE A 1305 -39.75 -19.48 -21.56
C PHE A 1305 -39.84 -20.95 -21.94
N ASP A 1306 -39.53 -21.82 -20.99
CA ASP A 1306 -39.65 -23.26 -21.16
C ASP A 1306 -40.81 -23.74 -20.30
N LYS A 1307 -41.71 -24.52 -20.90
CA LYS A 1307 -42.81 -25.11 -20.16
C LYS A 1307 -42.29 -26.08 -19.11
N ARG A 1308 -41.28 -26.87 -19.47
CA ARG A 1308 -40.59 -27.72 -18.52
C ARG A 1308 -39.64 -26.88 -17.66
N THR A 1309 -39.71 -27.07 -16.35
CA THR A 1309 -38.88 -26.48 -15.28
C THR A 1309 -39.09 -24.98 -15.10
N LEU A 1310 -39.89 -24.31 -15.94
CA LEU A 1310 -40.21 -22.89 -15.85
C LEU A 1310 -38.98 -21.99 -15.80
N HIS A 1311 -38.04 -22.25 -16.71
CA HIS A 1311 -36.84 -21.44 -16.75
C HIS A 1311 -37.03 -20.34 -17.76
N VAL A 1312 -36.59 -19.15 -17.40
CA VAL A 1312 -36.73 -17.99 -18.28
C VAL A 1312 -35.32 -17.50 -18.60
N SER A 1313 -35.01 -17.43 -19.88
CA SER A 1313 -33.72 -16.92 -20.36
C SER A 1313 -33.93 -15.60 -21.08
N ILE A 1314 -33.35 -14.53 -20.55
CA ILE A 1314 -33.49 -13.20 -21.13
C ILE A 1314 -32.19 -12.87 -21.88
N GLN A 1315 -32.33 -12.53 -23.15
CA GLN A 1315 -31.19 -12.24 -24.01
C GLN A 1315 -31.30 -10.82 -24.55
N TYR A 1316 -30.17 -10.14 -24.56
CA TYR A 1316 -30.06 -8.74 -25.01
C TYR A 1316 -29.64 -8.73 -26.47
N ILE A 1317 -30.56 -8.39 -27.36
CA ILE A 1317 -30.27 -8.30 -28.79
C ILE A 1317 -30.58 -6.90 -29.30
N ALA A 1318 -30.37 -5.89 -28.45
CA ALA A 1318 -30.57 -4.49 -28.82
C ALA A 1318 -29.71 -4.09 -30.00
N LEU A 1319 -30.37 -3.68 -31.09
CA LEU A 1319 -29.72 -3.27 -32.34
C LEU A 1319 -28.81 -4.37 -32.90
N ASP A 1320 -29.26 -5.61 -32.77
CA ASP A 1320 -28.48 -6.71 -33.29
C ASP A 1320 -29.13 -7.26 -34.55
N ASP A 1321 -30.43 -7.49 -34.50
CA ASP A 1321 -31.12 -8.08 -35.63
C ASP A 1321 -31.25 -7.13 -36.80
N LEU A 1322 -30.81 -5.88 -36.66
CA LEU A 1322 -30.90 -4.90 -37.74
C LEU A 1322 -29.87 -5.18 -38.81
N MET B 1 -8.36 -23.49 -6.85
CA MET B 1 -9.05 -24.74 -6.52
C MET B 1 -8.79 -25.14 -5.08
N VAL B 2 -8.50 -24.15 -4.23
CA VAL B 2 -8.23 -24.37 -2.82
C VAL B 2 -9.45 -24.04 -1.97
N TYR B 3 -10.09 -22.91 -2.24
CA TYR B 3 -11.26 -22.50 -1.46
C TYR B 3 -12.49 -23.28 -1.90
N GLU B 4 -13.23 -23.78 -0.92
CA GLU B 4 -14.48 -24.49 -1.15
C GLU B 4 -15.58 -23.83 -0.32
N ALA B 5 -16.69 -23.48 -0.97
CA ALA B 5 -17.82 -22.87 -0.29
C ALA B 5 -18.58 -23.95 0.47
N THR B 6 -18.44 -23.96 1.79
CA THR B 6 -19.06 -24.97 2.63
C THR B 6 -20.03 -24.29 3.59
N PRO B 7 -21.26 -24.78 3.71
CA PRO B 7 -22.19 -24.23 4.71
C PRO B 7 -21.71 -24.52 6.12
N PHE B 8 -22.11 -23.64 7.04
CA PHE B 8 -21.63 -23.71 8.41
C PHE B 8 -22.27 -24.89 9.14
N ASP B 9 -21.46 -25.90 9.44
CA ASP B 9 -21.95 -27.06 10.19
C ASP B 9 -22.21 -26.68 11.65
N PRO B 10 -23.18 -27.33 12.29
CA PRO B 10 -23.38 -27.10 13.73
C PRO B 10 -22.19 -27.57 14.55
N ILE B 11 -21.99 -26.91 15.68
CA ILE B 11 -20.83 -27.16 16.53
C ILE B 11 -21.06 -28.44 17.33
N THR B 12 -20.16 -29.40 17.20
CA THR B 12 -20.23 -30.65 17.92
C THR B 12 -18.92 -30.89 18.65
N VAL B 13 -19.00 -31.21 19.94
CA VAL B 13 -17.80 -31.48 20.72
C VAL B 13 -17.31 -32.90 20.45
N LYS B 14 -16.06 -33.15 20.82
CA LYS B 14 -15.47 -34.48 20.70
C LYS B 14 -15.37 -35.11 22.08
N PRO B 15 -16.11 -36.18 22.37
CA PRO B 15 -16.03 -36.79 23.71
C PRO B 15 -14.73 -37.52 23.97
N SER B 16 -13.94 -37.80 22.94
CA SER B 16 -12.65 -38.46 23.09
C SER B 16 -11.51 -37.47 23.27
N ASP B 17 -11.81 -36.19 23.43
CA ASP B 17 -10.80 -35.13 23.55
C ASP B 17 -11.03 -34.33 24.82
N LYS B 18 -11.22 -35.03 25.94
CA LYS B 18 -11.40 -34.36 27.22
C LYS B 18 -10.09 -33.74 27.68
N ARG B 19 -10.14 -32.47 28.08
CA ARG B 19 -8.96 -31.71 28.46
C ARG B 19 -9.12 -31.17 29.88
N ARG B 20 -8.04 -31.22 30.64
CA ARG B 20 -8.02 -30.56 31.95
C ARG B 20 -7.90 -29.07 31.74
N VAL B 21 -8.88 -28.31 32.22
CA VAL B 21 -8.99 -26.88 31.92
C VAL B 21 -8.64 -26.08 33.17
N ALA B 22 -7.64 -25.22 33.04
CA ALA B 22 -7.25 -24.28 34.08
C ALA B 22 -7.63 -22.87 33.63
N TYR B 23 -8.59 -22.28 34.32
CA TYR B 23 -9.11 -20.95 34.01
C TYR B 23 -8.50 -19.96 34.99
N PHE B 24 -8.03 -18.83 34.46
CA PHE B 24 -7.31 -17.83 35.24
C PHE B 24 -8.16 -16.57 35.30
N TYR B 25 -8.44 -16.12 36.53
CA TYR B 25 -9.24 -14.91 36.74
C TYR B 25 -8.84 -14.27 38.05
N ASP B 26 -8.49 -12.99 37.98
CA ASP B 26 -8.28 -12.17 39.17
C ASP B 26 -9.52 -11.29 39.36
N ALA B 27 -10.02 -11.26 40.59
CA ALA B 27 -11.25 -10.51 40.87
C ALA B 27 -11.06 -9.00 40.76
N ASP B 28 -9.83 -8.52 40.83
CA ASP B 28 -9.57 -7.08 40.73
C ASP B 28 -9.58 -6.58 39.29
N VAL B 29 -9.46 -7.47 38.30
CA VAL B 29 -9.26 -7.05 36.92
C VAL B 29 -10.49 -6.36 36.34
N GLY B 30 -11.67 -6.54 36.94
CA GLY B 30 -12.84 -5.82 36.50
C GLY B 30 -12.93 -4.41 37.02
N ASN B 31 -12.14 -4.07 38.05
CA ASN B 31 -12.25 -2.75 38.69
C ASN B 31 -11.25 -1.75 38.12
N TYR B 32 -10.86 -1.90 36.86
CA TYR B 32 -10.02 -0.93 36.17
C TYR B 32 -10.77 -0.43 34.95
N ALA B 33 -10.77 0.89 34.76
CA ALA B 33 -11.46 1.51 33.63
C ALA B 33 -10.45 2.33 32.84
N TYR B 34 -10.47 2.19 31.52
CA TYR B 34 -9.52 2.91 30.68
C TYR B 34 -9.83 4.40 30.66
N GLY B 35 -11.09 4.77 30.56
CA GLY B 35 -11.45 6.18 30.56
C GLY B 35 -12.94 6.36 30.50
N ALA B 36 -13.35 7.63 30.57
CA ALA B 36 -14.77 7.97 30.50
C ALA B 36 -15.34 7.73 29.11
N GLY B 37 -14.60 8.11 28.07
CA GLY B 37 -15.05 7.93 26.71
C GLY B 37 -14.35 6.79 25.99
N HIS B 38 -13.89 5.79 26.74
CA HIS B 38 -12.99 4.84 26.10
C HIS B 38 -13.70 3.51 25.81
N PRO B 39 -13.39 2.86 24.67
CA PRO B 39 -14.06 1.60 24.34
C PRO B 39 -13.50 0.36 25.04
N MET B 40 -12.18 0.29 25.25
CA MET B 40 -11.61 -0.83 26.00
C MET B 40 -12.03 -0.78 27.46
N LYS B 41 -12.73 -1.83 27.89
CA LYS B 41 -13.26 -1.90 29.24
C LYS B 41 -12.94 -3.29 29.80
N PRO B 42 -12.01 -3.40 30.76
CA PRO B 42 -11.71 -4.71 31.37
C PRO B 42 -12.87 -5.31 32.14
N HIS B 43 -13.89 -4.52 32.48
CA HIS B 43 -15.11 -4.98 33.16
C HIS B 43 -15.79 -6.11 32.41
N ARG B 44 -15.69 -6.13 31.07
CA ARG B 44 -16.23 -7.20 30.24
C ARG B 44 -15.64 -8.57 30.55
N ILE B 45 -14.49 -8.61 31.23
CA ILE B 45 -13.95 -9.88 31.68
C ILE B 45 -14.85 -10.52 32.72
N ARG B 46 -15.27 -9.74 33.74
CA ARG B 46 -15.91 -10.37 34.88
C ARG B 46 -17.35 -10.79 34.61
N MET B 47 -18.09 -10.05 33.77
CA MET B 47 -19.37 -10.59 33.32
C MET B 47 -19.20 -11.73 32.33
N ALA B 48 -18.02 -11.84 31.71
CA ALA B 48 -17.66 -13.13 31.13
C ALA B 48 -17.52 -14.16 32.24
N HIS B 49 -16.75 -13.81 33.28
CA HIS B 49 -16.51 -14.71 34.40
C HIS B 49 -17.78 -15.02 35.17
N SER B 50 -18.65 -14.02 35.35
CA SER B 50 -19.94 -14.26 35.98
C SER B 50 -20.82 -15.17 35.14
N LEU B 51 -20.61 -15.19 33.83
CA LEU B 51 -21.29 -16.17 33.00
C LEU B 51 -20.69 -17.55 33.16
N ILE B 52 -19.42 -17.63 33.54
CA ILE B 52 -18.81 -18.93 33.78
C ILE B 52 -19.37 -19.50 35.05
N MET B 53 -19.24 -18.77 36.15
CA MET B 53 -19.74 -19.23 37.42
C MET B 53 -21.21 -19.58 37.36
N ASN B 54 -22.03 -18.66 36.88
CA ASN B 54 -23.46 -18.90 36.85
C ASN B 54 -23.81 -20.07 35.93
N TYR B 55 -22.97 -20.34 34.93
CA TYR B 55 -23.21 -21.50 34.08
C TYR B 55 -22.64 -22.75 34.74
N GLY B 56 -22.21 -22.62 35.99
CA GLY B 56 -21.62 -23.75 36.69
C GLY B 56 -20.35 -24.19 36.00
N LEU B 57 -20.06 -23.59 34.85
CA LEU B 57 -18.86 -23.95 34.11
C LEU B 57 -17.66 -24.15 35.01
N TYR B 58 -17.47 -23.24 35.95
CA TYR B 58 -16.31 -23.33 36.84
C TYR B 58 -16.07 -24.75 37.32
N LYS B 59 -17.14 -25.44 37.72
CA LYS B 59 -16.99 -26.80 38.20
C LYS B 59 -16.15 -27.63 37.25
N LYS B 60 -16.40 -27.51 35.96
CA LYS B 60 -15.68 -28.32 34.97
C LYS B 60 -14.23 -27.88 34.76
N MET B 61 -13.79 -26.86 35.50
CA MET B 61 -12.43 -26.36 35.33
C MET B 61 -11.78 -26.04 36.66
N GLU B 62 -10.49 -25.71 36.63
CA GLU B 62 -9.78 -25.37 37.84
C GLU B 62 -9.53 -23.88 37.88
N ILE B 63 -10.13 -23.18 38.83
CA ILE B 63 -9.99 -21.73 38.85
C ILE B 63 -8.71 -21.37 39.59
N TYR B 64 -7.93 -20.47 39.02
CA TYR B 64 -6.71 -19.97 39.65
C TYR B 64 -6.66 -18.46 39.59
N ARG B 65 -6.06 -17.87 40.63
CA ARG B 65 -5.72 -16.45 40.64
C ARG B 65 -4.21 -16.36 40.49
N ALA B 66 -3.75 -15.99 39.30
CA ALA B 66 -2.32 -15.98 39.02
C ALA B 66 -1.62 -14.85 39.76
N LYS B 67 -0.37 -15.10 40.14
CA LYS B 67 0.43 -14.07 40.77
C LYS B 67 0.76 -12.98 39.75
N PRO B 68 0.57 -11.70 40.09
CA PRO B 68 0.86 -10.63 39.13
C PRO B 68 2.35 -10.53 38.80
N ALA B 69 2.63 -10.15 37.57
CA ALA B 69 4.00 -10.06 37.08
C ALA B 69 4.72 -8.87 37.71
N THR B 70 6.03 -9.02 37.91
CA THR B 70 6.85 -7.94 38.42
C THR B 70 7.51 -7.21 37.26
N LYS B 71 8.41 -6.27 37.56
CA LYS B 71 9.01 -5.44 36.54
C LYS B 71 10.00 -6.23 35.69
N GLN B 72 10.82 -7.03 36.35
CA GLN B 72 11.83 -7.79 35.64
C GLN B 72 11.18 -8.84 34.80
N GLU B 73 10.22 -9.54 35.35
CA GLU B 73 9.50 -10.53 34.57
C GLU B 73 8.91 -9.87 33.35
N MET B 74 8.41 -8.66 33.53
CA MET B 74 7.86 -7.92 32.41
C MET B 74 8.92 -7.64 31.35
N CYS B 75 10.15 -7.40 31.79
CA CYS B 75 11.26 -7.08 30.89
C CYS B 75 11.80 -8.29 30.14
N GLN B 76 11.11 -9.44 30.17
CA GLN B 76 11.47 -10.57 29.32
C GLN B 76 11.24 -10.27 27.85
N PHE B 77 10.36 -9.33 27.53
CA PHE B 77 10.16 -8.86 26.16
C PHE B 77 10.33 -7.37 26.02
N HIS B 78 9.84 -6.58 26.97
CA HIS B 78 9.90 -5.14 26.88
C HIS B 78 11.21 -4.61 27.47
N THR B 79 11.50 -3.35 27.19
CA THR B 79 12.70 -2.72 27.70
C THR B 79 12.52 -2.28 29.14
N ASP B 80 13.65 -1.98 29.79
CA ASP B 80 13.61 -1.57 31.20
C ASP B 80 12.94 -0.22 31.37
N GLU B 81 13.22 0.73 30.46
CA GLU B 81 12.66 2.06 30.60
C GLU B 81 11.17 2.09 30.36
N TYR B 82 10.66 1.26 29.44
CA TYR B 82 9.23 1.23 29.17
C TYR B 82 8.46 0.65 30.34
N ILE B 83 8.95 -0.44 30.93
CA ILE B 83 8.31 -1.05 32.08
C ILE B 83 8.41 -0.14 33.30
N ASP B 84 9.53 0.57 33.42
CA ASP B 84 9.66 1.51 34.50
C ASP B 84 8.59 2.56 34.33
N PHE B 85 8.54 3.18 33.17
CA PHE B 85 7.57 4.24 32.93
C PHE B 85 6.15 3.75 33.19
N LEU B 86 5.83 2.52 32.78
CA LEU B 86 4.50 1.97 33.02
C LEU B 86 4.23 1.81 34.50
N SER B 87 5.23 1.37 35.27
CA SER B 87 5.07 1.22 36.71
C SER B 87 5.11 2.54 37.45
N ARG B 88 5.61 3.62 36.83
CA ARG B 88 5.74 4.89 37.53
C ARG B 88 4.73 5.95 37.11
N VAL B 89 4.00 5.75 36.01
CA VAL B 89 3.11 6.80 35.53
C VAL B 89 1.74 6.64 36.17
N THR B 90 1.14 7.77 36.51
CA THR B 90 -0.24 7.88 37.00
C THR B 90 -0.87 9.06 36.27
N PRO B 91 -2.20 9.13 36.25
CA PRO B 91 -2.85 10.35 35.72
C PRO B 91 -2.51 11.61 36.50
N ASP B 92 -2.06 11.50 37.75
CA ASP B 92 -1.67 12.69 38.50
C ASP B 92 -0.37 13.27 37.95
N ASN B 93 0.71 12.49 37.91
CA ASN B 93 2.00 12.99 37.45
C ASN B 93 2.21 12.72 35.97
N LEU B 94 1.23 13.12 35.15
CA LEU B 94 1.40 13.04 33.70
C LEU B 94 2.26 14.18 33.18
N GLU B 95 2.22 15.34 33.86
CA GLU B 95 3.05 16.47 33.42
C GLU B 95 4.52 16.27 33.77
N MET B 96 4.84 15.28 34.60
CA MET B 96 6.23 14.89 34.80
C MET B 96 6.79 14.09 33.63
N PHE B 97 5.93 13.48 32.81
CA PHE B 97 6.35 12.58 31.73
C PHE B 97 5.69 13.00 30.42
N LYS B 98 6.36 13.87 29.66
CA LYS B 98 5.96 14.15 28.28
C LYS B 98 6.87 13.50 27.25
N ARG B 99 8.18 13.46 27.49
CA ARG B 99 9.08 12.79 26.57
C ARG B 99 8.81 11.30 26.51
N GLU B 100 8.56 10.68 27.66
CA GLU B 100 8.15 9.27 27.67
C GLU B 100 6.75 9.09 27.12
N SER B 101 5.92 10.14 27.16
CA SER B 101 4.56 10.02 26.62
C SER B 101 4.59 9.87 25.11
N VAL B 102 5.41 10.65 24.40
CA VAL B 102 5.56 10.47 22.97
C VAL B 102 6.46 9.30 22.64
N LYS B 103 7.40 8.96 23.53
CA LYS B 103 8.33 7.87 23.28
C LYS B 103 7.60 6.53 23.28
N PHE B 104 6.76 6.29 24.28
CA PHE B 104 6.10 5.01 24.46
C PHE B 104 4.64 5.02 24.04
N ASN B 105 4.17 6.11 23.45
CA ASN B 105 2.80 6.19 22.95
C ASN B 105 1.73 6.14 24.02
N VAL B 106 2.13 6.10 25.29
CA VAL B 106 1.14 6.12 26.35
C VAL B 106 0.48 7.48 26.39
N GLY B 107 -0.83 7.51 26.21
CA GLY B 107 -1.56 8.76 26.18
C GLY B 107 -2.58 8.62 25.06
N ASP B 108 -3.67 9.37 25.14
CA ASP B 108 -4.70 9.28 24.10
C ASP B 108 -5.20 7.87 23.90
N ASP B 109 -4.92 7.28 22.74
CA ASP B 109 -5.42 5.95 22.44
C ASP B 109 -5.22 5.02 23.60
N CYS B 110 -4.00 4.95 24.13
CA CYS B 110 -3.74 4.15 25.31
C CYS B 110 -3.65 5.12 26.45
N PRO B 111 -4.75 5.30 27.19
CA PRO B 111 -4.75 6.33 28.23
C PRO B 111 -3.98 6.00 29.49
N VAL B 112 -3.94 6.92 30.45
CA VAL B 112 -3.24 6.70 31.71
C VAL B 112 -4.16 6.69 32.93
N PHE B 113 -4.68 5.54 33.30
CA PHE B 113 -5.52 5.34 34.47
C PHE B 113 -4.65 4.78 35.59
N ASP B 114 -5.05 5.05 36.83
CA ASP B 114 -4.17 4.80 37.96
C ASP B 114 -4.08 3.34 38.36
N GLY B 115 -4.83 2.45 37.70
CA GLY B 115 -4.64 1.02 37.88
C GLY B 115 -3.98 0.38 36.68
N LEU B 116 -3.11 1.13 36.00
CA LEU B 116 -2.49 0.64 34.77
C LEU B 116 -1.50 -0.48 35.05
N TYR B 117 -0.58 -0.25 36.00
CA TYR B 117 0.45 -1.22 36.29
C TYR B 117 -0.14 -2.51 36.86
N GLU B 118 -1.17 -2.38 37.70
CA GLU B 118 -1.80 -3.56 38.28
C GLU B 118 -2.56 -4.37 37.23
N TYR B 119 -3.25 -3.69 36.31
CA TYR B 119 -3.96 -4.40 35.24
C TYR B 119 -2.99 -5.13 34.33
N CYS B 120 -1.89 -4.45 33.96
CA CYS B 120 -0.87 -5.08 33.14
C CYS B 120 -0.22 -6.25 33.86
N SER B 121 0.02 -6.11 35.16
CA SER B 121 0.62 -7.19 35.95
C SER B 121 -0.31 -8.39 36.04
N ILE B 122 -1.62 -8.15 36.21
CA ILE B 122 -2.59 -9.24 36.26
C ILE B 122 -2.64 -9.98 34.94
N SER B 123 -2.67 -9.24 33.84
CA SER B 123 -2.69 -9.86 32.52
C SER B 123 -1.43 -10.68 32.27
N GLY B 124 -0.27 -10.10 32.51
CA GLY B 124 0.98 -10.80 32.26
C GLY B 124 1.17 -12.01 33.16
N GLY B 125 0.79 -11.89 34.43
CA GLY B 125 0.88 -13.02 35.34
C GLY B 125 -0.07 -14.14 34.96
N GLY B 126 -1.27 -13.79 34.49
CA GLY B 126 -2.19 -14.81 33.99
C GLY B 126 -1.63 -15.56 32.79
N SER B 127 -1.04 -14.81 31.85
CA SER B 127 -0.45 -15.46 30.68
C SER B 127 0.73 -16.35 31.05
N MET B 128 1.64 -15.86 31.89
CA MET B 128 2.81 -16.66 32.23
C MET B 128 2.45 -17.86 33.10
N GLU B 129 1.46 -17.72 33.99
CA GLU B 129 1.04 -18.86 34.80
C GLU B 129 0.29 -19.89 33.99
N GLY B 130 -0.51 -19.46 33.00
CA GLY B 130 -1.12 -20.43 32.10
C GLY B 130 -0.09 -21.18 31.28
N ALA B 131 0.94 -20.48 30.83
CA ALA B 131 2.00 -21.15 30.07
C ALA B 131 2.79 -22.10 30.96
N ALA B 132 3.01 -21.73 32.22
CA ALA B 132 3.69 -22.61 33.17
C ALA B 132 2.86 -23.86 33.45
N ARG B 133 1.56 -23.70 33.64
CA ARG B 133 0.70 -24.86 33.89
C ARG B 133 0.61 -25.75 32.66
N LEU B 134 0.72 -25.18 31.46
CA LEU B 134 0.84 -26.01 30.26
C LEU B 134 2.17 -26.73 30.19
N ASN B 135 3.25 -26.09 30.67
CA ASN B 135 4.58 -26.68 30.57
C ASN B 135 4.72 -27.88 31.49
N ARG B 136 4.19 -27.78 32.69
CA ARG B 136 4.35 -28.85 33.67
C ARG B 136 3.31 -29.96 33.53
N GLY B 137 2.40 -29.84 32.58
CA GLY B 137 1.40 -30.86 32.35
C GLY B 137 0.25 -30.86 33.34
N LYS B 138 0.12 -29.81 34.16
CA LYS B 138 -0.98 -29.74 35.12
C LYS B 138 -2.32 -29.51 34.45
N CYS B 139 -2.33 -28.99 33.22
CA CYS B 139 -3.57 -28.78 32.49
C CYS B 139 -3.29 -28.89 31.00
N ASP B 140 -4.35 -29.17 30.24
CA ASP B 140 -4.26 -29.24 28.79
C ASP B 140 -4.70 -27.95 28.11
N VAL B 141 -5.65 -27.23 28.70
CA VAL B 141 -6.12 -25.95 28.19
C VAL B 141 -5.99 -24.92 29.30
N ALA B 142 -5.28 -23.83 29.02
CA ALA B 142 -5.14 -22.72 29.96
C ALA B 142 -5.95 -21.54 29.44
N VAL B 143 -6.87 -21.05 30.25
CA VAL B 143 -7.77 -19.98 29.84
C VAL B 143 -7.46 -18.75 30.67
N ASN B 144 -7.16 -17.64 30.00
CA ASN B 144 -6.84 -16.37 30.67
C ASN B 144 -7.39 -15.25 29.79
N TYR B 145 -8.59 -14.78 30.12
CA TYR B 145 -9.22 -13.69 29.38
C TYR B 145 -8.76 -12.32 29.84
N ALA B 146 -7.97 -12.23 30.90
CA ALA B 146 -7.49 -10.94 31.38
C ALA B 146 -6.41 -10.35 30.49
N GLY B 147 -5.78 -11.16 29.64
CA GLY B 147 -4.72 -10.68 28.78
C GLY B 147 -5.16 -10.32 27.39
N GLY B 148 -4.47 -10.87 26.39
CA GLY B 148 -4.85 -10.65 25.00
C GLY B 148 -4.35 -9.36 24.40
N LEU B 149 -3.45 -8.66 25.08
CA LEU B 149 -2.95 -7.38 24.61
C LEU B 149 -1.89 -7.63 23.54
N HIS B 150 -2.37 -7.94 22.34
CA HIS B 150 -1.52 -8.37 21.23
C HIS B 150 -0.96 -7.23 20.40
N HIS B 151 -1.35 -5.99 20.69
CA HIS B 151 -0.83 -4.86 19.93
C HIS B 151 0.39 -4.21 20.57
N ALA B 152 0.68 -4.53 21.83
CA ALA B 152 1.82 -3.93 22.50
C ALA B 152 3.12 -4.44 21.91
N LYS B 153 4.14 -3.59 21.93
CA LYS B 153 5.42 -3.88 21.31
C LYS B 153 6.53 -3.72 22.34
N LYS B 154 7.77 -3.73 21.86
CA LYS B 154 8.94 -3.77 22.74
C LYS B 154 9.07 -2.52 23.60
N SER B 155 8.85 -1.35 23.01
CA SER B 155 9.01 -0.10 23.75
C SER B 155 7.90 0.88 23.40
N GLU B 156 6.68 0.38 23.23
CA GLU B 156 5.55 1.26 22.96
C GLU B 156 4.26 0.58 23.37
N ALA B 157 3.22 1.39 23.51
CA ALA B 157 1.88 0.91 23.80
C ALA B 157 0.95 1.41 22.70
N SER B 158 0.24 0.48 22.06
CA SER B 158 -0.65 0.82 20.96
C SER B 158 -1.86 -0.11 21.01
N GLY B 159 -2.93 0.31 20.35
CA GLY B 159 -4.11 -0.53 20.19
C GLY B 159 -4.82 -0.88 21.48
N PHE B 160 -4.70 -0.01 22.48
CA PHE B 160 -5.28 -0.28 23.79
C PHE B 160 -4.49 -1.38 24.47
N CYS B 161 -3.24 -1.57 24.08
CA CYS B 161 -2.43 -2.65 24.62
C CYS B 161 -1.11 -2.08 25.12
N TYR B 162 -0.82 -2.29 26.40
CA TYR B 162 0.38 -1.77 27.04
C TYR B 162 1.45 -2.84 27.20
N LEU B 163 1.08 -4.02 27.67
CA LEU B 163 2.00 -5.12 27.91
C LEU B 163 1.60 -6.28 27.01
N ASN B 164 2.51 -6.70 26.15
CA ASN B 164 2.23 -7.83 25.26
C ASN B 164 2.44 -9.11 26.05
N ASP B 165 1.40 -9.50 26.79
CA ASP B 165 1.46 -10.67 27.65
C ASP B 165 1.49 -11.96 26.85
N ILE B 166 0.98 -11.93 25.62
CA ILE B 166 1.01 -13.11 24.76
C ILE B 166 2.44 -13.48 24.40
N VAL B 167 3.30 -12.48 24.22
CA VAL B 167 4.72 -12.74 23.96
C VAL B 167 5.36 -13.41 25.16
N LEU B 168 5.03 -12.97 26.38
CA LEU B 168 5.57 -13.62 27.57
C LEU B 168 5.06 -15.04 27.72
N GLY B 169 3.78 -15.27 27.39
CA GLY B 169 3.25 -16.62 27.43
C GLY B 169 3.90 -17.55 26.43
N ILE B 170 4.13 -17.06 25.21
CA ILE B 170 4.82 -17.85 24.20
C ILE B 170 6.28 -18.08 24.59
N ILE B 171 6.92 -17.09 25.23
CA ILE B 171 8.29 -17.23 25.71
C ILE B 171 8.37 -18.32 26.78
N GLU B 172 7.42 -18.32 27.71
CA GLU B 172 7.39 -19.34 28.75
C GLU B 172 7.06 -20.72 28.17
N LEU B 173 6.24 -20.76 27.11
CA LEU B 173 6.01 -22.02 26.42
C LEU B 173 7.24 -22.50 25.66
N LEU B 174 8.08 -21.58 25.19
CA LEU B 174 9.27 -21.95 24.42
C LEU B 174 10.34 -22.61 25.27
N ARG B 175 10.27 -22.45 26.60
CA ARG B 175 11.24 -23.10 27.47
C ARG B 175 11.00 -24.60 27.57
N TYR B 176 9.81 -25.08 27.19
CA TYR B 176 9.49 -26.49 27.22
C TYR B 176 9.00 -27.03 25.89
N HIS B 177 8.64 -26.17 24.94
CA HIS B 177 8.16 -26.62 23.64
C HIS B 177 9.04 -26.08 22.52
N PRO B 178 9.41 -26.91 21.55
CA PRO B 178 10.29 -26.44 20.47
C PRO B 178 9.57 -25.57 19.46
N ARG B 179 8.30 -25.87 19.17
CA ARG B 179 7.53 -25.13 18.18
C ARG B 179 6.21 -24.70 18.80
N VAL B 180 5.89 -23.41 18.69
CA VAL B 180 4.67 -22.82 19.24
C VAL B 180 3.94 -22.12 18.11
N LEU B 181 2.64 -22.40 17.97
CA LEU B 181 1.81 -21.77 16.98
C LEU B 181 0.84 -20.81 17.65
N TYR B 182 0.86 -19.55 17.24
CA TYR B 182 -0.04 -18.52 17.73
C TYR B 182 -1.06 -18.22 16.64
N ILE B 183 -2.33 -18.25 16.98
CA ILE B 183 -3.43 -18.00 16.04
C ILE B 183 -4.24 -16.82 16.57
N ASP B 184 -4.36 -15.78 15.75
CA ASP B 184 -5.02 -14.53 16.14
C ASP B 184 -6.28 -14.37 15.30
N ILE B 185 -7.44 -14.64 15.89
CA ILE B 185 -8.72 -14.45 15.22
C ILE B 185 -9.34 -13.09 15.55
N ASP B 186 -8.55 -12.19 16.13
CA ASP B 186 -8.97 -10.80 16.29
C ASP B 186 -9.16 -10.15 14.93
N VAL B 187 -10.09 -9.21 14.86
CA VAL B 187 -10.33 -8.51 13.59
C VAL B 187 -9.14 -7.61 13.25
N HIS B 188 -8.37 -7.19 14.25
CA HIS B 188 -7.14 -6.47 14.03
C HIS B 188 -5.99 -7.46 13.84
N HIS B 189 -4.92 -6.98 13.22
CA HIS B 189 -3.73 -7.80 13.04
C HIS B 189 -2.89 -7.81 14.31
N GLY B 190 -2.40 -8.99 14.68
CA GLY B 190 -1.54 -9.12 15.84
C GLY B 190 -0.14 -8.62 15.56
N ASP B 191 0.02 -7.30 15.47
CA ASP B 191 1.27 -6.70 15.04
C ASP B 191 2.38 -6.90 16.06
N GLY B 192 2.05 -6.79 17.35
CA GLY B 192 3.07 -6.96 18.37
C GLY B 192 3.61 -8.38 18.46
N VAL B 193 2.72 -9.37 18.43
CA VAL B 193 3.15 -10.76 18.53
C VAL B 193 3.89 -11.19 17.27
N GLU B 194 3.42 -10.76 16.10
CA GLU B 194 4.10 -11.10 14.86
C GLU B 194 5.45 -10.40 14.74
N GLU B 195 5.52 -9.15 15.19
CA GLU B 195 6.79 -8.42 15.16
C GLU B 195 7.79 -9.02 16.14
N ALA B 196 7.31 -9.49 17.29
CA ALA B 196 8.19 -10.10 18.28
C ALA B 196 8.81 -11.39 17.76
N PHE B 197 8.05 -12.17 17.00
CA PHE B 197 8.49 -13.46 16.50
C PHE B 197 8.58 -13.46 14.97
N TYR B 198 9.06 -12.35 14.40
CA TYR B 198 9.16 -12.24 12.94
C TYR B 198 10.35 -13.02 12.39
N THR B 199 11.46 -13.03 13.11
CA THR B 199 12.71 -13.56 12.61
C THR B 199 13.03 -14.96 13.14
N THR B 200 12.08 -15.62 13.79
CA THR B 200 12.32 -16.94 14.35
C THR B 200 11.41 -17.97 13.70
N ASP B 201 11.91 -19.20 13.62
CA ASP B 201 11.11 -20.33 13.15
C ASP B 201 10.48 -21.11 14.29
N ARG B 202 10.82 -20.79 15.53
CA ARG B 202 10.26 -21.53 16.66
C ARG B 202 8.81 -21.14 16.92
N VAL B 203 8.40 -19.94 16.53
CA VAL B 203 7.04 -19.48 16.72
C VAL B 203 6.47 -19.15 15.35
N MET B 204 5.29 -19.70 15.07
CA MET B 204 4.60 -19.39 13.83
C MET B 204 3.39 -18.58 14.23
N THR B 205 3.23 -17.42 13.64
CA THR B 205 2.13 -16.51 13.99
C THR B 205 1.20 -16.40 12.78
N CYS B 206 0.02 -16.99 12.90
CA CYS B 206 -1.01 -16.90 11.88
C CYS B 206 -2.11 -15.97 12.37
N SER B 207 -2.38 -14.92 11.61
CA SER B 207 -3.31 -13.88 12.02
C SER B 207 -4.38 -13.71 10.95
N PHE B 208 -5.61 -14.11 11.28
CA PHE B 208 -6.77 -13.90 10.41
C PHE B 208 -7.34 -12.53 10.77
N HIS B 209 -7.12 -11.54 9.92
CA HIS B 209 -7.47 -10.18 10.30
C HIS B 209 -8.01 -9.41 9.10
N LYS B 210 -8.76 -8.36 9.40
CA LYS B 210 -9.14 -7.41 8.36
C LYS B 210 -7.94 -6.56 7.99
N TYR B 211 -7.64 -6.49 6.69
CA TYR B 211 -6.55 -5.68 6.18
C TYR B 211 -7.10 -4.76 5.10
N GLY B 212 -7.34 -3.51 5.47
CA GLY B 212 -7.72 -2.49 4.52
C GLY B 212 -6.91 -1.24 4.80
N GLU B 213 -7.62 -0.14 5.08
CA GLU B 213 -7.04 1.00 5.79
C GLU B 213 -7.34 0.91 7.27
N PHE B 214 -7.32 -0.32 7.78
CA PHE B 214 -7.69 -0.65 9.14
C PHE B 214 -6.46 -0.75 10.03
N PHE B 215 -6.68 -0.61 11.32
CA PHE B 215 -5.62 -0.73 12.30
C PHE B 215 -5.10 -2.17 12.33
N PRO B 216 -3.79 -2.38 12.47
CA PRO B 216 -2.71 -1.39 12.52
C PRO B 216 -2.05 -1.18 11.16
N GLY B 217 -2.69 -1.59 10.06
CA GLY B 217 -2.12 -1.44 8.75
C GLY B 217 -1.15 -2.53 8.36
N THR B 218 -0.52 -3.19 9.33
CA THR B 218 0.37 -4.30 9.05
C THR B 218 -0.44 -5.58 8.82
N GLY B 219 0.26 -6.62 8.40
CA GLY B 219 -0.37 -7.90 8.20
C GLY B 219 -0.76 -8.16 6.75
N GLU B 220 0.02 -7.60 5.83
CA GLU B 220 -0.26 -7.77 4.42
C GLU B 220 0.25 -9.16 4.03
N LEU B 221 -0.28 -9.71 2.93
CA LEU B 221 -0.05 -11.10 2.56
C LEU B 221 1.42 -11.42 2.30
N ARG B 222 2.20 -10.45 1.85
CA ARG B 222 3.59 -10.68 1.55
C ARG B 222 4.46 -10.70 2.80
N ASP B 223 3.91 -10.28 3.93
CA ASP B 223 4.63 -10.32 5.20
C ASP B 223 4.69 -11.78 5.66
N ILE B 224 5.83 -12.43 5.44
CA ILE B 224 5.97 -13.84 5.76
C ILE B 224 7.18 -14.06 6.65
N GLY B 225 7.73 -12.98 7.20
CA GLY B 225 8.88 -13.11 8.06
C GLY B 225 10.18 -13.05 7.29
N VAL B 226 11.24 -12.59 7.97
CA VAL B 226 12.56 -12.47 7.37
C VAL B 226 13.54 -13.33 8.16
N GLY B 227 14.70 -13.56 7.54
CA GLY B 227 15.74 -14.32 8.20
C GLY B 227 15.36 -15.78 8.35
N ALA B 228 15.55 -16.31 9.56
CA ALA B 228 15.14 -17.68 9.86
C ALA B 228 13.63 -17.81 10.01
N GLY B 229 12.90 -16.71 10.11
CA GLY B 229 11.46 -16.75 10.27
C GLY B 229 10.72 -16.57 8.96
N LYS B 230 11.40 -16.78 7.84
CA LYS B 230 10.76 -16.69 6.54
C LYS B 230 9.76 -17.83 6.37
N ASN B 231 8.57 -17.49 5.85
CA ASN B 231 7.40 -18.36 5.77
C ASN B 231 6.95 -18.89 7.13
N TYR B 232 7.25 -18.16 8.21
CA TYR B 232 6.82 -18.53 9.55
C TYR B 232 5.98 -17.42 10.17
N ALA B 233 5.30 -16.62 9.35
CA ALA B 233 4.38 -15.59 9.82
C ALA B 233 3.29 -15.47 8.75
N VAL B 234 2.17 -16.14 8.99
CA VAL B 234 1.09 -16.20 8.02
C VAL B 234 0.08 -15.10 8.33
N ASN B 235 -0.23 -14.29 7.35
CA ASN B 235 -1.24 -13.24 7.47
C ASN B 235 -2.37 -13.53 6.51
N VAL B 236 -3.59 -13.54 7.03
CA VAL B 236 -4.78 -13.78 6.22
C VAL B 236 -5.58 -12.48 6.16
N PRO B 237 -5.47 -11.71 5.08
CA PRO B 237 -6.24 -10.48 4.95
C PRO B 237 -7.68 -10.78 4.54
N LEU B 238 -8.62 -10.19 5.24
CA LEU B 238 -10.04 -10.39 4.98
C LEU B 238 -10.70 -9.03 4.79
N ARG B 239 -11.80 -9.04 4.06
CA ARG B 239 -12.59 -7.84 3.84
C ARG B 239 -13.72 -7.78 4.86
N ASP B 240 -14.62 -6.81 4.68
CA ASP B 240 -15.68 -6.59 5.66
C ASP B 240 -16.77 -7.65 5.55
N GLY B 241 -17.44 -7.88 6.68
CA GLY B 241 -18.65 -8.69 6.70
C GLY B 241 -18.49 -10.16 6.41
N ILE B 242 -17.37 -10.76 6.81
CA ILE B 242 -17.21 -12.20 6.64
C ILE B 242 -18.12 -12.92 7.63
N ASP B 243 -18.89 -13.88 7.14
CA ASP B 243 -19.84 -14.59 7.99
C ASP B 243 -19.26 -15.92 8.46
N ASP B 244 -20.10 -16.73 9.10
CA ASP B 244 -19.63 -17.93 9.79
C ASP B 244 -19.12 -18.99 8.82
N ALA B 245 -19.87 -19.23 7.74
CA ALA B 245 -19.46 -20.26 6.77
C ALA B 245 -18.19 -19.84 6.04
N THR B 246 -18.10 -18.58 5.65
CA THR B 246 -16.91 -18.07 4.97
C THR B 246 -15.68 -18.11 5.88
N TYR B 247 -15.86 -17.69 7.14
CA TYR B 247 -14.74 -17.71 8.09
C TYR B 247 -14.30 -19.13 8.40
N ARG B 248 -15.26 -20.07 8.49
CA ARG B 248 -14.91 -21.47 8.67
C ARG B 248 -14.12 -21.99 7.48
N SER B 249 -14.57 -21.67 6.26
CA SER B 249 -13.91 -22.18 5.06
C SER B 249 -12.57 -21.52 4.79
N VAL B 250 -12.26 -20.39 5.40
CA VAL B 250 -10.89 -19.88 5.28
C VAL B 250 -10.04 -20.34 6.47
N PHE B 251 -10.64 -20.50 7.64
CA PHE B 251 -9.88 -20.81 8.84
C PHE B 251 -9.44 -22.27 8.87
N GLU B 252 -10.38 -23.19 8.65
CA GLU B 252 -10.08 -24.61 8.80
C GLU B 252 -9.02 -25.16 7.83
N PRO B 253 -9.04 -24.87 6.52
CA PRO B 253 -7.93 -25.39 5.68
C PRO B 253 -6.56 -24.80 6.03
N VAL B 254 -6.50 -23.52 6.38
CA VAL B 254 -5.22 -22.89 6.69
C VAL B 254 -4.63 -23.46 7.98
N ILE B 255 -5.46 -23.56 9.02
CA ILE B 255 -5.01 -24.11 10.29
C ILE B 255 -4.69 -25.60 10.14
N LYS B 256 -5.45 -26.32 9.32
CA LYS B 256 -5.13 -27.73 9.06
C LYS B 256 -3.79 -27.87 8.36
N LYS B 257 -3.51 -27.01 7.37
CA LYS B 257 -2.23 -27.07 6.67
C LYS B 257 -1.08 -26.70 7.60
N ILE B 258 -1.31 -25.76 8.52
CA ILE B 258 -0.30 -25.43 9.52
C ILE B 258 -0.04 -26.63 10.44
N MET B 259 -1.09 -27.27 10.91
CA MET B 259 -0.86 -28.37 11.80
C MET B 259 -0.07 -29.44 11.06
N GLU B 260 -0.56 -29.89 9.91
CA GLU B 260 0.12 -30.98 9.23
C GLU B 260 1.41 -30.57 8.53
N TRP B 261 1.79 -29.29 8.59
CA TRP B 261 3.05 -28.84 8.02
C TRP B 261 4.01 -28.28 9.05
N TYR B 262 3.57 -27.32 9.87
CA TYR B 262 4.44 -26.75 10.90
C TYR B 262 4.63 -27.70 12.07
N GLN B 263 3.59 -28.49 12.40
CA GLN B 263 3.52 -29.43 13.52
C GLN B 263 3.97 -28.80 14.84
N PRO B 264 3.19 -27.90 15.42
CA PRO B 264 3.60 -27.26 16.67
C PRO B 264 3.43 -28.19 17.86
N SER B 265 4.13 -27.85 18.94
CA SER B 265 4.00 -28.56 20.20
C SER B 265 3.04 -27.87 21.16
N ALA B 266 2.81 -26.57 21.00
CA ALA B 266 1.85 -25.83 21.82
C ALA B 266 1.15 -24.80 20.95
N VAL B 267 -0.08 -24.45 21.35
CA VAL B 267 -0.91 -23.51 20.61
C VAL B 267 -1.33 -22.39 21.55
N VAL B 268 -1.21 -21.16 21.09
CA VAL B 268 -1.79 -19.99 21.76
C VAL B 268 -2.85 -19.44 20.84
N LEU B 269 -4.03 -19.14 21.38
CA LEU B 269 -5.18 -18.71 20.59
C LEU B 269 -5.70 -17.39 21.15
N GLN B 270 -5.46 -16.31 20.40
CA GLN B 270 -5.99 -15.00 20.73
C GLN B 270 -7.45 -14.99 20.29
N CYS B 271 -8.37 -14.97 21.26
CA CYS B 271 -9.80 -15.00 20.98
C CYS B 271 -10.34 -13.58 21.11
N GLY B 272 -10.19 -12.82 20.03
CA GLY B 272 -10.66 -11.45 20.01
C GLY B 272 -12.17 -11.39 19.84
N GLY B 273 -12.86 -10.70 20.73
CA GLY B 273 -14.28 -10.51 20.56
C GLY B 273 -14.66 -9.41 19.60
N ASP B 274 -13.68 -8.64 19.13
CA ASP B 274 -13.93 -7.59 18.16
C ASP B 274 -14.19 -8.13 16.76
N SER B 275 -13.96 -9.43 16.53
CA SER B 275 -14.32 -10.04 15.27
C SER B 275 -15.79 -10.44 15.20
N LEU B 276 -16.55 -10.20 16.26
CA LEU B 276 -17.97 -10.51 16.27
C LEU B 276 -18.76 -9.46 15.50
N SER B 277 -19.99 -9.81 15.16
CA SER B 277 -20.90 -8.87 14.54
C SER B 277 -21.38 -7.84 15.55
N GLY B 278 -21.66 -6.64 15.07
CA GLY B 278 -22.14 -5.58 15.94
C GLY B 278 -21.08 -4.95 16.81
N ASP B 279 -19.81 -5.19 16.53
CA ASP B 279 -18.73 -4.65 17.35
C ASP B 279 -18.57 -3.15 17.12
N ARG B 280 -18.08 -2.45 18.15
CA ARG B 280 -17.90 -1.01 18.06
C ARG B 280 -16.81 -0.62 17.07
N LEU B 281 -15.69 -1.32 17.10
CA LEU B 281 -14.60 -1.04 16.17
C LEU B 281 -14.40 -2.10 15.12
N GLY B 282 -14.78 -3.34 15.40
CA GLY B 282 -14.65 -4.40 14.42
C GLY B 282 -15.64 -4.25 13.28
N CYS B 283 -15.28 -4.85 12.14
CA CYS B 283 -16.09 -4.75 10.93
C CYS B 283 -16.41 -6.12 10.35
N PHE B 284 -16.42 -7.16 11.16
CA PHE B 284 -16.76 -8.50 10.71
C PHE B 284 -18.20 -8.83 11.06
N ASN B 285 -18.70 -9.92 10.48
CA ASN B 285 -20.07 -10.35 10.67
C ASN B 285 -20.11 -11.78 11.20
N LEU B 286 -19.28 -12.04 12.21
CA LEU B 286 -19.24 -13.36 12.83
C LEU B 286 -20.25 -13.44 13.97
N SER B 287 -21.04 -14.50 13.97
CA SER B 287 -21.88 -14.80 15.11
C SER B 287 -21.06 -15.52 16.18
N MET B 288 -21.69 -15.89 17.27
CA MET B 288 -20.98 -16.61 18.30
C MET B 288 -20.60 -17.98 17.78
N GLU B 289 -21.53 -18.65 17.11
CA GLU B 289 -21.18 -19.94 16.53
C GLU B 289 -19.96 -19.85 15.62
N GLY B 290 -19.90 -18.81 14.79
CA GLY B 290 -18.78 -18.66 13.88
C GLY B 290 -17.48 -18.36 14.60
N HIS B 291 -17.56 -17.60 15.69
CA HIS B 291 -16.38 -17.36 16.51
C HIS B 291 -15.98 -18.63 17.25
N ALA B 292 -16.94 -19.46 17.62
CA ALA B 292 -16.65 -20.65 18.42
C ALA B 292 -16.18 -21.84 17.60
N ASN B 293 -16.50 -21.89 16.31
CA ASN B 293 -16.08 -23.02 15.50
C ASN B 293 -14.57 -23.06 15.33
N CYS B 294 -13.92 -21.90 15.30
CA CYS B 294 -12.46 -21.85 15.23
C CYS B 294 -11.82 -22.48 16.46
N VAL B 295 -12.35 -22.17 17.65
CA VAL B 295 -11.82 -22.73 18.89
C VAL B 295 -12.12 -24.22 18.98
N ASN B 296 -13.30 -24.65 18.53
CA ASN B 296 -13.60 -26.07 18.53
C ASN B 296 -12.70 -26.83 17.56
N TYR B 297 -12.44 -26.26 16.38
CA TYR B 297 -11.58 -26.92 15.40
C TYR B 297 -10.14 -27.00 15.89
N VAL B 298 -9.65 -25.94 16.54
CA VAL B 298 -8.28 -26.00 17.06
C VAL B 298 -8.22 -26.88 18.31
N LYS B 299 -9.33 -27.07 19.02
CA LYS B 299 -9.36 -28.02 20.12
C LYS B 299 -9.40 -29.46 19.65
N SER B 300 -9.92 -29.70 18.44
CA SER B 300 -9.97 -31.05 17.89
C SER B 300 -8.60 -31.64 17.63
N PHE B 301 -7.55 -30.82 17.53
CA PHE B 301 -6.21 -31.31 17.21
C PHE B 301 -5.52 -31.98 18.39
N GLY B 302 -5.91 -31.68 19.62
CA GLY B 302 -5.32 -32.31 20.78
C GLY B 302 -4.00 -31.73 21.25
N ILE B 303 -3.50 -30.69 20.58
CA ILE B 303 -2.26 -30.04 21.02
C ILE B 303 -2.52 -29.27 22.30
N PRO B 304 -1.60 -29.26 23.27
CA PRO B 304 -1.77 -28.38 24.45
C PRO B 304 -1.85 -26.92 24.05
N MET B 305 -2.92 -26.26 24.50
CA MET B 305 -3.24 -24.93 24.03
C MET B 305 -3.53 -23.98 25.18
N MET B 306 -3.52 -22.69 24.84
CA MET B 306 -3.81 -21.65 25.81
C MET B 306 -4.74 -20.67 25.16
N VAL B 307 -5.97 -20.59 25.63
CA VAL B 307 -6.99 -19.72 25.07
C VAL B 307 -6.92 -18.40 25.85
N VAL B 308 -6.59 -17.32 25.16
CA VAL B 308 -6.41 -16.02 25.79
C VAL B 308 -7.28 -15.02 25.05
N GLY B 309 -8.16 -14.34 25.79
CA GLY B 309 -9.10 -13.42 25.18
C GLY B 309 -8.51 -12.02 25.07
N GLY B 310 -8.73 -11.39 23.93
CA GLY B 310 -8.15 -10.10 23.64
C GLY B 310 -9.13 -8.94 23.55
N GLY B 311 -9.45 -8.55 22.32
CA GLY B 311 -10.30 -7.40 22.07
C GLY B 311 -11.77 -7.65 22.37
N GLY B 312 -12.62 -6.88 21.72
CA GLY B 312 -14.03 -6.90 22.03
C GLY B 312 -14.45 -5.65 22.77
N TYR B 313 -15.25 -4.81 22.11
CA TYR B 313 -15.61 -3.52 22.65
C TYR B 313 -17.09 -3.38 22.97
N THR B 314 -17.93 -4.30 22.51
CA THR B 314 -19.28 -4.46 23.03
C THR B 314 -19.25 -5.62 24.02
N MET B 315 -19.57 -5.31 25.28
CA MET B 315 -19.23 -6.19 26.39
C MET B 315 -20.11 -7.44 26.40
N ARG B 316 -21.37 -7.30 25.99
CA ARG B 316 -22.32 -8.41 26.03
C ARG B 316 -21.91 -9.52 25.06
N ASN B 317 -21.57 -9.14 23.82
CA ASN B 317 -21.26 -10.14 22.80
C ASN B 317 -19.95 -10.86 23.12
N VAL B 318 -18.92 -10.12 23.55
CA VAL B 318 -17.64 -10.75 23.87
C VAL B 318 -17.77 -11.61 25.12
N ALA B 319 -18.60 -11.21 26.09
CA ALA B 319 -18.79 -12.01 27.28
C ALA B 319 -19.53 -13.31 26.96
N ARG B 320 -20.59 -13.22 26.14
CA ARG B 320 -21.33 -14.41 25.76
C ARG B 320 -20.47 -15.36 24.94
N THR B 321 -19.66 -14.82 24.02
CA THR B 321 -18.82 -15.69 23.21
C THR B 321 -17.68 -16.28 24.04
N TRP B 322 -17.18 -15.56 25.06
CA TRP B 322 -16.13 -16.13 25.90
C TRP B 322 -16.69 -17.23 26.80
N CYS B 323 -17.92 -17.04 27.30
CA CYS B 323 -18.58 -18.10 28.05
C CYS B 323 -18.80 -19.32 27.18
N PHE B 324 -19.17 -19.11 25.91
CA PHE B 324 -19.39 -20.26 25.04
C PHE B 324 -18.07 -20.94 24.67
N GLU B 325 -16.98 -20.17 24.52
CA GLU B 325 -15.66 -20.78 24.32
C GLU B 325 -15.26 -21.64 25.52
N THR B 326 -15.44 -21.09 26.72
CA THR B 326 -15.06 -21.81 27.93
C THR B 326 -15.91 -23.06 28.12
N GLY B 327 -17.19 -22.98 27.79
CA GLY B 327 -18.03 -24.17 27.80
C GLY B 327 -17.63 -25.19 26.76
N LEU B 328 -17.22 -24.74 25.57
CA LEU B 328 -16.78 -25.66 24.53
C LEU B 328 -15.48 -26.36 24.91
N LEU B 329 -14.62 -25.68 25.69
CA LEU B 329 -13.36 -26.29 26.10
C LEU B 329 -13.54 -27.40 27.13
N ASN B 330 -14.71 -27.50 27.76
CA ASN B 330 -15.03 -28.62 28.65
C ASN B 330 -15.87 -29.69 27.95
N ASN B 331 -15.88 -29.68 26.62
CA ASN B 331 -16.60 -30.65 25.79
C ASN B 331 -18.11 -30.66 26.07
N VAL B 332 -18.66 -29.49 26.41
CA VAL B 332 -20.10 -29.33 26.55
C VAL B 332 -20.53 -28.19 25.65
N VAL B 333 -21.81 -28.18 25.30
CA VAL B 333 -22.42 -27.08 24.56
C VAL B 333 -23.47 -26.45 25.48
N LEU B 334 -23.22 -25.21 25.87
CA LEU B 334 -24.15 -24.52 26.76
C LEU B 334 -25.43 -24.18 26.02
N ASP B 335 -26.56 -24.36 26.72
CA ASP B 335 -27.86 -24.05 26.15
C ASP B 335 -28.01 -22.55 25.97
N LYS B 336 -28.83 -22.16 24.99
CA LYS B 336 -28.99 -20.75 24.64
C LYS B 336 -30.02 -20.07 25.55
N ASP B 337 -29.85 -20.22 26.85
CA ASP B 337 -30.73 -19.61 27.85
C ASP B 337 -29.86 -19.23 29.04
N LEU B 338 -29.71 -17.94 29.28
CA LEU B 338 -28.81 -17.47 30.33
C LEU B 338 -29.38 -17.78 31.71
N PRO B 339 -28.54 -18.16 32.66
CA PRO B 339 -28.94 -18.16 34.07
C PRO B 339 -28.87 -16.74 34.61
N TYR B 340 -29.36 -16.58 35.84
CA TYR B 340 -29.40 -15.27 36.46
C TYR B 340 -28.03 -14.88 36.97
N ASN B 341 -27.42 -13.89 36.32
CA ASN B 341 -26.19 -13.25 36.80
C ASN B 341 -26.53 -11.85 37.29
N GLU B 342 -25.55 -11.21 37.92
CA GLU B 342 -25.78 -9.85 38.41
C GLU B 342 -25.83 -8.84 37.28
N TYR B 343 -25.19 -9.13 36.15
CA TYR B 343 -25.14 -8.26 35.00
C TYR B 343 -26.11 -8.73 33.92
N TYR B 344 -27.26 -9.27 34.36
CA TYR B 344 -28.24 -9.84 33.44
C TYR B 344 -28.90 -8.80 32.55
N GLU B 345 -28.90 -7.53 32.96
CA GLU B 345 -29.59 -6.49 32.20
C GLU B 345 -28.87 -6.10 30.92
N TYR B 346 -27.63 -6.58 30.71
CA TYR B 346 -26.88 -6.23 29.51
C TYR B 346 -27.41 -6.95 28.27
N TYR B 347 -27.83 -8.20 28.43
CA TYR B 347 -27.99 -9.13 27.31
C TYR B 347 -29.38 -9.07 26.69
N GLY B 348 -30.07 -7.94 26.78
CA GLY B 348 -31.38 -7.80 26.17
C GLY B 348 -31.31 -7.80 24.66
N PRO B 349 -32.47 -7.99 24.01
CA PRO B 349 -33.80 -8.19 24.57
C PRO B 349 -34.20 -9.66 24.73
N ASP B 350 -33.50 -10.61 24.09
CA ASP B 350 -33.89 -12.00 24.17
C ASP B 350 -33.25 -12.73 25.35
N TYR B 351 -32.15 -12.21 25.88
CA TYR B 351 -31.42 -12.78 27.02
C TYR B 351 -30.97 -14.21 26.73
N LYS B 352 -30.54 -14.47 25.50
CA LYS B 352 -30.02 -15.76 25.08
C LYS B 352 -28.52 -15.65 24.83
N LEU B 353 -27.89 -16.81 24.70
CA LEU B 353 -26.43 -16.86 24.56
C LEU B 353 -25.99 -16.47 23.16
N SER B 354 -26.88 -16.59 22.17
CA SER B 354 -26.50 -16.38 20.78
C SER B 354 -26.24 -14.91 20.50
N VAL B 355 -25.20 -14.64 19.72
CA VAL B 355 -24.91 -13.32 19.19
C VAL B 355 -25.36 -13.32 17.74
N ARG B 356 -26.37 -12.51 17.45
CA ARG B 356 -26.99 -12.56 16.13
C ARG B 356 -26.15 -11.80 15.11
N PRO B 357 -25.81 -12.41 13.98
CA PRO B 357 -25.06 -11.68 12.96
C PRO B 357 -25.92 -10.64 12.27
N SER B 358 -25.26 -9.58 11.79
CA SER B 358 -25.94 -8.55 11.02
C SER B 358 -26.12 -9.01 9.58
N ASN B 359 -27.08 -8.39 8.90
CA ASN B 359 -27.36 -8.71 7.50
C ASN B 359 -26.58 -7.81 6.54
N MET B 360 -25.29 -7.67 6.76
CA MET B 360 -24.46 -6.84 5.90
C MET B 360 -23.67 -7.70 4.93
N PHE B 361 -23.12 -7.03 3.90
CA PHE B 361 -22.64 -7.73 2.70
C PHE B 361 -21.39 -8.55 3.02
N ASN B 362 -21.42 -9.82 2.64
CA ASN B 362 -20.23 -10.66 2.68
C ASN B 362 -19.42 -10.37 1.42
N VAL B 363 -18.63 -9.30 1.50
CA VAL B 363 -17.91 -8.80 0.34
C VAL B 363 -16.61 -9.57 0.08
N ASN B 364 -16.28 -10.53 0.94
CA ASN B 364 -15.16 -11.44 0.70
C ASN B 364 -15.55 -12.47 -0.37
N THR B 365 -15.15 -12.22 -1.61
CA THR B 365 -15.51 -13.10 -2.70
C THR B 365 -14.71 -14.40 -2.62
N PRO B 366 -15.26 -15.50 -3.15
CA PRO B 366 -14.51 -16.77 -3.15
C PRO B 366 -13.22 -16.72 -3.96
N GLU B 367 -13.15 -15.93 -5.03
CA GLU B 367 -11.93 -15.87 -5.84
C GLU B 367 -10.79 -15.22 -5.07
N TYR B 368 -11.07 -14.14 -4.34
CA TYR B 368 -10.04 -13.45 -3.58
C TYR B 368 -9.50 -14.34 -2.46
N LEU B 369 -10.40 -15.03 -1.74
CA LEU B 369 -9.96 -15.93 -0.69
C LEU B 369 -9.25 -17.15 -1.25
N ASP B 370 -9.65 -17.61 -2.44
CA ASP B 370 -8.94 -18.70 -3.10
C ASP B 370 -7.51 -18.29 -3.43
N LYS B 371 -7.32 -17.07 -3.96
CA LYS B 371 -5.97 -16.58 -4.25
C LYS B 371 -5.15 -16.41 -2.97
N VAL B 372 -5.78 -15.90 -1.91
CA VAL B 372 -5.07 -15.67 -0.64
C VAL B 372 -4.61 -16.99 -0.04
N MET B 373 -5.51 -17.99 0.01
CA MET B 373 -5.11 -19.26 0.59
C MET B 373 -4.22 -20.06 -0.34
N THR B 374 -4.27 -19.80 -1.65
CA THR B 374 -3.32 -20.43 -2.56
C THR B 374 -1.91 -19.89 -2.32
N ASN B 375 -1.78 -18.58 -2.14
CA ASN B 375 -0.47 -18.01 -1.81
C ASN B 375 0.01 -18.48 -0.44
N ILE B 376 -0.91 -18.58 0.54
CA ILE B 376 -0.54 -19.05 1.87
C ILE B 376 -0.10 -20.52 1.81
N PHE B 377 -0.81 -21.35 1.06
CA PHE B 377 -0.45 -22.77 0.94
C PHE B 377 0.87 -22.94 0.19
N ALA B 378 1.13 -22.08 -0.79
CA ALA B 378 2.42 -22.11 -1.48
C ALA B 378 3.56 -21.71 -0.56
N ASN B 379 3.33 -20.71 0.29
CA ASN B 379 4.35 -20.31 1.26
C ASN B 379 4.53 -21.35 2.37
N LEU B 380 3.51 -22.15 2.64
CA LEU B 380 3.56 -23.14 3.72
C LEU B 380 4.28 -24.42 3.34
N GLU B 381 4.72 -24.56 2.09
CA GLU B 381 5.44 -25.77 1.68
C GLU B 381 6.85 -25.83 2.24
N ASN B 382 7.36 -24.74 2.80
CA ASN B 382 8.72 -24.65 3.30
C ASN B 382 8.80 -24.77 4.82
N THR B 383 7.74 -25.20 5.47
CA THR B 383 7.68 -25.27 6.93
C THR B 383 7.84 -26.69 7.46
N LYS B 384 8.29 -27.63 6.64
CA LYS B 384 8.47 -29.01 7.07
C LYS B 384 9.63 -29.15 8.03
N LYS C 219 20.91 39.65 -6.35
CA LYS C 219 20.59 38.28 -6.76
C LYS C 219 21.86 37.46 -6.95
N ILE C 220 21.96 36.36 -6.18
CA ILE C 220 23.10 35.47 -6.24
C ILE C 220 22.58 34.10 -6.71
N SER C 221 23.18 33.58 -7.78
CA SER C 221 22.76 32.33 -8.37
C SER C 221 23.86 31.30 -8.25
N LEU C 222 23.46 30.04 -8.07
CA LEU C 222 24.38 28.92 -7.96
C LEU C 222 23.97 27.84 -8.95
N GLN C 223 24.93 27.35 -9.73
CA GLN C 223 24.66 26.34 -10.75
C GLN C 223 25.04 24.99 -10.17
N ILE C 224 24.17 24.47 -9.32
CA ILE C 224 24.34 23.12 -8.79
C ILE C 224 23.96 22.13 -9.89
N PRO C 225 24.81 21.17 -10.23
CA PRO C 225 24.44 20.17 -11.24
C PRO C 225 23.27 19.31 -10.77
N ILE C 226 22.45 18.88 -11.73
CA ILE C 226 21.17 18.28 -11.41
C ILE C 226 21.31 16.89 -10.80
N LYS C 227 22.48 16.24 -10.94
CA LYS C 227 22.70 14.99 -10.22
C LYS C 227 22.74 15.22 -8.71
N LEU C 228 23.46 16.26 -8.27
CA LEU C 228 23.47 16.58 -6.85
C LEU C 228 22.16 17.20 -6.41
N LYS C 229 21.44 17.87 -7.32
CA LYS C 229 20.09 18.32 -7.01
C LYS C 229 19.16 17.14 -6.74
N SER C 230 19.26 16.10 -7.56
CA SER C 230 18.47 14.89 -7.32
C SER C 230 18.92 14.18 -6.06
N VAL C 231 20.22 14.24 -5.73
CA VAL C 231 20.72 13.67 -4.48
C VAL C 231 20.11 14.40 -3.29
N LEU C 232 20.07 15.74 -3.34
CA LEU C 232 19.48 16.52 -2.26
C LEU C 232 17.97 16.27 -2.15
N VAL C 233 17.29 16.13 -3.28
CA VAL C 233 15.85 15.87 -3.25
C VAL C 233 15.57 14.47 -2.71
N ASP C 234 16.42 13.49 -3.04
CA ASP C 234 16.29 12.16 -2.47
C ASP C 234 16.59 12.17 -0.97
N ASP C 235 17.46 13.05 -0.54
CA ASP C 235 17.70 13.18 0.88
C ASP C 235 16.42 13.65 1.50
N TRP C 236 15.89 14.74 0.98
CA TRP C 236 14.65 15.30 1.53
C TRP C 236 13.55 14.25 1.58
N GLU C 237 13.46 13.42 0.54
CA GLU C 237 12.49 12.32 0.51
C GLU C 237 12.73 11.33 1.64
N TYR C 238 14.00 10.96 1.84
CA TYR C 238 14.33 9.95 2.84
C TYR C 238 14.14 10.48 4.26
N VAL C 239 14.42 11.76 4.48
CA VAL C 239 14.29 12.30 5.83
C VAL C 239 12.84 12.62 6.16
N THR C 240 12.14 13.33 5.26
CA THR C 240 10.81 13.80 5.63
C THR C 240 9.71 12.80 5.32
N LYS C 241 9.80 12.09 4.20
CA LYS C 241 8.73 11.15 3.84
C LYS C 241 9.03 9.74 4.32
N ASP C 242 10.20 9.19 3.96
CA ASP C 242 10.57 7.84 4.36
C ASP C 242 11.02 7.75 5.82
N LYS C 243 11.31 8.91 6.44
CA LYS C 243 11.76 9.01 7.84
C LYS C 243 13.02 8.18 8.08
N LYS C 244 14.07 8.53 7.33
CA LYS C 244 15.38 7.92 7.46
C LYS C 244 16.37 8.97 7.89
N ILE C 245 17.29 8.60 8.78
CA ILE C 245 18.30 9.52 9.29
C ILE C 245 19.67 9.06 8.80
N CYS C 246 20.69 9.87 9.12
CA CYS C 246 22.03 9.57 8.65
C CYS C 246 22.73 8.58 9.57
N ARG C 247 23.44 7.63 8.97
CA ARG C 247 24.30 6.73 9.74
C ARG C 247 25.47 7.52 10.31
N LEU C 248 25.47 7.73 11.62
CA LEU C 248 26.45 8.59 12.25
C LEU C 248 27.28 7.83 13.27
N PRO C 249 28.61 7.99 13.29
CA PRO C 249 29.43 8.78 12.36
C PRO C 249 29.59 8.09 11.01
N ALA C 250 29.53 8.84 9.92
CA ALA C 250 29.51 8.26 8.59
C ALA C 250 30.88 7.70 8.22
N ASP C 251 30.85 6.71 7.33
CA ASP C 251 32.07 6.19 6.73
C ASP C 251 32.83 7.26 5.95
N VAL C 252 32.12 8.15 5.25
CA VAL C 252 32.75 9.29 4.62
C VAL C 252 32.14 10.58 5.13
N THR C 253 32.91 11.28 5.96
CA THR C 253 32.45 12.51 6.57
C THR C 253 32.79 13.74 5.77
N VAL C 254 32.39 14.90 6.26
CA VAL C 254 32.63 16.13 5.52
C VAL C 254 34.09 16.54 5.52
N GLU C 255 34.74 16.49 6.68
CA GLU C 255 36.11 16.92 6.72
C GLU C 255 36.87 16.10 5.73
N MET C 256 36.58 14.81 5.71
CA MET C 256 37.26 13.93 4.79
C MET C 256 37.10 14.40 3.36
N VAL C 257 35.86 14.62 2.93
CA VAL C 257 35.66 14.98 1.54
C VAL C 257 36.37 16.29 1.21
N LEU C 258 36.23 17.28 2.08
CA LEU C 258 36.85 18.56 1.81
C LEU C 258 38.34 18.36 1.66
N ASN C 259 38.92 17.58 2.57
CA ASN C 259 40.34 17.36 2.52
C ASN C 259 40.74 16.70 1.22
N LYS C 260 40.01 15.67 0.81
CA LYS C 260 40.36 14.98 -0.40
C LYS C 260 40.28 15.96 -1.55
N TYR C 261 39.24 16.77 -1.55
CA TYR C 261 39.08 17.73 -2.62
C TYR C 261 40.34 18.55 -2.72
N GLU C 262 40.80 19.04 -1.59
CA GLU C 262 41.99 19.87 -1.60
C GLU C 262 43.18 19.14 -2.19
N HIS C 263 43.48 17.95 -1.69
CA HIS C 263 44.65 17.26 -2.16
C HIS C 263 44.56 17.06 -3.65
N GLU C 264 43.36 16.80 -4.16
CA GLU C 264 43.21 16.52 -5.57
C GLU C 264 43.50 17.77 -6.35
N VAL C 265 42.78 18.84 -6.05
CA VAL C 265 42.95 20.07 -6.81
C VAL C 265 44.29 20.74 -6.58
N SER C 266 44.76 20.76 -5.34
CA SER C 266 46.01 21.47 -5.06
C SER C 266 47.10 21.04 -6.02
N GLN C 267 47.13 19.76 -6.34
CA GLN C 267 48.13 19.26 -7.27
C GLN C 267 47.95 19.92 -8.61
N GLU C 268 46.71 19.97 -9.09
CA GLU C 268 46.45 20.53 -10.40
C GLU C 268 46.83 21.99 -10.50
N LEU C 269 46.44 22.78 -9.50
CA LEU C 269 46.77 24.18 -9.51
C LEU C 269 48.13 24.40 -8.91
N GLU C 270 48.99 25.14 -9.60
CA GLU C 270 50.31 25.43 -9.08
C GLU C 270 50.36 26.85 -8.57
N SER C 271 49.60 27.73 -9.22
CA SER C 271 49.56 29.12 -8.80
C SER C 271 49.47 29.17 -7.29
N PRO C 272 50.45 29.77 -6.59
CA PRO C 272 50.44 29.72 -5.12
C PRO C 272 49.33 30.56 -4.49
N GLY C 273 48.95 31.67 -5.12
CA GLY C 273 47.79 32.41 -4.66
C GLY C 273 46.51 31.60 -4.78
N SER C 274 46.41 30.78 -5.83
CA SER C 274 45.27 29.89 -5.96
C SER C 274 45.28 28.80 -4.89
N GLN C 275 46.47 28.31 -4.52
CA GLN C 275 46.58 27.36 -3.41
C GLN C 275 46.12 28.00 -2.10
N SER C 276 46.54 29.25 -1.86
CA SER C 276 46.13 29.96 -0.66
C SER C 276 44.62 30.19 -0.62
N GLN C 277 44.06 30.53 -1.77
CA GLN C 277 42.61 30.70 -1.81
C GLN C 277 41.94 29.40 -1.50
N LEU C 278 42.36 28.36 -2.20
CA LEU C 278 41.70 27.06 -2.04
C LEU C 278 41.74 26.60 -0.58
N SER C 279 42.88 26.76 0.08
CA SER C 279 42.97 26.41 1.50
C SER C 279 42.09 27.32 2.35
N GLU C 280 42.02 28.61 1.98
CA GLU C 280 41.15 29.55 2.66
C GLU C 280 39.68 29.15 2.53
N TYR C 281 39.28 28.75 1.32
CA TYR C 281 37.90 28.33 1.09
C TYR C 281 37.57 27.06 1.85
N CYS C 282 38.51 26.10 1.87
CA CYS C 282 38.27 24.85 2.59
C CYS C 282 38.14 25.09 4.10
N ALA C 283 39.05 25.90 4.68
CA ALA C 283 38.99 26.17 6.11
C ALA C 283 37.75 26.98 6.47
N GLY C 284 37.36 27.93 5.61
CA GLY C 284 36.14 28.68 5.86
C GLY C 284 34.90 27.83 5.77
N LEU C 285 34.87 26.88 4.83
CA LEU C 285 33.75 25.95 4.74
C LEU C 285 33.67 25.07 5.98
N LYS C 286 34.83 24.64 6.49
CA LYS C 286 34.86 23.81 7.71
C LYS C 286 34.31 24.59 8.91
N LEU C 287 34.80 25.82 9.10
CA LEU C 287 34.35 26.64 10.22
C LEU C 287 32.88 27.03 10.10
N TYR C 288 32.43 27.30 8.87
CA TYR C 288 31.04 27.66 8.65
C TYR C 288 30.14 26.47 8.89
N PHE C 289 30.57 25.29 8.47
CA PHE C 289 29.75 24.11 8.64
C PHE C 289 29.52 23.85 10.09
N ASP C 290 30.60 23.67 10.83
CA ASP C 290 30.47 23.34 12.24
C ASP C 290 29.59 24.33 12.94
N LYS C 291 29.77 25.60 12.65
CA LYS C 291 28.99 26.62 13.33
C LYS C 291 27.55 26.62 12.89
N CYS C 292 27.27 26.15 11.67
CA CYS C 292 25.91 26.23 11.16
C CYS C 292 25.15 24.91 11.09
N LEU C 293 25.80 23.79 11.33
CA LEU C 293 25.10 22.52 11.17
C LEU C 293 23.90 22.46 12.07
N GLY C 294 24.10 22.79 13.34
CA GLY C 294 23.02 22.69 14.29
C GLY C 294 22.17 23.93 14.32
N ASN C 295 22.42 24.85 13.41
CA ASN C 295 21.69 26.10 13.42
C ASN C 295 20.63 26.10 12.33
N MET C 296 20.98 25.61 11.15
CA MET C 296 20.04 25.64 10.04
C MET C 296 20.30 24.58 9.00
N LEU C 297 21.14 23.61 9.31
CA LEU C 297 21.50 22.64 8.28
C LEU C 297 20.81 21.29 8.37
N LEU C 298 19.96 21.04 9.36
CA LEU C 298 19.39 19.71 9.51
C LEU C 298 17.90 19.81 9.79
N TYR C 299 17.18 18.78 9.34
CA TYR C 299 15.73 18.74 9.48
C TYR C 299 15.33 18.49 10.93
N ARG C 300 14.03 18.57 11.19
CA ARG C 300 13.51 18.38 12.55
C ARG C 300 13.68 16.94 13.03
N LEU C 301 13.72 15.97 12.11
CA LEU C 301 13.85 14.58 12.51
C LEU C 301 15.26 14.28 13.02
N GLU C 302 16.28 14.91 12.44
CA GLU C 302 17.66 14.63 12.83
C GLU C 302 18.12 15.44 14.02
N ARG C 303 17.29 16.35 14.53
CA ARG C 303 17.71 17.19 15.66
C ARG C 303 17.81 16.39 16.95
N LEU C 304 17.02 15.32 17.09
CA LEU C 304 17.19 14.45 18.24
C LEU C 304 18.49 13.66 18.16
N GLN C 305 18.90 13.28 16.94
CA GLN C 305 20.20 12.65 16.76
C GLN C 305 21.31 13.63 17.08
N TYR C 306 21.13 14.92 16.73
CA TYR C 306 22.07 15.95 17.13
C TYR C 306 22.13 16.09 18.65
N ASP C 307 20.98 16.03 19.31
CA ASP C 307 20.92 16.13 20.77
C ASP C 307 21.64 14.94 21.42
N GLU C 308 21.39 13.73 20.91
CA GLU C 308 22.02 12.56 21.52
C GLU C 308 23.52 12.52 21.22
N LEU C 309 23.94 13.08 20.07
CA LEU C 309 25.37 13.23 19.81
C LEU C 309 26.00 14.23 20.77
N LEU C 310 25.30 15.33 21.05
CA LEU C 310 25.79 16.32 22.01
C LEU C 310 25.91 15.71 23.41
N LYS C 311 24.92 14.92 23.81
CA LYS C 311 24.96 14.28 25.14
C LYS C 311 26.06 13.22 25.21
N LYS C 312 26.26 12.48 24.11
CA LYS C 312 27.34 11.49 24.09
C LYS C 312 28.70 12.15 24.13
N SER C 313 28.86 13.30 23.45
CA SER C 313 30.12 14.02 23.47
C SER C 313 30.38 14.65 24.84
N SER C 314 29.34 15.20 25.48
CA SER C 314 29.49 15.76 26.81
C SER C 314 29.70 14.69 27.86
N LYS C 315 29.25 13.45 27.60
CA LYS C 315 29.56 12.34 28.50
C LYS C 315 31.05 12.03 28.49
N ASP C 316 31.68 12.09 27.32
CA ASP C 316 33.10 11.78 27.18
C ASP C 316 33.99 13.00 27.37
N GLN C 317 33.39 14.16 27.71
CA GLN C 317 34.10 15.42 27.96
C GLN C 317 34.93 15.89 26.77
N LYS C 318 34.48 15.55 25.56
CA LYS C 318 35.03 16.06 24.32
C LYS C 318 33.98 16.96 23.67
N PRO C 319 34.31 18.21 23.35
CA PRO C 319 33.34 19.08 22.67
C PRO C 319 32.96 18.52 21.31
N LEU C 320 31.69 18.61 20.92
CA LEU C 320 31.27 18.00 19.65
C LEU C 320 31.76 18.78 18.43
N VAL C 321 32.25 18.07 17.41
CA VAL C 321 32.68 18.73 16.19
C VAL C 321 31.93 18.17 14.99
N PRO C 322 30.94 18.91 14.50
CA PRO C 322 30.13 18.41 13.40
C PRO C 322 30.98 18.11 12.20
N ILE C 323 32.09 18.80 12.08
CA ILE C 323 32.97 18.63 10.94
C ILE C 323 33.43 17.20 10.75
N ARG C 324 33.52 16.42 11.81
CA ARG C 324 34.05 15.07 11.65
C ARG C 324 33.03 13.99 11.92
N ILE C 325 31.84 14.38 12.38
CA ILE C 325 30.80 13.39 12.61
C ILE C 325 29.80 13.34 11.47
N TYR C 326 29.60 14.43 10.77
CA TYR C 326 28.57 14.46 9.73
C TYR C 326 29.07 14.12 8.34
N GLY C 327 28.20 13.52 7.54
CA GLY C 327 28.56 13.10 6.21
C GLY C 327 28.44 14.18 5.17
N ALA C 328 28.79 13.81 3.93
CA ALA C 328 28.87 14.78 2.84
C ALA C 328 27.51 15.27 2.38
N ILE C 329 26.42 14.60 2.75
CA ILE C 329 25.09 15.07 2.36
C ILE C 329 24.76 16.36 3.10
N HIS C 330 25.24 16.51 4.34
CA HIS C 330 25.04 17.77 5.05
C HIS C 330 25.92 18.88 4.46
N LEU C 331 27.09 18.52 3.94
CA LEU C 331 27.91 19.49 3.21
C LEU C 331 27.22 19.94 1.94
N LEU C 332 26.55 19.01 1.24
CA LEU C 332 25.78 19.37 0.06
C LEU C 332 24.59 20.25 0.43
N ARG C 333 23.98 20.00 1.59
CA ARG C 333 22.94 20.88 2.11
C ARG C 333 23.48 22.29 2.36
N LEU C 334 24.70 22.38 2.91
CA LEU C 334 25.33 23.67 3.13
C LEU C 334 25.59 24.40 1.82
N ILE C 335 26.08 23.68 0.81
CA ILE C 335 26.33 24.29 -0.50
C ILE C 335 25.02 24.76 -1.13
N SER C 336 23.95 23.97 -0.99
CA SER C 336 22.66 24.36 -1.57
C SER C 336 22.06 25.57 -0.86
N VAL C 337 22.17 25.64 0.47
CA VAL C 337 21.61 26.75 1.23
C VAL C 337 22.54 27.95 1.30
N LEU C 338 23.76 27.83 0.78
CA LEU C 338 24.73 28.91 0.82
C LEU C 338 24.33 30.23 0.14
N PRO C 339 23.72 30.26 -1.07
CA PRO C 339 23.38 31.58 -1.66
C PRO C 339 22.42 32.43 -0.84
N GLU C 340 21.47 31.82 -0.13
CA GLU C 340 20.57 32.58 0.72
C GLU C 340 21.33 33.25 1.86
N LEU C 341 22.27 32.51 2.47
CA LEU C 341 23.08 33.05 3.55
C LEU C 341 24.04 34.12 3.06
N ILE C 342 24.55 33.97 1.84
CA ILE C 342 25.41 34.99 1.25
C ILE C 342 24.60 36.25 0.95
N SER C 343 23.37 36.10 0.47
CA SER C 343 22.53 37.26 0.19
C SER C 343 22.02 37.95 1.45
N SER C 344 22.19 37.34 2.63
CA SER C 344 21.70 37.90 3.87
C SER C 344 22.78 38.65 4.65
N THR C 345 23.98 38.79 4.09
CA THR C 345 25.06 39.51 4.77
C THR C 345 25.63 40.57 3.86
N THR C 346 26.25 41.58 4.47
CA THR C 346 26.82 42.71 3.75
C THR C 346 28.23 42.36 3.28
N MET C 347 28.29 41.48 2.28
CA MET C 347 29.55 41.04 1.69
C MET C 347 29.61 41.53 0.24
N ASP C 348 30.77 42.10 -0.13
CA ASP C 348 30.90 42.78 -1.40
C ASP C 348 30.91 41.81 -2.58
N LEU C 349 30.80 42.38 -3.78
CA LEU C 349 30.42 41.60 -4.97
C LEU C 349 31.53 40.65 -5.41
N GLN C 350 32.79 41.11 -5.36
CA GLN C 350 33.89 40.28 -5.85
C GLN C 350 34.12 39.07 -4.94
N SER C 351 34.00 39.26 -3.63
CA SER C 351 34.13 38.14 -2.70
C SER C 351 33.00 37.15 -2.87
N CYS C 352 31.78 37.64 -3.09
CA CYS C 352 30.65 36.77 -3.37
C CYS C 352 30.87 35.96 -4.65
N GLN C 353 31.37 36.63 -5.70
CA GLN C 353 31.61 35.96 -6.97
C GLN C 353 32.69 34.89 -6.84
N LEU C 354 33.77 35.17 -6.12
CA LEU C 354 34.82 34.17 -5.97
C LEU C 354 34.37 33.02 -5.07
N LEU C 355 33.55 33.30 -4.06
CA LEU C 355 33.00 32.24 -3.22
C LEU C 355 32.10 31.31 -4.04
N ILE C 356 31.23 31.90 -4.88
CA ILE C 356 30.42 31.11 -5.80
C ILE C 356 31.30 30.29 -6.74
N LYS C 357 32.38 30.90 -7.25
CA LYS C 357 33.25 30.23 -8.21
C LYS C 357 33.93 29.01 -7.60
N GLN C 358 34.49 29.15 -6.39
CA GLN C 358 35.10 28.00 -5.72
C GLN C 358 34.04 26.97 -5.34
N THR C 359 32.82 27.41 -5.06
CA THR C 359 31.73 26.45 -4.80
C THR C 359 31.41 25.62 -6.05
N GLU C 360 31.40 26.27 -7.22
CA GLU C 360 31.20 25.53 -8.47
C GLU C 360 32.34 24.56 -8.76
N ASP C 361 33.58 24.96 -8.47
CA ASP C 361 34.69 24.00 -8.61
C ASP C 361 34.53 22.81 -7.66
N PHE C 362 34.09 23.06 -6.43
CA PHE C 362 33.83 21.95 -5.50
C PHE C 362 32.72 21.05 -6.01
N LEU C 363 31.70 21.63 -6.63
CA LEU C 363 30.57 20.86 -7.14
C LEU C 363 30.98 20.00 -8.33
N VAL C 364 31.76 20.56 -9.26
CA VAL C 364 32.18 19.74 -10.40
C VAL C 364 33.25 18.73 -9.99
N TRP C 365 33.96 18.96 -8.88
CA TRP C 365 34.78 17.89 -8.33
C TRP C 365 33.91 16.79 -7.71
N LEU C 366 32.81 17.18 -7.05
CA LEU C 366 31.91 16.20 -6.45
C LEU C 366 31.20 15.35 -7.50
N LEU C 367 30.98 15.87 -8.69
CA LEU C 367 30.29 15.03 -9.64
C LEU C 367 31.16 13.83 -9.98
N MET C 368 32.44 14.04 -10.24
CA MET C 368 33.27 12.92 -10.65
C MET C 368 33.31 11.86 -9.56
N HIS C 369 33.05 12.25 -8.33
CA HIS C 369 33.08 11.34 -7.20
C HIS C 369 31.70 11.22 -6.57
N VAL C 370 30.67 11.16 -7.41
CA VAL C 370 29.31 11.02 -6.90
C VAL C 370 28.96 9.56 -6.61
N ASP C 371 29.72 8.61 -7.15
CA ASP C 371 29.45 7.20 -6.92
C ASP C 371 30.08 6.64 -5.64
N GLU C 372 30.97 7.39 -5.00
CA GLU C 372 31.63 6.93 -3.78
C GLU C 372 31.29 7.76 -2.56
N TYR C 373 30.64 8.91 -2.72
CA TYR C 373 30.20 9.72 -1.59
C TYR C 373 28.70 9.69 -1.38
N PHE C 374 27.92 9.66 -2.45
CA PHE C 374 26.47 9.54 -2.39
C PHE C 374 26.07 8.30 -3.16
N ASN C 375 26.13 7.15 -2.49
CA ASN C 375 25.64 5.92 -3.07
C ASN C 375 24.21 5.64 -2.59
N ASP C 376 23.48 4.87 -3.39
CA ASP C 376 22.10 4.50 -3.09
C ASP C 376 22.07 3.06 -2.62
N LYS C 377 21.66 2.86 -1.37
CA LYS C 377 21.60 1.54 -0.76
C LYS C 377 20.41 1.49 0.19
N ASP C 378 19.70 0.38 0.16
CA ASP C 378 18.56 0.19 1.04
C ASP C 378 19.05 -0.15 2.45
N PRO C 379 18.62 0.58 3.48
CA PRO C 379 18.99 0.20 4.86
C PRO C 379 18.47 -1.15 5.28
N ASN C 380 17.39 -1.65 4.67
CA ASN C 380 16.86 -2.96 5.01
C ASN C 380 17.73 -4.09 4.49
N ARG C 381 18.65 -3.79 3.59
CA ARG C 381 19.49 -4.83 3.00
C ARG C 381 20.97 -4.65 3.29
N SER C 382 21.40 -3.41 3.44
CA SER C 382 22.81 -3.11 3.67
C SER C 382 22.97 -2.41 5.01
N ASP C 383 23.93 -2.88 5.81
CA ASP C 383 24.30 -2.19 7.05
C ASP C 383 25.23 -1.02 6.79
N ASP C 384 25.83 -0.94 5.60
CA ASP C 384 26.78 0.10 5.27
C ASP C 384 26.16 1.24 4.45
N ALA C 385 24.83 1.32 4.41
CA ALA C 385 24.17 2.41 3.72
C ALA C 385 24.38 3.73 4.47
N LEU C 386 24.36 4.83 3.71
CA LEU C 386 24.49 6.15 4.31
C LEU C 386 23.29 6.52 5.18
N TYR C 387 22.13 5.95 4.90
CA TYR C 387 20.91 6.23 5.65
C TYR C 387 20.50 5.01 6.45
N VAL C 388 19.87 5.25 7.58
CA VAL C 388 19.37 4.22 8.46
C VAL C 388 17.91 4.50 8.80
N ASN C 389 17.14 3.43 8.97
CA ASN C 389 15.74 3.52 9.32
C ASN C 389 15.59 3.99 10.76
N THR C 390 14.40 4.51 11.06
CA THR C 390 14.11 5.05 12.37
C THR C 390 13.28 4.06 13.21
N SER C 391 13.23 4.33 14.50
CA SER C 391 12.35 3.62 15.42
C SER C 391 11.13 4.49 15.74
N SER C 392 10.08 3.87 16.24
CA SER C 392 8.91 4.64 16.58
C SER C 392 9.24 5.61 17.68
N GLN C 393 10.08 5.18 18.61
CA GLN C 393 10.40 6.03 19.75
C GLN C 393 11.14 7.29 19.32
N TYR C 394 12.10 7.14 18.43
CA TYR C 394 12.85 8.30 17.96
C TYR C 394 11.91 9.21 17.23
N GLU C 395 11.17 8.67 16.28
CA GLU C 395 10.29 9.49 15.48
C GLU C 395 9.32 10.18 16.41
N GLY C 396 8.87 9.47 17.43
CA GLY C 396 7.91 10.04 18.35
C GLY C 396 8.45 11.22 19.10
N VAL C 397 9.63 11.07 19.70
CA VAL C 397 10.18 12.14 20.49
C VAL C 397 10.64 13.27 19.59
N ALA C 398 10.96 12.94 18.35
CA ALA C 398 11.45 13.95 17.42
C ALA C 398 10.33 14.78 16.87
N LEU C 399 9.21 14.15 16.54
CA LEU C 399 8.12 14.89 15.92
C LEU C 399 6.83 14.84 16.75
N GLY C 400 6.96 14.76 18.08
CA GLY C 400 5.78 14.76 18.91
C GLY C 400 5.79 15.78 20.03
N MET C 401 6.97 16.26 20.38
CA MET C 401 7.06 17.18 21.50
C MET C 401 7.69 18.50 21.08
N LYS D 82 -8.91 21.17 57.58
CA LYS D 82 -9.85 21.80 58.51
C LYS D 82 -10.00 20.97 59.77
N GLU D 83 -8.87 20.61 60.38
CA GLU D 83 -8.79 19.79 61.59
C GLU D 83 -9.50 18.45 61.40
N LEU D 84 -8.94 17.67 60.47
CA LEU D 84 -9.54 16.38 60.13
C LEU D 84 -9.45 15.40 61.29
N LEU D 85 -8.27 15.23 61.88
CA LEU D 85 -8.06 14.32 62.99
C LEU D 85 -8.03 15.13 64.28
N GLU D 86 -9.06 14.95 65.11
CA GLU D 86 -9.15 15.68 66.38
C GLU D 86 -8.42 14.86 67.43
N LYS D 87 -7.11 15.09 67.54
CA LYS D 87 -6.29 14.40 68.51
C LYS D 87 -6.54 14.94 69.92
N ASP D 88 -6.25 14.11 70.91
CA ASP D 88 -6.43 14.49 72.31
C ASP D 88 -5.23 15.30 72.80
N SER D 89 -5.17 15.57 74.10
CA SER D 89 -4.02 16.27 74.66
C SER D 89 -2.77 15.41 74.66
N LYS D 90 -2.94 14.10 74.77
CA LYS D 90 -1.83 13.16 74.72
C LYS D 90 -1.54 12.65 73.31
N GLY D 91 -2.23 13.17 72.30
CA GLY D 91 -2.07 12.71 70.94
C GLY D 91 -2.96 11.56 70.53
N ASN D 92 -3.77 11.04 71.44
CA ASN D 92 -4.66 9.93 71.11
C ASN D 92 -5.78 10.38 70.20
N ILE D 93 -6.21 9.48 69.32
CA ILE D 93 -7.28 9.78 68.36
C ILE D 93 -8.62 9.70 69.06
N ILE D 94 -9.52 10.62 68.71
CA ILE D 94 -10.85 10.66 69.33
C ILE D 94 -11.93 10.41 68.27
N LYS D 95 -12.03 11.33 67.31
CA LYS D 95 -13.08 11.29 66.30
C LYS D 95 -12.70 12.24 65.17
N LEU D 96 -13.01 11.81 63.94
CA LEU D 96 -12.73 12.64 62.79
C LEU D 96 -14.03 13.16 62.19
N ASN D 97 -13.96 14.29 61.51
CA ASN D 97 -15.12 14.89 60.87
C ASN D 97 -15.08 14.59 59.38
N GLU D 98 -16.23 14.21 58.83
CA GLU D 98 -16.30 13.88 57.42
C GLU D 98 -16.16 15.15 56.58
N PRO D 99 -15.35 15.12 55.51
CA PRO D 99 -15.21 16.32 54.67
C PRO D 99 -16.43 16.59 53.80
N SER D 100 -16.32 17.59 52.93
CA SER D 100 -17.44 18.00 52.08
C SER D 100 -17.65 16.95 51.00
N THR D 101 -18.55 16.01 51.26
CA THR D 101 -18.93 15.03 50.24
C THR D 101 -19.70 15.70 49.11
N ILE D 102 -20.47 16.74 49.42
CA ILE D 102 -21.27 17.44 48.41
C ILE D 102 -20.43 18.32 47.49
N SER D 103 -19.11 18.40 47.71
CA SER D 103 -18.25 19.17 46.82
C SER D 103 -18.20 18.55 45.42
N GLU D 104 -18.14 17.22 45.34
CA GLU D 104 -18.18 16.55 44.05
C GLU D 104 -19.18 15.41 44.04
N ASP D 105 -20.27 15.53 44.81
CA ASP D 105 -21.32 14.53 44.77
C ASP D 105 -22.21 14.68 43.54
N SER D 106 -22.18 15.85 42.90
CA SER D 106 -23.03 16.16 41.76
C SER D 106 -22.20 16.37 40.49
N LYS D 107 -21.11 15.62 40.38
CA LYS D 107 -20.30 15.68 39.16
C LYS D 107 -21.02 14.99 38.01
N VAL D 108 -20.93 15.59 36.82
CA VAL D 108 -21.61 15.06 35.65
C VAL D 108 -20.86 13.84 35.16
N SER D 109 -21.57 12.72 35.04
CA SER D 109 -20.99 11.49 34.54
C SER D 109 -21.19 11.41 33.04
N VAL D 110 -20.95 10.22 32.46
CA VAL D 110 -21.15 10.04 31.02
C VAL D 110 -22.62 9.98 30.66
N THR D 111 -23.51 9.81 31.64
CA THR D 111 -24.94 9.81 31.39
C THR D 111 -25.50 11.21 31.19
N GLY D 112 -24.73 12.26 31.52
CA GLY D 112 -25.22 13.61 31.53
C GLY D 112 -25.81 14.05 32.84
N LEU D 113 -26.01 13.14 33.77
CA LEU D 113 -26.54 13.39 35.10
C LEU D 113 -25.57 12.84 36.13
N PRO D 114 -25.57 13.37 37.35
CA PRO D 114 -24.76 12.79 38.42
C PRO D 114 -25.24 11.39 38.79
N LEU D 115 -24.32 10.62 39.37
CA LEU D 115 -24.66 9.27 39.82
C LEU D 115 -25.60 9.27 41.02
N ASN D 116 -25.72 10.40 41.73
CA ASN D 116 -26.65 10.49 42.85
C ASN D 116 -28.09 10.41 42.39
N LYS D 117 -28.39 10.98 41.22
CA LYS D 117 -29.74 11.01 40.67
C LYS D 117 -29.85 10.09 39.46
N GLY D 118 -31.08 9.84 39.05
CA GLY D 118 -31.34 9.01 37.90
C GLY D 118 -31.58 9.84 36.64
N PRO D 119 -32.19 9.23 35.63
CA PRO D 119 -32.48 9.97 34.39
C PRO D 119 -33.56 11.02 34.61
N SER D 120 -33.47 12.08 33.82
CA SER D 120 -34.49 13.11 33.83
C SER D 120 -35.63 12.72 32.90
N GLU D 121 -36.75 13.44 33.02
CA GLU D 121 -37.94 13.13 32.23
C GLU D 121 -37.73 13.47 30.76
N LYS D 122 -36.92 14.50 30.47
CA LYS D 122 -36.79 14.99 29.10
C LYS D 122 -36.04 14.01 28.22
N ILE D 123 -35.30 13.07 28.82
CA ILE D 123 -34.79 11.94 28.06
C ILE D 123 -35.65 10.70 28.24
N LYS D 124 -36.50 10.66 29.28
CA LYS D 124 -37.40 9.55 29.49
C LYS D 124 -38.58 9.55 28.52
N ARG D 125 -38.82 10.64 27.84
CA ARG D 125 -39.88 10.64 26.85
C ARG D 125 -39.47 9.79 25.68
N GLU D 126 -38.27 10.02 25.15
CA GLU D 126 -37.82 9.29 23.97
C GLU D 126 -37.04 8.03 24.31
N SER D 127 -36.69 7.83 25.57
CA SER D 127 -35.95 6.62 25.96
C SER D 127 -36.89 5.45 26.21
N LEU D 128 -37.87 5.61 27.09
CA LEU D 128 -38.85 4.57 27.33
C LEU D 128 -39.81 4.47 26.15
N TRP D 129 -40.51 3.32 26.08
CA TRP D 129 -41.56 3.16 25.09
C TRP D 129 -42.71 4.12 25.32
N ASN D 130 -43.08 4.33 26.59
CA ASN D 130 -44.22 5.17 26.92
C ASN D 130 -44.02 5.78 28.30
N TYR D 131 -44.10 7.10 28.39
CA TYR D 131 -43.94 7.80 29.66
C TYR D 131 -45.14 8.71 29.92
N ARG D 132 -45.77 8.54 31.07
CA ARG D 132 -46.98 9.31 31.34
C ARG D 132 -46.76 10.32 32.43
N LYS D 133 -45.61 10.98 32.42
CA LYS D 133 -45.31 11.99 33.42
C LYS D 133 -45.44 11.45 34.83
N ARG D 164 -34.06 -14.26 40.63
CA ARG D 164 -33.95 -14.61 42.05
C ARG D 164 -32.48 -14.72 42.43
N ASN D 165 -32.19 -14.56 43.73
CA ASN D 165 -30.83 -14.56 44.24
C ASN D 165 -30.33 -15.99 44.43
N ASP D 166 -30.10 -16.66 43.30
CA ASP D 166 -29.47 -17.98 43.26
C ASP D 166 -28.08 -17.89 42.66
N LEU D 167 -27.35 -16.83 43.00
CA LEU D 167 -26.07 -16.55 42.38
C LEU D 167 -25.00 -17.54 42.83
N LYS D 168 -24.28 -18.11 41.85
CA LYS D 168 -23.13 -18.93 42.10
C LYS D 168 -21.83 -18.16 41.93
N THR D 169 -21.92 -16.84 41.83
CA THR D 169 -20.79 -15.95 41.59
C THR D 169 -20.10 -15.46 42.85
N PHE D 170 -20.60 -15.85 44.03
CA PHE D 170 -19.93 -15.50 45.28
C PHE D 170 -19.10 -16.64 45.83
N LEU D 171 -19.02 -17.77 45.12
CA LEU D 171 -18.21 -18.91 45.51
C LEU D 171 -16.82 -18.90 44.88
N THR D 172 -16.46 -17.86 44.13
CA THR D 172 -15.21 -17.86 43.38
C THR D 172 -14.00 -17.86 44.30
N GLU D 173 -14.02 -17.03 45.34
CA GLU D 173 -12.84 -16.80 46.17
C GLU D 173 -12.44 -18.06 46.95
N ASN D 174 -13.38 -18.98 47.13
CA ASN D 174 -13.07 -20.23 47.82
C ASN D 174 -12.27 -21.17 46.92
N MET D 175 -12.52 -21.15 45.62
CA MET D 175 -11.90 -22.11 44.70
C MET D 175 -10.78 -21.52 43.86
N THR D 176 -10.33 -20.30 44.14
CA THR D 176 -9.15 -19.75 43.46
C THR D 176 -7.90 -20.14 44.24
N GLU D 177 -7.12 -21.03 43.67
CA GLU D 177 -5.82 -21.41 44.20
C GLU D 177 -4.76 -20.53 43.56
N GLU D 178 -3.82 -20.03 44.37
CA GLU D 178 -2.77 -19.19 43.84
C GLU D 178 -1.85 -19.99 42.93
N SER D 179 -1.34 -19.33 41.90
CA SER D 179 -0.48 -19.97 40.89
C SER D 179 0.81 -19.17 40.82
N ASN D 180 1.91 -19.79 41.26
CA ASN D 180 3.24 -19.20 41.16
C ASN D 180 4.25 -20.26 40.77
N ILE D 181 3.89 -21.11 39.81
CA ILE D 181 4.73 -22.24 39.41
C ILE D 181 5.54 -21.92 38.17
N ARG D 182 5.66 -20.64 37.80
CA ARG D 182 6.43 -20.29 36.62
C ARG D 182 7.92 -20.41 36.89
N SER D 183 8.67 -20.63 35.80
CA SER D 183 10.13 -20.76 35.90
C SER D 183 10.79 -19.44 36.25
N THR D 184 10.12 -18.32 36.03
CA THR D 184 10.63 -17.00 36.37
C THR D 184 10.06 -16.48 37.68
N ILE D 185 9.53 -17.38 38.53
CA ILE D 185 9.02 -16.96 39.83
C ILE D 185 10.17 -16.56 40.74
N GLY D 186 9.86 -15.71 41.73
CA GLY D 186 10.91 -15.15 42.55
C GLY D 186 11.63 -14.08 41.75
N TRP D 187 12.82 -14.41 41.28
CA TRP D 187 13.51 -13.62 40.27
C TRP D 187 14.01 -14.55 39.18
N ASN D 188 14.19 -14.01 37.99
CA ASN D 188 14.64 -14.78 36.82
C ASN D 188 16.08 -15.24 36.99
N ASP D 256 3.15 42.86 28.06
CA ASP D 256 3.45 41.48 27.68
C ASP D 256 2.82 41.14 26.34
N PHE D 257 3.39 40.14 25.67
CA PHE D 257 2.90 39.69 24.37
C PHE D 257 2.72 38.18 24.40
N GLU D 258 1.66 37.68 23.77
CA GLU D 258 1.45 36.25 23.69
C GLU D 258 2.26 35.65 22.55
N ASN D 259 2.91 34.52 22.82
CA ASN D 259 3.74 33.87 21.83
C ASN D 259 2.87 33.12 20.82
N GLU D 260 3.51 32.63 19.76
CA GLU D 260 2.82 31.97 18.67
C GLU D 260 2.50 30.53 19.02
N ASP D 261 1.54 29.96 18.27
CA ASP D 261 1.14 28.58 18.44
C ASP D 261 1.94 27.61 17.59
N PHE D 262 2.94 28.10 16.87
CA PHE D 262 3.80 27.27 16.03
C PHE D 262 5.25 27.54 16.37
N CYS D 263 6.09 26.53 16.15
CA CYS D 263 7.52 26.68 16.38
C CYS D 263 8.13 27.65 15.38
N SER D 264 9.05 28.48 15.87
CA SER D 264 9.70 29.44 14.99
C SER D 264 10.77 28.81 14.10
N ALA D 265 11.11 27.54 14.32
CA ALA D 265 12.13 26.85 13.55
C ALA D 265 11.55 25.92 12.50
N CYS D 266 10.61 25.05 12.89
CA CYS D 266 10.07 24.05 11.99
C CYS D 266 8.64 24.36 11.53
N ASN D 267 8.04 25.43 12.04
CA ASN D 267 6.67 25.86 11.70
C ASN D 267 5.65 24.74 11.95
N GLN D 268 5.77 24.10 13.10
CA GLN D 268 4.85 23.03 13.49
C GLN D 268 4.47 23.20 14.95
N SER D 269 3.30 22.66 15.29
CA SER D 269 2.78 22.76 16.64
C SER D 269 3.44 21.73 17.55
N GLY D 270 3.32 21.97 18.84
CA GLY D 270 3.88 21.07 19.84
C GLY D 270 4.21 21.84 21.10
N SER D 271 4.95 21.17 21.99
CA SER D 271 5.42 21.80 23.21
C SER D 271 6.51 22.80 22.90
N PHE D 272 6.41 24.00 23.45
CA PHE D 272 7.31 25.09 23.11
C PHE D 272 7.98 25.67 24.36
N LEU D 273 9.22 26.12 24.15
CA LEU D 273 9.90 27.02 25.05
C LEU D 273 9.74 28.43 24.48
N CYS D 274 9.29 29.35 25.33
CA CYS D 274 8.91 30.69 24.89
C CYS D 274 10.02 31.68 25.21
N CYS D 275 10.41 32.48 24.21
CA CYS D 275 11.32 33.58 24.44
C CYS D 275 10.65 34.66 25.27
N ASP D 276 11.38 35.22 26.23
CA ASP D 276 10.79 36.17 27.16
C ASP D 276 10.62 37.55 26.53
N THR D 277 11.71 38.12 26.02
CA THR D 277 11.68 39.44 25.39
C THR D 277 11.54 39.35 23.87
N CYS D 278 10.87 38.31 23.37
CA CYS D 278 10.75 38.05 21.95
C CYS D 278 9.51 37.20 21.72
N PRO D 279 8.67 37.54 20.74
CA PRO D 279 7.39 36.83 20.61
C PRO D 279 7.47 35.49 19.87
N LYS D 280 8.67 34.96 19.70
CA LYS D 280 8.86 33.70 18.99
C LYS D 280 9.04 32.57 19.99
N SER D 281 8.42 31.43 19.68
CA SER D 281 8.52 30.23 20.51
C SER D 281 9.17 29.12 19.69
N PHE D 282 9.94 28.27 20.38
CA PHE D 282 10.71 27.24 19.71
C PHE D 282 10.37 25.87 20.28
N HIS D 283 10.59 24.83 19.48
CA HIS D 283 10.52 23.48 20.00
C HIS D 283 11.71 23.22 20.91
N PHE D 284 11.55 22.27 21.83
CA PHE D 284 12.64 21.94 22.74
C PHE D 284 13.81 21.30 22.02
N LEU D 285 13.53 20.57 20.94
CA LEU D 285 14.57 19.92 20.15
C LEU D 285 15.09 20.81 19.03
N CYS D 286 14.48 21.97 18.80
CA CYS D 286 14.81 22.80 17.65
C CYS D 286 15.89 23.84 17.93
N LEU D 287 16.45 23.86 19.13
CA LEU D 287 17.38 24.91 19.51
C LEU D 287 18.84 24.45 19.35
N ASP D 288 19.75 25.41 19.42
CA ASP D 288 21.19 25.15 19.39
C ASP D 288 21.80 25.63 20.69
N PRO D 289 22.11 24.74 21.65
CA PRO D 289 21.88 23.29 21.65
C PRO D 289 20.44 22.97 22.02
N PRO D 290 19.94 21.77 21.68
CA PRO D 290 18.57 21.41 22.11
C PRO D 290 18.47 21.30 23.62
N ILE D 291 17.35 21.77 24.14
CA ILE D 291 17.14 21.88 25.58
C ILE D 291 16.37 20.66 26.06
N ASP D 292 16.85 20.04 27.13
CA ASP D 292 16.13 18.94 27.76
C ASP D 292 14.80 19.45 28.33
N PRO D 293 13.70 18.71 28.16
CA PRO D 293 12.42 19.17 28.69
C PRO D 293 12.29 19.07 30.21
N ASN D 294 13.31 18.57 30.91
CA ASN D 294 13.33 18.58 32.36
C ASN D 294 14.37 19.51 32.95
N ASN D 295 15.48 19.74 32.25
CA ASN D 295 16.53 20.64 32.72
C ASN D 295 16.36 22.03 32.12
N LEU D 296 15.28 22.69 32.52
CA LEU D 296 14.94 24.01 32.03
C LEU D 296 15.91 25.05 32.59
N PRO D 297 16.09 26.17 31.90
CA PRO D 297 16.80 27.31 32.50
C PRO D 297 16.02 27.83 33.70
N LYS D 298 16.76 28.17 34.77
CA LYS D 298 16.11 28.53 36.03
C LYS D 298 15.51 29.93 35.97
N GLY D 299 16.22 30.88 35.36
CA GLY D 299 15.75 32.25 35.34
C GLY D 299 14.99 32.62 34.08
N ASP D 300 15.61 33.43 33.22
CA ASP D 300 15.01 33.88 31.98
C ASP D 300 15.76 33.28 30.80
N TRP D 301 15.01 32.97 29.74
CA TRP D 301 15.58 32.39 28.53
C TRP D 301 15.30 33.32 27.36
N HIS D 302 16.33 33.61 26.58
CA HIS D 302 16.23 34.43 25.39
C HIS D 302 16.60 33.61 24.16
N CYS D 303 16.05 33.98 23.02
CA CYS D 303 16.45 33.36 21.77
C CYS D 303 17.83 33.88 21.33
N ASN D 304 18.38 33.24 20.31
CA ASN D 304 19.69 33.65 19.80
C ASN D 304 19.64 35.04 19.20
N GLU D 305 18.56 35.38 18.51
CA GLU D 305 18.39 36.74 17.99
C GLU D 305 18.24 37.73 19.13
N CYS D 306 17.46 37.39 20.16
CA CYS D 306 17.31 38.26 21.31
C CYS D 306 18.61 38.38 22.10
N LYS D 307 19.36 37.28 22.22
CA LYS D 307 20.65 37.33 22.90
C LYS D 307 21.64 38.20 22.15
N PHE D 308 21.63 38.12 20.81
CA PHE D 308 22.44 39.01 19.99
C PHE D 308 22.03 40.46 20.15
N LYS D 309 20.73 40.72 20.25
CA LYS D 309 20.24 42.09 20.46
C LYS D 309 20.70 42.64 21.80
N ILE D 310 20.62 41.83 22.87
CA ILE D 310 21.09 42.26 24.17
C ILE D 310 22.61 42.45 24.19
N PHE D 311 23.35 41.59 23.47
CA PHE D 311 24.80 41.73 23.41
C PHE D 311 25.20 42.99 22.63
N ILE D 312 24.44 43.35 21.61
CA ILE D 312 24.71 44.57 20.86
C ILE D 312 24.35 45.80 21.71
N ASN D 313 23.18 45.78 22.32
CA ASN D 313 22.78 46.88 23.16
C ASN D 313 23.82 47.00 24.24
N ASN D 314 24.25 45.86 24.78
CA ASN D 314 25.26 45.86 25.81
C ASN D 314 26.58 46.35 25.25
N SER D 315 26.98 45.81 24.11
CA SER D 315 28.26 46.19 23.52
C SER D 315 28.23 47.64 23.07
N MET D 316 29.19 48.43 23.55
CA MET D 316 29.25 49.83 23.17
C MET D 316 29.52 49.98 21.69
N ALA D 317 30.38 49.12 21.15
CA ALA D 317 30.75 49.23 19.75
C ALA D 317 29.57 48.93 18.84
N THR D 318 29.46 49.68 17.74
CA THR D 318 28.37 49.45 16.81
C THR D 318 28.55 48.11 16.15
N LEU D 319 27.47 47.60 15.58
CA LEU D 319 27.52 46.30 14.94
C LEU D 319 28.69 46.26 13.98
N LYS D 320 28.73 47.17 13.02
CA LYS D 320 29.79 47.06 12.02
C LYS D 320 31.18 47.05 12.66
N LYS D 321 31.34 47.71 13.82
CA LYS D 321 32.62 47.66 14.52
C LYS D 321 32.91 46.26 15.04
N ILE D 322 31.89 45.59 15.60
CA ILE D 322 32.07 44.22 16.08
C ILE D 322 32.29 43.28 14.90
N GLU D 323 31.61 43.52 13.77
CA GLU D 323 31.83 42.71 12.58
C GLU D 323 33.26 42.85 12.05
N SER D 324 33.77 44.09 12.02
CA SER D 324 35.14 44.33 11.57
C SER D 324 36.16 43.73 12.54
N ASN D 325 35.88 43.82 13.84
CA ASN D 325 36.78 43.24 14.83
C ASN D 325 36.81 41.71 14.73
N PHE D 326 35.65 41.10 14.43
CA PHE D 326 35.62 39.67 14.18
C PHE D 326 36.34 39.31 12.89
N ILE D 327 36.30 40.20 11.89
CA ILE D 327 36.98 39.94 10.63
C ILE D 327 38.49 39.96 10.82
N LYS D 328 39.02 40.99 11.49
CA LYS D 328 40.47 41.06 11.69
C LYS D 328 40.94 40.06 12.75
N GLN D 329 40.07 39.72 13.70
CA GLN D 329 40.43 38.68 14.67
C GLN D 329 40.52 37.32 14.01
N ASN D 330 39.59 37.01 13.11
CA ASN D 330 39.64 35.78 12.33
C ASN D 330 40.36 36.07 11.01
N ASN D 331 41.68 36.21 11.11
CA ASN D 331 42.51 36.53 9.95
C ASN D 331 42.71 35.30 9.07
N ASN D 332 42.61 34.09 9.64
CA ASN D 332 42.88 32.88 8.87
C ASN D 332 41.83 32.63 7.80
N VAL D 333 40.61 33.12 8.02
CA VAL D 333 39.52 32.99 7.06
C VAL D 333 38.90 34.36 6.87
N LYS D 334 38.91 34.87 5.63
CA LYS D 334 38.41 36.20 5.33
C LYS D 334 37.06 36.18 4.62
N ILE D 335 36.88 35.28 3.64
CA ILE D 335 35.66 35.29 2.83
C ILE D 335 34.46 34.82 3.64
N PHE D 336 34.64 33.81 4.49
CA PHE D 336 33.54 33.31 5.31
C PHE D 336 33.39 34.06 6.61
N ALA D 337 34.20 35.09 6.86
CA ALA D 337 34.18 35.79 8.15
C ALA D 337 32.85 36.50 8.38
N LYS D 338 32.30 37.14 7.34
CA LYS D 338 30.97 37.71 7.44
C LYS D 338 29.90 36.63 7.58
N LEU D 339 30.07 35.52 6.87
CA LEU D 339 29.15 34.40 7.00
C LEU D 339 29.23 33.76 8.38
N LEU D 340 30.44 33.69 8.94
CA LEU D 340 30.58 33.21 10.32
C LEU D 340 29.96 34.17 11.31
N PHE D 341 30.09 35.47 11.07
CA PHE D 341 29.60 36.46 12.03
C PHE D 341 28.08 36.56 12.03
N ASN D 342 27.47 36.61 10.84
CA ASN D 342 26.05 36.97 10.77
C ASN D 342 25.10 35.86 11.20
N ILE D 343 25.58 34.61 11.34
CA ILE D 343 24.70 33.52 11.74
C ILE D 343 24.58 33.39 13.25
N ASP D 344 25.42 34.08 14.03
CA ASP D 344 25.20 34.13 15.47
C ASP D 344 23.96 34.92 15.81
N SER D 345 23.61 35.91 14.98
CA SER D 345 22.38 36.65 15.14
C SER D 345 21.15 35.86 14.71
N HIS D 346 21.31 34.89 13.83
CA HIS D 346 20.17 34.15 13.29
C HIS D 346 19.69 33.12 14.30
N ASN D 347 18.37 33.09 14.51
CA ASN D 347 17.77 32.05 15.31
C ASN D 347 17.84 30.71 14.57
N PRO D 348 17.94 29.60 15.30
CA PRO D 348 17.99 28.29 14.63
C PRO D 348 16.68 27.97 13.94
N LYS D 349 16.79 27.35 12.77
CA LYS D 349 15.63 27.01 11.96
C LYS D 349 15.82 25.61 11.38
N GLN D 350 14.70 24.94 11.11
CA GLN D 350 14.73 23.66 10.43
C GLN D 350 15.20 23.85 9.00
N PHE D 351 16.03 22.93 8.51
CA PHE D 351 16.53 23.01 7.15
C PHE D 351 15.40 22.79 6.16
N GLN D 352 15.31 23.68 5.18
CA GLN D 352 14.38 23.53 4.07
C GLN D 352 15.15 23.73 2.78
N LEU D 353 14.89 22.87 1.80
CA LEU D 353 15.56 22.99 0.52
C LEU D 353 15.11 24.26 -0.19
N PRO D 354 16.03 24.97 -0.84
CA PRO D 354 15.65 26.20 -1.55
C PRO D 354 14.79 25.92 -2.76
N ASN D 355 14.16 26.97 -3.25
CA ASN D 355 13.18 26.83 -4.32
C ASN D 355 13.81 26.34 -5.62
N TYR D 356 14.98 26.87 -5.98
CA TYR D 356 15.64 26.45 -7.21
C TYR D 356 16.13 25.00 -7.15
N ILE D 357 16.30 24.44 -5.95
CA ILE D 357 16.49 23.00 -5.82
C ILE D 357 15.20 22.25 -6.14
N LYS D 358 14.04 22.79 -5.72
CA LYS D 358 12.78 22.10 -5.90
C LYS D 358 12.12 22.40 -7.24
N GLU D 359 12.34 23.59 -7.82
CA GLU D 359 11.63 23.96 -9.04
C GLU D 359 12.10 23.20 -10.27
N THR D 360 13.30 22.62 -10.24
CA THR D 360 13.76 21.84 -11.40
C THR D 360 13.06 20.51 -11.52
N PHE D 361 12.42 20.03 -10.45
CA PHE D 361 11.62 18.81 -10.49
C PHE D 361 10.16 19.18 -10.32
N PRO D 362 9.37 19.22 -11.41
CA PRO D 362 7.97 19.64 -11.29
C PRO D 362 7.08 18.65 -10.57
N ALA D 363 7.44 17.37 -10.53
CA ALA D 363 6.62 16.39 -9.84
C ALA D 363 6.72 16.53 -8.32
N VAL D 364 7.85 17.03 -7.83
CA VAL D 364 8.10 17.11 -6.39
C VAL D 364 7.35 18.32 -5.83
N LYS D 365 6.49 18.08 -4.85
CA LYS D 365 5.75 19.12 -4.16
C LYS D 365 6.19 19.21 -2.71
N THR D 366 5.61 20.17 -1.99
CA THR D 366 5.89 20.38 -0.58
C THR D 366 4.60 20.22 0.21
N GLY D 367 4.62 19.41 1.26
CA GLY D 367 3.46 19.16 2.07
C GLY D 367 3.13 20.32 3.00
N SER D 368 2.10 20.12 3.80
CA SER D 368 1.65 21.15 4.73
C SER D 368 2.65 21.38 5.85
N ARG D 369 3.34 20.33 6.28
CA ARG D 369 4.36 20.42 7.32
C ARG D 369 5.75 20.63 6.74
N GLY D 370 5.87 20.87 5.44
CA GLY D 370 7.16 20.94 4.80
C GLY D 370 7.74 19.60 4.41
N GLN D 371 6.97 18.52 4.55
CA GLN D 371 7.45 17.19 4.22
C GLN D 371 7.49 16.99 2.70
N TYR D 372 8.18 15.94 2.29
CA TYR D 372 8.29 15.60 0.88
C TYR D 372 6.95 15.10 0.33
N SER D 373 6.69 15.45 -0.92
CA SER D 373 5.52 14.96 -1.64
C SER D 373 5.84 14.98 -3.12
N ASP D 374 5.30 14.01 -3.86
CA ASP D 374 5.63 13.85 -5.26
C ASP D 374 4.39 13.34 -6.00
N GLU D 375 4.60 12.84 -7.22
CA GLU D 375 3.50 12.34 -8.04
C GLU D 375 2.91 11.04 -7.49
N ASN D 376 3.66 10.31 -6.66
CA ASN D 376 3.12 9.12 -6.01
C ASN D 376 2.53 9.45 -4.64
N ASP D 377 1.68 10.46 -4.60
CA ASP D 377 1.01 10.88 -3.39
C ASP D 377 -0.40 11.33 -3.73
N LYS D 378 -1.37 10.87 -2.95
CA LYS D 378 -2.75 11.21 -3.22
C LYS D 378 -3.08 12.61 -2.70
N ILE D 379 -4.10 13.21 -3.30
CA ILE D 379 -4.69 14.42 -2.73
C ILE D 379 -5.35 14.07 -1.41
N PRO D 380 -5.04 14.78 -0.32
CA PRO D 380 -5.63 14.43 0.98
C PRO D 380 -7.14 14.67 0.99
N LEU D 381 -7.89 13.63 1.34
CA LEU D 381 -9.34 13.71 1.36
C LEU D 381 -9.79 14.58 2.52
N THR D 382 -10.68 15.52 2.23
CA THR D 382 -11.16 16.43 3.27
C THR D 382 -12.12 15.71 4.22
N ASP D 383 -12.35 16.35 5.36
CA ASP D 383 -13.10 15.77 6.48
C ASP D 383 -14.53 15.42 6.08
N ARG D 384 -15.10 16.14 5.11
CA ARG D 384 -16.44 15.85 4.59
C ARG D 384 -16.56 14.46 3.99
N GLN D 385 -15.55 14.01 3.23
CA GLN D 385 -15.65 12.74 2.51
C GLN D 385 -15.58 11.52 3.42
N LEU D 386 -14.73 11.55 4.47
CA LEU D 386 -14.58 10.36 5.29
C LEU D 386 -15.69 10.26 6.35
N PHE D 387 -15.78 11.24 7.24
CA PHE D 387 -16.65 11.14 8.40
C PHE D 387 -18.02 11.79 8.22
N ASN D 388 -18.17 12.69 7.25
CA ASN D 388 -19.44 13.38 7.04
C ASN D 388 -20.20 12.86 5.83
N THR D 389 -20.20 11.55 5.62
CA THR D 389 -21.01 10.93 4.59
C THR D 389 -22.16 10.15 5.24
N SER D 390 -23.11 9.74 4.41
CA SER D 390 -24.24 8.94 4.90
C SER D 390 -23.77 7.52 5.23
N TYR D 391 -24.64 6.77 5.91
CA TYR D 391 -24.27 5.43 6.32
C TYR D 391 -24.16 4.48 5.13
N GLY D 392 -25.10 4.57 4.19
CA GLY D 392 -25.07 3.68 3.04
C GLY D 392 -23.91 3.93 2.11
N GLN D 393 -23.58 5.21 1.90
CA GLN D 393 -22.48 5.58 1.01
C GLN D 393 -21.23 5.82 1.84
N SER D 394 -20.32 4.84 1.83
CA SER D 394 -19.03 4.96 2.50
C SER D 394 -17.94 4.91 1.44
N ILE D 395 -16.85 5.64 1.68
CA ILE D 395 -15.78 5.75 0.71
C ILE D 395 -14.97 4.45 0.59
N THR D 396 -15.10 3.56 1.57
CA THR D 396 -14.49 2.24 1.47
C THR D 396 -15.12 1.38 0.39
N LYS D 397 -16.39 1.66 0.04
CA LYS D 397 -17.14 0.94 -1.00
C LYS D 397 -17.22 -0.56 -0.71
N LEU D 398 -17.33 -0.91 0.57
CA LEU D 398 -17.45 -2.30 0.99
C LEU D 398 -18.76 -2.60 1.69
N ASP D 399 -19.47 -1.58 2.18
CA ASP D 399 -20.66 -1.78 2.99
C ASP D 399 -21.95 -1.84 2.18
N SER D 400 -21.89 -1.58 0.87
CA SER D 400 -23.10 -1.51 0.07
C SER D 400 -22.77 -1.90 -1.37
N TYR D 401 -23.82 -2.19 -2.13
CA TYR D 401 -23.69 -2.53 -3.54
C TYR D 401 -23.75 -1.24 -4.35
N ASN D 402 -22.60 -0.79 -4.84
CA ASN D 402 -22.49 0.42 -5.66
C ASN D 402 -22.18 0.00 -7.08
N PRO D 403 -23.18 -0.04 -7.97
CA PRO D 403 -22.92 -0.39 -9.37
C PRO D 403 -22.43 0.77 -10.21
N ASP D 404 -22.42 1.99 -9.68
CA ASP D 404 -21.86 3.13 -10.41
C ASP D 404 -20.36 3.27 -10.16
N THR D 405 -19.65 2.15 -10.32
CA THR D 405 -18.20 2.12 -10.32
C THR D 405 -17.64 1.29 -11.47
N HIS D 406 -18.43 0.40 -12.05
CA HIS D 406 -18.06 -0.32 -13.26
C HIS D 406 -18.32 0.48 -14.53
N ILE D 407 -18.97 1.64 -14.40
CA ILE D 407 -19.35 2.47 -15.55
C ILE D 407 -18.48 3.71 -15.55
N ASP D 408 -17.83 3.97 -16.68
CA ASP D 408 -17.02 5.18 -16.82
C ASP D 408 -17.91 6.41 -16.78
N SER D 409 -17.46 7.43 -16.05
CA SER D 409 -18.27 8.63 -15.88
C SER D 409 -18.28 9.49 -17.14
N ASN D 410 -17.11 9.65 -17.77
CA ASN D 410 -16.97 10.55 -18.90
C ASN D 410 -17.25 9.89 -20.25
N SER D 411 -17.48 8.58 -20.27
CA SER D 411 -17.69 7.89 -21.54
C SER D 411 -18.98 7.08 -21.52
N GLY D 412 -19.38 6.60 -20.35
CA GLY D 412 -20.59 5.82 -20.21
C GLY D 412 -20.44 4.34 -20.50
N LYS D 413 -19.27 3.89 -20.94
CA LYS D 413 -19.06 2.48 -21.21
C LYS D 413 -18.70 1.75 -19.91
N PHE D 414 -18.48 0.44 -20.03
CA PHE D 414 -18.21 -0.41 -18.88
C PHE D 414 -16.72 -0.54 -18.65
N LEU D 415 -16.28 -0.41 -17.41
CA LEU D 415 -14.88 -0.57 -17.05
C LEU D 415 -14.53 -2.05 -17.08
N ILE D 416 -13.92 -2.49 -18.18
CA ILE D 416 -13.50 -3.88 -18.32
C ILE D 416 -12.21 -4.07 -17.55
N CYS D 417 -12.20 -5.00 -16.60
CA CYS D 417 -10.99 -5.32 -15.87
C CYS D 417 -9.94 -5.91 -16.81
N TYR D 418 -8.68 -5.64 -16.52
CA TYR D 418 -7.62 -6.02 -17.45
C TYR D 418 -7.37 -7.52 -17.45
N LYS D 419 -7.33 -8.14 -16.27
CA LYS D 419 -6.94 -9.55 -16.20
C LYS D 419 -8.08 -10.48 -16.61
N CYS D 420 -9.25 -10.33 -16.00
CA CYS D 420 -10.36 -11.22 -16.29
C CYS D 420 -11.10 -10.87 -17.57
N ASN D 421 -10.84 -9.69 -18.13
CA ASN D 421 -11.49 -9.18 -19.35
C ASN D 421 -13.01 -9.13 -19.21
N GLN D 422 -13.48 -8.82 -18.01
CA GLN D 422 -14.91 -8.79 -17.70
C GLN D 422 -15.19 -7.65 -16.74
N THR D 423 -16.44 -7.23 -16.69
CA THR D 423 -16.94 -6.34 -15.65
C THR D 423 -18.09 -7.03 -14.93
N ARG D 424 -17.85 -7.43 -13.68
CA ARG D 424 -18.85 -8.15 -12.90
C ARG D 424 -19.72 -7.12 -12.18
N LEU D 425 -20.75 -6.66 -12.88
CA LEU D 425 -21.60 -5.61 -12.35
C LEU D 425 -22.56 -6.12 -11.29
N GLY D 426 -22.94 -7.38 -11.35
CA GLY D 426 -23.99 -7.89 -10.51
C GLY D 426 -25.36 -7.60 -11.08
N SER D 427 -26.39 -7.86 -10.27
CA SER D 427 -27.75 -7.70 -10.74
C SER D 427 -28.70 -7.04 -9.75
N TRP D 428 -28.24 -6.72 -8.53
CA TRP D 428 -28.99 -6.10 -7.42
C TRP D 428 -30.05 -7.05 -6.83
N SER D 429 -30.26 -8.20 -7.48
CA SER D 429 -30.95 -9.32 -6.87
C SER D 429 -29.98 -10.39 -6.40
N HIS D 430 -28.81 -10.46 -7.01
CA HIS D 430 -27.68 -11.27 -6.53
C HIS D 430 -26.48 -10.36 -6.48
N PRO D 431 -26.38 -9.49 -5.47
CA PRO D 431 -25.23 -8.57 -5.39
C PRO D 431 -23.92 -9.25 -5.05
N GLU D 432 -23.94 -10.50 -4.58
CA GLU D 432 -22.73 -11.25 -4.33
C GLU D 432 -22.02 -11.67 -5.61
N ASN D 433 -22.70 -11.60 -6.77
CA ASN D 433 -22.06 -11.87 -8.04
C ASN D 433 -21.28 -10.67 -8.58
N SER D 434 -21.35 -9.52 -7.91
CA SER D 434 -20.64 -8.33 -8.34
C SER D 434 -19.25 -8.32 -7.72
N ARG D 435 -18.22 -8.24 -8.56
CA ARG D 435 -16.84 -8.17 -8.11
C ARG D 435 -16.41 -6.71 -8.11
N LEU D 436 -15.68 -6.32 -7.06
CA LEU D 436 -15.30 -4.92 -6.90
C LEU D 436 -14.20 -4.57 -7.89
N ILE D 437 -14.24 -3.33 -8.38
CA ILE D 437 -13.28 -2.87 -9.38
C ILE D 437 -12.78 -1.49 -9.00
N MET D 438 -11.48 -1.26 -9.18
CA MET D 438 -10.86 0.03 -8.99
C MET D 438 -10.20 0.44 -10.29
N THR D 439 -9.68 1.67 -10.30
CA THR D 439 -8.89 2.16 -11.42
C THR D 439 -7.50 2.53 -10.94
N CYS D 440 -6.52 2.36 -11.79
CA CYS D 440 -5.18 2.76 -11.42
C CYS D 440 -5.12 4.26 -11.31
N ASP D 441 -4.25 4.76 -10.46
CA ASP D 441 -4.15 6.19 -10.22
C ASP D 441 -3.23 6.90 -11.22
N TYR D 442 -2.60 6.16 -12.13
CA TYR D 442 -1.71 6.75 -13.11
C TYR D 442 -2.22 6.60 -14.53
N CYS D 443 -2.55 5.38 -14.95
CA CYS D 443 -3.01 5.13 -16.32
C CYS D 443 -4.50 4.84 -16.40
N GLN D 444 -5.18 4.86 -15.28
CA GLN D 444 -6.63 4.63 -15.21
C GLN D 444 -7.04 3.26 -15.74
N THR D 445 -6.16 2.27 -15.64
CA THR D 445 -6.50 0.92 -16.06
C THR D 445 -7.37 0.27 -14.99
N PRO D 446 -8.57 -0.19 -15.32
CA PRO D 446 -9.45 -0.78 -14.30
C PRO D 446 -9.02 -2.22 -13.96
N TRP D 447 -8.96 -2.50 -12.67
CA TRP D 447 -8.57 -3.82 -12.22
C TRP D 447 -9.51 -4.29 -11.14
N HIS D 448 -9.90 -5.55 -11.19
CA HIS D 448 -10.75 -6.14 -10.16
C HIS D 448 -9.98 -6.26 -8.85
N LEU D 449 -10.66 -6.26 -7.72
CA LEU D 449 -9.91 -6.42 -6.50
C LEU D 449 -9.50 -7.87 -6.26
N ASP D 450 -10.04 -8.82 -7.03
CA ASP D 450 -9.60 -10.20 -6.88
C ASP D 450 -8.55 -10.60 -7.90
N CYS D 451 -8.53 -9.96 -9.08
CA CYS D 451 -7.53 -10.29 -10.09
C CYS D 451 -6.14 -9.90 -9.63
N VAL D 452 -5.97 -8.67 -9.16
CA VAL D 452 -4.81 -8.32 -8.35
C VAL D 452 -5.18 -8.63 -6.91
N PRO D 453 -4.32 -9.30 -6.14
CA PRO D 453 -4.70 -9.64 -4.77
C PRO D 453 -4.70 -8.43 -3.86
N ARG D 454 -5.88 -7.83 -3.68
CA ARG D 454 -6.00 -6.66 -2.83
C ARG D 454 -7.29 -6.74 -2.07
N ALA D 455 -7.35 -6.06 -0.93
CA ALA D 455 -8.55 -6.13 -0.11
C ALA D 455 -9.00 -4.76 0.36
N SER D 456 -8.79 -3.75 -0.48
CA SER D 456 -9.19 -2.40 -0.12
C SER D 456 -9.09 -1.54 -1.35
N PHE D 457 -9.54 -0.30 -1.25
CA PHE D 457 -9.55 0.56 -2.40
C PHE D 457 -8.50 1.67 -2.33
N LYS D 458 -7.56 1.57 -1.40
CA LYS D 458 -6.50 2.56 -1.31
C LYS D 458 -7.07 3.95 -1.39
N ASN D 459 -7.95 4.28 -0.45
CA ASN D 459 -8.59 5.58 -0.47
C ASN D 459 -7.64 6.69 -0.04
N LEU D 460 -6.81 6.43 0.96
CA LEU D 460 -5.86 7.44 1.41
C LEU D 460 -4.43 6.90 1.40
N GLY D 461 -3.45 7.80 1.34
CA GLY D 461 -2.08 7.34 1.37
C GLY D 461 -1.37 7.64 0.08
N SER D 462 -0.53 6.72 -0.39
CA SER D 462 0.11 6.87 -1.69
C SER D 462 -0.87 6.49 -2.79
N LYS D 463 -0.61 7.01 -3.98
CA LYS D 463 -1.41 6.64 -5.15
C LYS D 463 -1.17 5.18 -5.51
N TRP D 464 -2.24 4.43 -5.71
CA TRP D 464 -2.12 3.03 -6.06
C TRP D 464 -1.65 2.87 -7.48
N LYS D 465 -0.76 1.91 -7.72
CA LYS D 465 -0.23 1.71 -9.06
C LYS D 465 -0.60 0.34 -9.54
N CYS D 466 -1.21 0.26 -10.72
CA CYS D 466 -1.65 -1.02 -11.22
C CYS D 466 -0.45 -1.91 -11.39
N PRO D 467 -0.68 -3.21 -11.43
CA PRO D 467 0.42 -4.15 -11.61
C PRO D 467 1.08 -4.05 -12.96
N LEU D 468 0.60 -3.17 -13.83
CA LEU D 468 1.13 -3.12 -15.19
C LEU D 468 2.25 -2.10 -15.46
N HIS D 469 2.50 -1.17 -14.54
CA HIS D 469 3.51 -0.15 -14.80
C HIS D 469 4.93 -0.62 -14.65
N SER D 470 5.86 0.15 -15.18
CA SER D 470 7.26 -0.18 -14.97
C SER D 470 7.75 0.39 -13.64
N PRO D 471 8.54 -0.35 -12.87
CA PRO D 471 8.98 0.12 -11.57
C PRO D 471 10.02 1.22 -11.69
N THR D 472 10.00 2.14 -10.72
CA THR D 472 10.97 3.21 -10.64
C THR D 472 12.16 2.86 -9.76
N LYS D 473 12.17 1.66 -9.17
CA LYS D 473 13.27 1.24 -8.30
C LYS D 473 13.31 -0.28 -8.30
N VAL D 474 14.46 -0.81 -8.72
CA VAL D 474 14.62 -2.26 -8.78
C VAL D 474 15.89 -2.73 -8.08
N TYR D 475 15.86 -3.94 -7.55
CA TYR D 475 17.00 -4.54 -6.89
C TYR D 475 17.36 -5.80 -7.65
N LYS D 476 18.64 -5.97 -7.97
CA LYS D 476 19.11 -7.14 -8.69
C LYS D 476 20.25 -7.80 -7.92
N LYS D 477 20.31 -9.12 -8.00
CA LYS D 477 21.33 -9.88 -7.29
C LYS D 477 22.63 -9.89 -8.08
N ILE D 478 23.73 -9.61 -7.39
CA ILE D 478 25.04 -9.62 -8.03
C ILE D 478 25.44 -11.04 -8.41
N HIS D 479 25.27 -11.98 -7.48
CA HIS D 479 25.58 -13.41 -7.64
C HIS D 479 27.04 -13.65 -8.08
N ASN D 488 26.65 -9.32 -2.96
CA ASN D 488 25.81 -8.18 -2.61
C ASN D 488 24.66 -8.03 -3.59
N TYR D 489 24.33 -6.79 -3.94
CA TYR D 489 23.22 -6.50 -4.84
C TYR D 489 23.49 -5.15 -5.50
N LYS D 490 22.71 -4.87 -6.53
CA LYS D 490 22.76 -3.58 -7.22
C LYS D 490 21.34 -3.01 -7.33
N VAL D 491 21.18 -1.77 -6.90
CA VAL D 491 19.90 -1.07 -6.97
C VAL D 491 19.91 -0.17 -8.19
N TRP D 492 18.71 0.09 -8.72
CA TRP D 492 18.56 1.01 -9.83
C TRP D 492 17.33 1.87 -9.57
N LYS D 493 17.47 3.19 -9.72
CA LYS D 493 16.38 4.12 -9.55
C LYS D 493 16.22 4.97 -10.81
N LYS D 494 14.98 5.17 -11.22
CA LYS D 494 14.70 6.04 -12.36
C LYS D 494 14.92 7.50 -11.97
N GLN D 495 15.39 8.29 -12.92
CA GLN D 495 15.60 9.71 -12.68
C GLN D 495 14.27 10.43 -12.50
N ARG D 496 14.28 11.47 -11.67
CA ARG D 496 13.08 12.27 -11.45
C ARG D 496 12.79 13.12 -12.68
N LEU D 497 11.52 13.49 -12.82
CA LEU D 497 11.12 14.32 -13.94
C LEU D 497 11.67 15.73 -13.78
N ILE D 498 12.11 16.31 -14.90
CA ILE D 498 12.71 17.64 -14.93
C ILE D 498 11.91 18.50 -15.90
N ASN D 499 11.71 19.76 -15.55
CA ASN D 499 11.00 20.71 -16.40
C ASN D 499 11.71 20.90 -17.73
N LYS D 500 10.94 21.34 -18.73
CA LYS D 500 11.40 21.36 -20.11
C LYS D 500 12.57 22.31 -20.36
N LYS D 501 12.77 23.31 -19.50
CA LYS D 501 13.92 24.19 -19.63
C LYS D 501 15.23 23.47 -19.32
N ASN D 502 15.30 22.72 -18.22
CA ASN D 502 16.54 22.08 -17.80
C ASN D 502 16.62 20.62 -18.26
N GLN D 503 15.64 20.13 -19.02
CA GLN D 503 15.64 18.75 -19.48
C GLN D 503 15.75 18.72 -21.00
N LEU D 504 16.68 17.93 -21.51
CA LEU D 504 16.86 17.72 -22.95
C LEU D 504 16.78 16.23 -23.25
N TYR D 505 16.03 15.90 -24.30
CA TYR D 505 15.85 14.52 -24.74
C TYR D 505 16.70 14.32 -25.99
N TYR D 506 17.47 13.24 -26.04
CA TYR D 506 18.33 13.00 -27.19
C TYR D 506 18.04 11.62 -27.76
N GLU D 507 18.20 11.50 -29.09
CA GLU D 507 17.90 10.28 -29.82
C GLU D 507 19.22 9.62 -30.18
N PRO D 508 19.50 8.41 -29.71
CA PRO D 508 20.76 7.73 -30.05
C PRO D 508 20.98 7.54 -31.54
N LEU D 509 22.25 7.63 -31.93
CA LEU D 509 22.62 7.24 -33.29
C LEU D 509 22.69 5.72 -33.41
N GLN D 510 23.14 5.05 -32.35
CA GLN D 510 23.22 3.60 -32.33
C GLN D 510 21.86 3.02 -31.95
N LYS D 511 21.36 2.09 -32.77
CA LYS D 511 20.06 1.50 -32.52
C LYS D 511 20.15 0.22 -31.69
N ILE D 512 21.04 -0.70 -32.06
CA ILE D 512 21.15 -2.00 -31.42
C ILE D 512 22.30 -1.94 -30.42
N GLY D 513 22.01 -2.27 -29.17
CA GLY D 513 23.05 -2.37 -28.15
C GLY D 513 23.44 -1.06 -27.50
N TYR D 514 22.61 -0.03 -27.61
CA TYR D 514 22.91 1.26 -26.96
C TYR D 514 22.71 1.11 -25.46
N GLN D 515 23.80 1.10 -24.71
CA GLN D 515 23.75 0.89 -23.27
C GLN D 515 23.21 2.14 -22.59
N ASN D 516 21.89 2.20 -22.47
CA ASN D 516 21.24 3.32 -21.80
C ASN D 516 21.17 3.01 -20.33
N ASN D 517 20.75 3.97 -19.53
CA ASN D 517 20.74 3.77 -18.09
C ASN D 517 19.41 3.24 -17.63
N GLY D 518 18.51 3.00 -18.56
CA GLY D 518 17.18 2.56 -18.19
C GLY D 518 16.22 3.71 -18.32
N ASN D 519 16.73 4.94 -18.25
CA ASN D 519 15.87 6.08 -18.46
C ASN D 519 15.62 6.15 -19.94
N ILE D 520 14.41 5.82 -20.36
CA ILE D 520 14.12 5.74 -21.77
C ILE D 520 12.86 6.45 -22.15
N GLN D 521 12.79 6.95 -23.38
CA GLN D 521 11.56 7.54 -23.87
C GLN D 521 11.28 6.93 -25.22
N ILE D 522 10.04 6.58 -25.48
CA ILE D 522 9.74 5.92 -26.74
C ILE D 522 9.28 6.91 -27.80
N ILE D 523 9.51 6.59 -29.06
CA ILE D 523 9.14 7.46 -30.17
C ILE D 523 8.13 6.72 -31.06
N PRO D 524 7.30 7.43 -31.82
CA PRO D 524 6.39 6.75 -32.75
C PRO D 524 7.13 6.09 -33.90
N THR D 525 6.46 5.15 -34.56
CA THR D 525 7.06 4.35 -35.62
C THR D 525 6.69 4.94 -36.97
N THR D 526 7.70 5.12 -37.83
CA THR D 526 7.47 5.56 -39.20
C THR D 526 7.99 4.53 -40.20
N ASN D 545 7.81 -0.94 -44.07
CA ASN D 545 7.37 -2.29 -44.37
C ASN D 545 8.55 -3.25 -44.47
N SER D 546 9.69 -2.74 -44.96
CA SER D 546 10.86 -3.59 -45.17
C SER D 546 11.52 -4.00 -43.86
N ILE D 547 11.18 -3.32 -42.75
CA ILE D 547 11.73 -3.66 -41.45
C ILE D 547 11.27 -5.05 -41.01
N LYS D 548 10.03 -5.42 -41.31
CA LYS D 548 9.51 -6.73 -40.92
C LYS D 548 10.24 -7.87 -41.63
N TYR D 549 10.43 -7.75 -42.94
CA TYR D 549 11.18 -8.76 -43.68
C TYR D 549 12.66 -8.77 -43.32
N ASP D 550 13.25 -7.61 -43.04
CA ASP D 550 14.63 -7.55 -42.56
C ASP D 550 14.79 -8.29 -41.24
N PHE D 551 13.86 -8.08 -40.32
CA PHE D 551 13.90 -8.80 -39.06
C PHE D 551 13.78 -10.27 -39.34
N PHE D 552 12.76 -10.65 -40.11
CA PHE D 552 12.53 -12.06 -40.44
C PHE D 552 13.80 -12.73 -40.94
N ASP D 553 14.48 -12.11 -41.92
CA ASP D 553 15.71 -12.70 -42.46
C ASP D 553 16.83 -12.72 -41.43
N LYS D 554 16.91 -11.71 -40.56
CA LYS D 554 17.93 -11.71 -39.53
C LYS D 554 17.73 -12.84 -38.52
N ILE D 555 16.48 -13.06 -38.07
CA ILE D 555 16.19 -14.20 -37.20
C ILE D 555 16.46 -15.52 -37.90
N TYR D 556 16.11 -15.62 -39.19
CA TYR D 556 16.36 -16.85 -39.95
C TYR D 556 17.85 -17.18 -40.01
N LYS D 557 18.66 -16.20 -40.46
CA LYS D 557 20.11 -16.38 -40.58
C LYS D 557 20.74 -16.72 -39.24
N SER D 558 20.36 -15.99 -38.19
CA SER D 558 20.90 -16.27 -36.86
C SER D 558 20.48 -17.65 -36.37
N LYS D 559 19.31 -18.14 -36.78
CA LYS D 559 18.88 -19.45 -36.31
C LYS D 559 19.67 -20.60 -36.94
N MET D 560 19.95 -20.56 -38.26
CA MET D 560 20.86 -21.61 -38.74
C MET D 560 22.29 -21.40 -38.24
N VAL D 561 22.66 -20.17 -37.89
CA VAL D 561 23.95 -19.97 -37.22
C VAL D 561 23.98 -20.68 -35.86
N GLN D 562 22.89 -20.57 -35.09
CA GLN D 562 22.82 -21.25 -33.79
C GLN D 562 22.82 -22.76 -33.98
N LYS D 563 22.09 -23.25 -34.98
CA LYS D 563 22.05 -24.69 -35.26
C LYS D 563 23.42 -25.23 -35.62
N ARG D 564 24.16 -24.52 -36.48
CA ARG D 564 25.48 -25.00 -36.87
C ARG D 564 26.45 -24.88 -35.70
N LYS D 565 26.26 -23.89 -34.82
CA LYS D 565 27.05 -23.83 -33.59
C LYS D 565 26.82 -25.04 -32.71
N LEU D 566 25.56 -25.50 -32.60
CA LEU D 566 25.28 -26.70 -31.82
C LEU D 566 25.88 -27.95 -32.47
N PHE D 567 25.72 -28.09 -33.79
CA PHE D 567 26.27 -29.23 -34.53
C PHE D 567 27.79 -29.30 -34.52
N GLN D 568 28.49 -28.18 -34.65
CA GLN D 568 29.95 -28.23 -34.67
C GLN D 568 30.55 -28.56 -33.31
N PHE D 569 29.74 -28.48 -32.27
CA PHE D 569 30.22 -28.79 -30.93
C PHE D 569 29.88 -30.23 -30.57
N GLN D 570 28.64 -30.64 -30.82
CA GLN D 570 28.24 -31.99 -30.42
C GLN D 570 29.09 -33.06 -31.12
N GLU D 571 29.56 -32.76 -32.34
CA GLU D 571 30.47 -33.68 -33.02
C GLU D 571 31.79 -33.81 -32.28
N SER D 572 32.33 -32.71 -31.76
CA SER D 572 33.52 -32.80 -30.93
C SER D 572 33.24 -33.54 -29.63
N LEU D 573 32.04 -33.35 -29.06
CA LEU D 573 31.67 -34.07 -27.85
C LEU D 573 31.63 -35.58 -28.07
N ILE D 574 31.05 -36.02 -29.19
CA ILE D 574 30.99 -37.46 -29.42
C ILE D 574 32.31 -38.01 -29.95
N ASP D 575 33.17 -37.16 -30.53
CA ASP D 575 34.50 -37.60 -30.93
C ASP D 575 35.51 -37.61 -29.80
N LYS D 576 35.19 -36.96 -28.67
CA LYS D 576 36.06 -37.02 -27.50
C LYS D 576 36.06 -38.38 -26.82
N LEU D 577 34.93 -39.11 -26.87
CA LEU D 577 34.77 -40.30 -26.03
C LEU D 577 35.59 -41.49 -26.53
N VAL D 578 35.94 -41.53 -27.82
CA VAL D 578 36.70 -42.66 -28.33
C VAL D 578 38.13 -42.64 -27.80
N SER D 579 38.73 -41.45 -27.65
CA SER D 579 40.08 -41.33 -27.13
C SER D 579 40.14 -41.62 -25.63
N SER E 221 42.02 6.10 -31.70
CA SER E 221 42.28 4.89 -30.94
C SER E 221 42.32 3.66 -31.83
N LEU E 222 42.43 3.87 -33.14
CA LEU E 222 42.39 2.75 -34.07
C LEU E 222 43.77 2.17 -34.31
N GLN E 223 43.83 0.85 -34.46
CA GLN E 223 45.11 0.21 -34.66
C GLN E 223 45.20 -0.39 -36.05
N ILE E 224 46.24 -0.02 -36.80
CA ILE E 224 46.42 -0.55 -38.14
C ILE E 224 47.78 -1.23 -38.22
N PRO E 225 47.78 -2.55 -38.40
CA PRO E 225 49.03 -3.29 -38.50
C PRO E 225 49.91 -2.77 -39.62
N ILE E 226 51.22 -2.84 -39.44
CA ILE E 226 52.13 -2.41 -40.49
C ILE E 226 51.84 -3.21 -41.75
N LYS E 227 51.37 -4.44 -41.60
CA LYS E 227 50.99 -5.21 -42.77
C LYS E 227 50.22 -4.27 -43.66
N LEU E 228 49.26 -3.55 -43.08
CA LEU E 228 48.50 -2.59 -43.84
C LEU E 228 49.27 -1.29 -43.94
N LYS E 229 49.89 -0.87 -42.83
CA LYS E 229 50.59 0.42 -42.86
C LYS E 229 51.66 0.44 -43.94
N SER E 230 52.44 -0.64 -44.05
CA SER E 230 53.47 -0.72 -45.08
C SER E 230 52.86 -0.69 -46.47
N VAL E 231 51.74 -1.39 -46.68
CA VAL E 231 51.16 -1.41 -48.01
C VAL E 231 50.49 -0.07 -48.33
N LEU E 232 50.02 0.68 -47.33
CA LEU E 232 49.43 1.97 -47.65
C LEU E 232 50.49 3.03 -47.94
N VAL E 233 51.63 2.99 -47.24
CA VAL E 233 52.70 3.91 -47.64
C VAL E 233 53.31 3.49 -48.99
N ASP E 234 53.31 2.20 -49.31
CA ASP E 234 53.77 1.76 -50.63
C ASP E 234 52.80 2.27 -51.71
N ASP E 235 51.50 2.21 -51.44
CA ASP E 235 50.52 2.79 -52.35
C ASP E 235 50.67 4.30 -52.45
N TRP E 236 51.05 4.95 -51.34
CA TRP E 236 51.34 6.38 -51.36
C TRP E 236 52.52 6.69 -52.27
N GLU E 237 53.55 5.85 -52.23
CA GLU E 237 54.68 5.99 -53.14
C GLU E 237 54.26 5.76 -54.59
N TYR E 238 53.36 4.82 -54.83
CA TYR E 238 52.84 4.63 -56.18
C TYR E 238 51.99 5.80 -56.67
N VAL E 239 51.24 6.46 -55.81
CA VAL E 239 50.34 7.53 -56.27
C VAL E 239 50.98 8.91 -56.25
N THR E 240 52.09 9.11 -55.52
CA THR E 240 52.76 10.40 -55.50
C THR E 240 54.05 10.42 -56.31
N LYS E 241 54.96 9.49 -56.05
CA LYS E 241 56.24 9.47 -56.74
C LYS E 241 56.19 8.72 -58.06
N ASP E 242 55.05 8.12 -58.41
CA ASP E 242 54.92 7.36 -59.65
C ASP E 242 53.63 7.75 -60.35
N LYS E 243 53.64 7.60 -61.68
CA LYS E 243 52.45 7.88 -62.48
C LYS E 243 51.46 6.73 -62.46
N LYS E 244 51.88 5.55 -62.01
CA LYS E 244 51.01 4.37 -62.02
C LYS E 244 49.89 4.51 -61.01
N ILE E 245 48.65 4.32 -61.49
CA ILE E 245 47.45 4.42 -60.66
C ILE E 245 46.67 3.12 -60.74
N CYS E 246 45.53 3.07 -60.06
CA CYS E 246 44.69 1.89 -60.09
C CYS E 246 43.99 1.75 -61.45
N ARG E 247 43.50 0.54 -61.71
CA ARG E 247 42.88 0.25 -62.99
C ARG E 247 41.48 0.86 -63.06
N LEU E 248 40.96 0.96 -64.28
CA LEU E 248 39.64 1.53 -64.55
C LEU E 248 38.51 0.72 -63.89
N PRO E 249 38.47 -0.62 -63.95
CA PRO E 249 37.53 -1.33 -63.07
C PRO E 249 38.10 -1.67 -61.71
N ALA E 250 39.39 -1.38 -61.48
CA ALA E 250 40.10 -1.56 -60.21
C ALA E 250 40.09 -3.01 -59.75
N ASP E 251 40.05 -3.94 -60.71
CA ASP E 251 40.09 -5.41 -60.51
C ASP E 251 38.92 -5.79 -59.61
N VAL E 252 39.18 -6.32 -58.41
CA VAL E 252 38.09 -6.64 -57.50
C VAL E 252 37.51 -5.35 -56.93
N THR E 253 36.19 -5.20 -57.06
CA THR E 253 35.53 -4.02 -56.55
C THR E 253 34.95 -4.30 -55.16
N VAL E 254 34.08 -3.40 -54.68
CA VAL E 254 33.80 -3.38 -53.25
C VAL E 254 32.58 -4.22 -52.90
N GLU E 255 31.69 -4.49 -53.86
CA GLU E 255 30.48 -5.26 -53.56
C GLU E 255 30.83 -6.68 -53.17
N MET E 256 31.76 -7.30 -53.92
CA MET E 256 32.10 -8.69 -53.63
C MET E 256 32.84 -8.84 -52.30
N VAL E 257 33.76 -7.92 -51.99
CA VAL E 257 34.49 -8.02 -50.73
C VAL E 257 33.57 -7.73 -49.55
N LEU E 258 32.63 -6.80 -49.70
CA LEU E 258 31.71 -6.52 -48.60
C LEU E 258 30.66 -7.62 -48.46
N ASN E 259 30.27 -8.24 -49.58
CA ASN E 259 29.30 -9.33 -49.51
C ASN E 259 29.92 -10.58 -48.91
N LYS E 260 31.17 -10.89 -49.24
CA LYS E 260 31.81 -12.02 -48.57
C LYS E 260 32.17 -11.66 -47.14
N TYR E 261 32.37 -10.37 -46.85
CA TYR E 261 32.55 -9.92 -45.48
C TYR E 261 31.32 -10.21 -44.64
N GLU E 262 30.14 -9.85 -45.13
CA GLU E 262 28.93 -10.18 -44.38
C GLU E 262 28.68 -11.69 -44.39
N HIS E 263 29.00 -12.36 -45.50
CA HIS E 263 28.75 -13.79 -45.62
C HIS E 263 29.64 -14.64 -44.72
N GLU E 264 30.79 -14.12 -44.27
CA GLU E 264 31.52 -14.85 -43.24
C GLU E 264 31.30 -14.31 -41.84
N VAL E 265 31.27 -12.99 -41.63
CA VAL E 265 31.14 -12.50 -40.24
C VAL E 265 29.72 -12.64 -39.72
N SER E 266 28.69 -12.35 -40.53
CA SER E 266 27.32 -12.55 -40.05
C SER E 266 27.02 -14.03 -39.85
N GLN E 267 27.68 -14.90 -40.61
CA GLN E 267 27.62 -16.33 -40.34
C GLN E 267 28.48 -16.72 -39.14
N GLU E 268 29.41 -15.86 -38.71
CA GLU E 268 30.14 -16.05 -37.48
C GLU E 268 29.59 -15.23 -36.32
N LEU E 269 29.00 -14.07 -36.60
CA LEU E 269 28.29 -13.32 -35.56
C LEU E 269 27.07 -14.09 -35.11
N GLU E 270 26.84 -14.09 -33.80
CA GLU E 270 26.06 -15.15 -33.18
C GLU E 270 24.61 -14.75 -32.97
N SER E 271 24.36 -13.63 -32.31
CA SER E 271 23.03 -13.11 -32.05
C SER E 271 22.49 -12.35 -33.26
N PRO E 272 21.16 -12.34 -33.46
CA PRO E 272 20.60 -11.61 -34.61
C PRO E 272 20.80 -10.11 -34.57
N GLY E 273 20.85 -9.51 -33.39
CA GLY E 273 21.11 -8.07 -33.31
C GLY E 273 22.51 -7.72 -33.78
N SER E 274 23.48 -8.60 -33.51
CA SER E 274 24.83 -8.40 -34.01
C SER E 274 24.87 -8.45 -35.53
N GLN E 275 24.13 -9.38 -36.14
CA GLN E 275 24.03 -9.41 -37.59
C GLN E 275 23.30 -8.19 -38.12
N SER E 276 22.33 -7.67 -37.35
CA SER E 276 21.62 -6.46 -37.74
C SER E 276 22.55 -5.25 -37.78
N GLN E 277 23.37 -5.07 -36.75
CA GLN E 277 24.30 -3.95 -36.78
C GLN E 277 25.44 -4.18 -37.76
N LEU E 278 25.76 -5.44 -38.07
CA LEU E 278 26.74 -5.73 -39.10
C LEU E 278 26.23 -5.31 -40.48
N SER E 279 24.99 -5.66 -40.78
CA SER E 279 24.42 -5.26 -42.06
C SER E 279 24.47 -3.75 -42.16
N GLU E 280 24.08 -3.07 -41.10
CA GLU E 280 24.06 -1.63 -41.12
C GLU E 280 25.44 -1.07 -41.42
N TYR E 281 26.46 -1.62 -40.77
CA TYR E 281 27.80 -1.09 -40.95
C TYR E 281 28.20 -1.17 -42.41
N CYS E 282 28.03 -2.34 -43.01
CA CYS E 282 28.44 -2.49 -44.39
C CYS E 282 27.64 -1.60 -45.31
N ALA E 283 26.33 -1.58 -45.12
CA ALA E 283 25.49 -0.76 -45.97
C ALA E 283 25.86 0.69 -45.81
N GLY E 284 26.05 1.10 -44.57
CA GLY E 284 26.41 2.48 -44.30
C GLY E 284 27.72 2.76 -44.99
N LEU E 285 28.66 1.84 -44.81
CA LEU E 285 29.93 1.99 -45.48
C LEU E 285 29.65 2.19 -46.95
N LYS E 286 28.84 1.30 -47.53
CA LYS E 286 28.57 1.41 -48.96
C LYS E 286 28.09 2.80 -49.32
N LEU E 287 27.14 3.33 -48.55
CA LEU E 287 26.64 4.69 -48.81
C LEU E 287 27.71 5.74 -48.55
N TYR E 288 28.60 5.51 -47.57
CA TYR E 288 29.65 6.48 -47.30
C TYR E 288 30.72 6.46 -48.39
N PHE E 289 31.01 5.29 -48.95
CA PHE E 289 31.93 5.21 -50.08
C PHE E 289 31.30 5.83 -51.33
N ASP E 290 29.97 5.74 -51.44
CA ASP E 290 29.27 6.41 -52.54
C ASP E 290 29.37 7.93 -52.37
N LYS E 291 29.12 8.42 -51.16
CA LYS E 291 28.94 9.85 -50.91
C LYS E 291 30.24 10.55 -50.51
N CYS E 292 31.35 9.83 -50.38
CA CYS E 292 32.58 10.40 -49.84
C CYS E 292 33.76 10.29 -50.81
N LEU E 293 33.66 9.46 -51.86
CA LEU E 293 34.78 9.24 -52.77
C LEU E 293 35.14 10.52 -53.52
N GLY E 294 34.15 11.34 -53.85
CA GLY E 294 34.41 12.57 -54.58
C GLY E 294 34.96 13.71 -53.76
N ASN E 295 35.03 13.56 -52.43
CA ASN E 295 35.41 14.68 -51.57
C ASN E 295 36.74 14.45 -50.86
N MET E 296 36.93 13.29 -50.24
CA MET E 296 38.12 12.98 -49.47
C MET E 296 39.06 11.99 -50.15
N LEU E 297 38.53 10.89 -50.69
CA LEU E 297 39.39 9.78 -51.10
C LEU E 297 39.87 9.94 -52.54
N LEU E 298 40.52 11.05 -52.86
CA LEU E 298 41.05 11.26 -54.19
C LEU E 298 42.44 11.87 -54.10
N TYR E 299 43.30 11.47 -55.03
CA TYR E 299 44.67 11.98 -55.14
C TYR E 299 44.82 12.70 -56.47
N ARG E 300 46.05 13.12 -56.77
CA ARG E 300 46.34 13.73 -58.05
C ARG E 300 46.24 12.71 -59.17
N LEU E 301 45.80 13.19 -60.34
CA LEU E 301 45.52 12.41 -61.56
C LEU E 301 44.34 11.45 -61.39
N GLU E 302 43.71 11.44 -60.20
CA GLU E 302 42.47 10.70 -59.99
C GLU E 302 41.22 11.54 -60.18
N ARG E 303 41.35 12.85 -60.08
CA ARG E 303 40.20 13.70 -60.35
C ARG E 303 39.83 13.46 -61.80
N LEU E 304 40.80 13.63 -62.69
CA LEU E 304 40.55 13.42 -64.10
C LEU E 304 40.01 12.01 -64.36
N GLN E 305 40.47 11.03 -63.56
CA GLN E 305 40.00 9.66 -63.70
C GLN E 305 38.52 9.55 -63.39
N TYR E 306 38.11 10.09 -62.23
CA TYR E 306 36.70 10.14 -61.88
C TYR E 306 35.93 11.04 -62.83
N ASP E 307 36.63 11.97 -63.50
CA ASP E 307 35.98 12.81 -64.50
C ASP E 307 35.55 12.03 -65.73
N GLU E 308 36.40 11.18 -66.33
CA GLU E 308 35.83 10.50 -67.50
C GLU E 308 35.02 9.29 -67.06
N LEU E 309 35.16 8.85 -65.80
CA LEU E 309 34.17 7.92 -65.26
C LEU E 309 32.77 8.53 -65.22
N LEU E 310 32.63 9.78 -64.77
CA LEU E 310 31.30 10.37 -64.75
C LEU E 310 30.85 10.77 -66.15
N LYS E 311 31.79 11.09 -67.05
CA LYS E 311 31.40 11.35 -68.42
C LYS E 311 30.97 10.08 -69.15
N LYS E 312 31.57 8.94 -68.81
CA LYS E 312 31.14 7.66 -69.37
C LYS E 312 29.82 7.20 -68.78
N SER E 313 29.57 7.53 -67.50
CA SER E 313 28.31 7.14 -66.86
C SER E 313 27.12 7.84 -67.52
N SER E 314 27.26 9.11 -67.89
CA SER E 314 26.18 9.85 -68.50
C SER E 314 25.89 9.41 -69.93
N LYS E 315 26.79 8.65 -70.56
CA LYS E 315 26.57 8.24 -71.94
C LYS E 315 25.52 7.14 -72.05
N ASP E 316 25.52 6.18 -71.13
CA ASP E 316 24.63 5.03 -71.21
C ASP E 316 23.41 5.17 -70.32
N GLN E 317 23.15 6.37 -69.79
CA GLN E 317 21.98 6.79 -69.01
C GLN E 317 21.89 6.13 -67.63
N LYS E 318 22.77 5.19 -67.31
CA LYS E 318 22.83 4.67 -65.95
C LYS E 318 23.61 5.65 -65.07
N PRO E 319 23.15 5.93 -63.85
CA PRO E 319 23.81 6.96 -63.07
C PRO E 319 25.14 6.62 -62.37
N LEU E 320 25.84 7.68 -61.98
CA LEU E 320 27.19 7.52 -61.47
C LEU E 320 27.15 7.15 -60.00
N VAL E 321 27.36 5.87 -59.72
CA VAL E 321 27.61 5.42 -58.35
C VAL E 321 29.06 4.95 -58.30
N PRO E 322 29.80 5.26 -57.25
CA PRO E 322 31.23 4.99 -57.22
C PRO E 322 31.63 3.64 -56.61
N ILE E 323 30.66 2.80 -56.25
CA ILE E 323 31.00 1.55 -55.57
C ILE E 323 31.39 0.47 -56.58
N ARG E 324 30.67 0.38 -57.70
CA ARG E 324 30.89 -0.76 -58.59
C ARG E 324 32.04 -0.51 -59.56
N ILE E 325 32.69 0.65 -59.45
CA ILE E 325 33.80 0.94 -60.36
C ILE E 325 35.12 0.92 -59.62
N TYR E 326 35.08 1.09 -58.30
CA TYR E 326 36.33 1.22 -57.55
C TYR E 326 36.74 -0.01 -56.78
N GLY E 327 37.92 0.04 -56.18
CA GLY E 327 38.44 -1.09 -55.45
C GLY E 327 38.56 -0.86 -53.95
N ALA E 328 39.26 -1.78 -53.29
CA ALA E 328 39.41 -1.81 -51.84
C ALA E 328 40.42 -0.81 -51.30
N ILE E 329 41.28 -0.26 -52.19
CA ILE E 329 42.33 0.65 -51.78
C ILE E 329 41.73 1.91 -51.14
N HIS E 330 40.68 2.48 -51.72
CA HIS E 330 40.08 3.65 -51.11
C HIS E 330 39.12 3.28 -49.99
N LEU E 331 38.74 2.00 -49.85
CA LEU E 331 38.14 1.60 -48.58
C LEU E 331 39.11 1.73 -47.42
N LEU E 332 40.28 1.05 -47.47
CA LEU E 332 41.13 1.18 -46.28
C LEU E 332 41.75 2.58 -46.20
N ARG E 333 41.75 3.33 -47.31
CA ARG E 333 41.92 4.78 -47.22
C ARG E 333 40.83 5.42 -46.37
N LEU E 334 39.58 4.97 -46.51
CA LEU E 334 38.49 5.57 -45.76
C LEU E 334 38.57 5.24 -44.28
N ILE E 335 38.91 4.00 -43.92
CA ILE E 335 39.12 3.74 -42.48
C ILE E 335 40.42 4.39 -41.99
N SER E 336 41.37 4.68 -42.89
CA SER E 336 42.56 5.40 -42.45
C SER E 336 42.22 6.85 -42.11
N VAL E 337 41.35 7.49 -42.90
CA VAL E 337 40.99 8.87 -42.61
C VAL E 337 39.86 8.93 -41.56
N LEU E 338 39.26 7.78 -41.24
CA LEU E 338 38.13 7.72 -40.31
C LEU E 338 38.33 8.27 -38.89
N PRO E 339 39.42 8.01 -38.14
CA PRO E 339 39.41 8.50 -36.75
C PRO E 339 39.56 10.01 -36.55
N GLU E 340 40.34 10.72 -37.38
CA GLU E 340 40.33 12.18 -37.32
C GLU E 340 38.98 12.74 -37.75
N LEU E 341 38.36 12.12 -38.75
CA LEU E 341 37.07 12.58 -39.26
C LEU E 341 35.93 12.30 -38.27
N ILE E 342 36.09 11.25 -37.45
CA ILE E 342 35.04 10.88 -36.50
C ILE E 342 35.03 11.85 -35.32
N SER E 343 36.14 12.55 -35.09
CA SER E 343 36.25 13.50 -34.00
C SER E 343 35.99 14.93 -34.44
N SER E 344 35.69 15.15 -35.72
CA SER E 344 35.46 16.50 -36.22
C SER E 344 34.12 17.05 -35.75
N THR E 345 33.08 16.23 -35.82
CA THR E 345 31.72 16.65 -35.48
C THR E 345 31.31 16.09 -34.12
N THR E 346 30.10 16.45 -33.70
CA THR E 346 29.58 15.98 -32.43
C THR E 346 29.14 14.52 -32.58
N MET E 347 29.58 13.68 -31.64
CA MET E 347 29.29 12.25 -31.66
C MET E 347 29.09 11.77 -30.23
N ASP E 348 28.53 10.57 -30.09
CA ASP E 348 28.25 9.99 -28.79
C ASP E 348 29.53 9.58 -28.07
N LEU E 349 29.36 8.96 -26.90
CA LEU E 349 30.46 8.16 -26.38
C LEU E 349 30.48 6.79 -27.03
N GLN E 350 29.48 5.96 -26.72
CA GLN E 350 29.58 4.52 -26.98
C GLN E 350 29.32 4.17 -28.44
N SER E 351 28.74 5.09 -29.21
CA SER E 351 28.66 4.90 -30.65
C SER E 351 30.05 4.89 -31.28
N CYS E 352 30.99 5.64 -30.69
CA CYS E 352 32.36 5.59 -31.17
C CYS E 352 33.01 4.23 -30.92
N GLN E 353 32.80 3.62 -29.75
CA GLN E 353 33.28 2.25 -29.54
C GLN E 353 32.59 1.24 -30.45
N LEU E 354 31.29 1.42 -30.75
CA LEU E 354 30.66 0.51 -31.69
C LEU E 354 31.29 0.64 -33.09
N LEU E 355 31.51 1.88 -33.53
CA LEU E 355 32.12 2.10 -34.84
C LEU E 355 33.56 1.60 -34.88
N ILE E 356 34.33 1.82 -33.81
CA ILE E 356 35.72 1.36 -33.86
C ILE E 356 35.81 -0.15 -33.73
N LYS E 357 34.89 -0.79 -33.01
CA LYS E 357 34.87 -2.25 -32.96
C LYS E 357 34.50 -2.83 -34.31
N GLN E 358 33.57 -2.20 -35.02
CA GLN E 358 33.25 -2.65 -36.38
C GLN E 358 34.42 -2.47 -37.32
N THR E 359 35.16 -1.35 -37.19
CA THR E 359 36.30 -1.16 -38.07
C THR E 359 37.41 -2.15 -37.75
N GLU E 360 37.65 -2.43 -36.46
CA GLU E 360 38.67 -3.41 -36.09
C GLU E 360 38.33 -4.82 -36.55
N ASP E 361 37.07 -5.25 -36.42
CA ASP E 361 36.83 -6.63 -36.87
C ASP E 361 36.79 -6.71 -38.40
N PHE E 362 36.41 -5.61 -39.07
CA PHE E 362 36.56 -5.56 -40.53
C PHE E 362 38.03 -5.62 -40.96
N LEU E 363 38.90 -4.87 -40.27
CA LEU E 363 40.32 -4.87 -40.67
C LEU E 363 41.01 -6.19 -40.33
N VAL E 364 40.65 -6.84 -39.21
CA VAL E 364 41.27 -8.13 -38.96
C VAL E 364 40.72 -9.19 -39.90
N TRP E 365 39.46 -9.08 -40.32
CA TRP E 365 38.94 -9.95 -41.36
C TRP E 365 39.67 -9.74 -42.68
N LEU E 366 40.06 -8.49 -42.97
CA LEU E 366 40.95 -8.25 -44.09
C LEU E 366 42.32 -8.87 -43.85
N LEU E 367 42.84 -8.77 -42.62
CA LEU E 367 44.16 -9.26 -42.27
C LEU E 367 44.28 -10.78 -42.35
N MET E 368 43.16 -11.51 -42.30
CA MET E 368 43.21 -12.94 -42.59
C MET E 368 43.66 -13.21 -44.03
N HIS E 369 43.15 -12.44 -44.99
CA HIS E 369 43.37 -12.72 -46.41
C HIS E 369 43.72 -11.43 -47.18
N VAL E 370 44.74 -10.71 -46.70
CA VAL E 370 45.24 -9.53 -47.40
C VAL E 370 45.68 -9.87 -48.82
N ASP E 371 46.39 -10.99 -48.98
CA ASP E 371 46.99 -11.37 -50.25
C ASP E 371 45.98 -11.70 -51.35
N GLU E 372 44.70 -11.87 -51.00
CA GLU E 372 43.67 -12.11 -52.02
C GLU E 372 43.52 -10.90 -52.95
N TYR E 373 43.46 -9.70 -52.39
CA TYR E 373 43.18 -8.50 -53.15
C TYR E 373 44.40 -7.63 -53.36
N PHE E 374 45.49 -7.86 -52.64
CA PHE E 374 46.57 -6.90 -52.52
C PHE E 374 47.90 -7.47 -53.02
N ASN E 375 47.87 -8.12 -54.17
CA ASN E 375 49.06 -8.65 -54.81
C ASN E 375 49.33 -7.88 -56.09
N ASP E 376 50.53 -7.33 -56.21
CA ASP E 376 50.90 -6.53 -57.38
C ASP E 376 51.23 -7.42 -58.57
N GLU F 258 39.76 37.67 -50.76
CA GLU F 258 38.93 37.28 -51.89
C GLU F 258 39.58 36.17 -52.70
N ASN F 259 40.89 35.98 -52.49
CA ASN F 259 41.64 34.97 -53.20
C ASN F 259 42.87 34.58 -52.37
N GLU F 260 43.45 33.44 -52.72
CA GLU F 260 44.63 32.93 -52.03
C GLU F 260 45.67 32.49 -53.05
N ASP F 261 46.95 32.57 -52.67
CA ASP F 261 48.02 32.29 -53.60
C ASP F 261 48.17 30.80 -53.88
N PHE F 262 47.78 29.95 -52.94
CA PHE F 262 47.85 28.51 -53.10
C PHE F 262 46.45 27.93 -52.97
N CYS F 263 46.23 26.80 -53.65
CA CYS F 263 44.93 26.12 -53.58
C CYS F 263 44.76 25.48 -52.20
N SER F 264 43.66 25.80 -51.53
CA SER F 264 43.41 25.24 -50.21
C SER F 264 43.04 23.76 -50.26
N ALA F 265 42.77 23.22 -51.44
CA ALA F 265 42.45 21.81 -51.61
C ALA F 265 43.69 20.98 -51.93
N CYS F 266 44.38 21.31 -53.01
CA CYS F 266 45.47 20.50 -53.51
C CYS F 266 46.84 20.95 -53.02
N ASN F 267 46.94 22.13 -52.40
CA ASN F 267 48.17 22.66 -51.80
C ASN F 267 49.29 22.85 -52.84
N GLN F 268 48.93 23.29 -54.04
CA GLN F 268 49.89 23.91 -54.95
C GLN F 268 49.14 24.93 -55.80
N SER F 269 49.92 25.85 -56.38
CA SER F 269 49.36 26.93 -57.17
C SER F 269 48.82 26.42 -58.51
N GLY F 270 47.88 27.17 -59.08
CA GLY F 270 47.29 26.79 -60.34
C GLY F 270 46.20 27.77 -60.72
N SER F 271 45.35 27.35 -61.66
CA SER F 271 44.22 28.17 -62.05
C SER F 271 43.17 28.16 -60.94
N PHE F 272 42.85 29.34 -60.42
CA PHE F 272 42.03 29.48 -59.24
C PHE F 272 40.65 30.02 -59.59
N LEU F 273 39.72 29.84 -58.65
CA LEU F 273 38.34 30.29 -58.77
C LEU F 273 37.95 30.98 -57.47
N CYS F 274 37.84 32.30 -57.51
CA CYS F 274 37.63 33.10 -56.31
C CYS F 274 36.18 33.02 -55.86
N CYS F 275 35.95 32.42 -54.69
CA CYS F 275 34.61 32.36 -54.13
C CYS F 275 34.21 33.73 -53.57
N ASP F 276 32.90 33.96 -53.48
CA ASP F 276 32.40 35.30 -53.20
C ASP F 276 32.64 35.72 -51.74
N THR F 277 32.34 34.85 -50.79
CA THR F 277 32.43 35.20 -49.38
C THR F 277 33.72 34.70 -48.75
N CYS F 278 34.00 33.40 -48.85
CA CYS F 278 35.24 32.88 -48.29
C CYS F 278 36.40 33.13 -49.27
N PRO F 279 37.58 33.49 -48.75
CA PRO F 279 38.70 33.81 -49.65
C PRO F 279 39.37 32.58 -50.27
N LYS F 280 38.97 31.37 -49.90
CA LYS F 280 39.59 30.18 -50.44
C LYS F 280 39.20 29.98 -51.90
N SER F 281 40.17 29.57 -52.71
CA SER F 281 39.98 29.34 -54.13
C SER F 281 40.39 27.91 -54.46
N PHE F 282 39.87 27.41 -55.57
CA PHE F 282 40.05 26.01 -55.94
C PHE F 282 40.43 25.91 -57.41
N HIS F 283 40.95 24.74 -57.77
CA HIS F 283 41.24 24.43 -59.15
C HIS F 283 39.98 23.93 -59.86
N PHE F 284 40.09 23.71 -61.16
CA PHE F 284 38.97 23.19 -61.93
C PHE F 284 38.72 21.71 -61.69
N LEU F 285 39.65 21.01 -61.02
CA LEU F 285 39.45 19.64 -60.59
C LEU F 285 39.33 19.51 -59.07
N CYS F 286 39.57 20.58 -58.32
CA CYS F 286 39.47 20.56 -56.86
C CYS F 286 38.08 20.89 -56.36
N LEU F 287 37.05 20.22 -56.89
CA LEU F 287 35.66 20.41 -56.50
C LEU F 287 34.93 19.09 -56.68
N ASP F 288 33.74 18.99 -56.10
CA ASP F 288 32.97 17.75 -56.25
C ASP F 288 32.49 17.53 -57.69
N PRO F 289 32.00 18.54 -58.43
CA PRO F 289 32.12 18.46 -59.89
C PRO F 289 33.54 18.80 -60.33
N PRO F 290 34.18 17.95 -61.11
CA PRO F 290 35.42 18.40 -61.79
C PRO F 290 35.05 19.32 -62.95
N ILE F 291 34.90 20.60 -62.61
CA ILE F 291 34.28 21.57 -63.51
C ILE F 291 35.17 21.80 -64.73
N ASP F 292 34.58 21.63 -65.90
CA ASP F 292 35.30 21.77 -67.16
C ASP F 292 35.64 23.24 -67.36
N PRO F 293 36.89 23.59 -67.68
CA PRO F 293 37.22 24.99 -67.97
C PRO F 293 36.48 25.52 -69.19
N ASN F 294 36.18 26.82 -69.15
CA ASN F 294 35.44 27.57 -70.16
C ASN F 294 34.01 27.05 -70.35
N ASN F 295 33.45 26.37 -69.34
CA ASN F 295 32.06 25.91 -69.44
C ASN F 295 31.31 26.03 -68.11
N LEU F 296 31.74 26.91 -67.22
CA LEU F 296 31.07 27.04 -65.93
C LEU F 296 29.73 27.76 -66.08
N PRO F 297 28.64 27.24 -65.48
CA PRO F 297 27.34 27.94 -65.54
C PRO F 297 27.39 29.31 -64.87
N LYS F 298 26.80 30.31 -65.52
CA LYS F 298 26.98 31.69 -65.10
C LYS F 298 26.23 31.97 -63.80
N GLY F 299 26.92 32.61 -62.86
CA GLY F 299 26.33 32.89 -61.57
C GLY F 299 27.36 33.46 -60.61
N ASP F 300 26.98 33.53 -59.34
CA ASP F 300 27.84 34.11 -58.31
C ASP F 300 28.92 33.14 -57.82
N TRP F 301 28.83 31.86 -58.23
CA TRP F 301 29.78 30.81 -57.87
C TRP F 301 29.83 30.64 -56.34
N HIS F 302 28.73 30.11 -55.82
CA HIS F 302 28.69 29.65 -54.44
C HIS F 302 29.50 28.37 -54.30
N CYS F 303 30.23 28.24 -53.19
CA CYS F 303 30.92 27.00 -52.89
C CYS F 303 29.99 26.11 -52.05
N ASN F 304 30.53 25.03 -51.48
CA ASN F 304 29.70 24.15 -50.66
C ASN F 304 29.34 24.80 -49.33
N GLU F 305 30.31 25.46 -48.69
CA GLU F 305 30.06 26.14 -47.42
C GLU F 305 29.11 27.32 -47.60
N CYS F 306 29.31 28.11 -48.66
CA CYS F 306 28.44 29.25 -48.93
C CYS F 306 27.02 28.81 -49.25
N LYS F 307 26.88 27.72 -50.03
CA LYS F 307 25.54 27.21 -50.32
C LYS F 307 24.89 26.61 -49.08
N PHE F 308 25.70 26.07 -48.15
CA PHE F 308 25.16 25.66 -46.86
C PHE F 308 24.67 26.85 -46.05
N LYS F 309 25.42 27.95 -46.07
CA LYS F 309 25.03 29.15 -45.32
C LYS F 309 23.73 29.74 -45.86
N ILE F 310 23.58 29.79 -47.18
CA ILE F 310 22.31 30.31 -47.71
C ILE F 310 21.19 29.29 -47.65
N PHE F 311 21.51 28.00 -47.51
CA PHE F 311 20.47 27.00 -47.33
C PHE F 311 19.91 27.04 -45.90
N ILE F 312 20.77 27.24 -44.91
CA ILE F 312 20.34 27.32 -43.52
C ILE F 312 19.96 28.73 -43.10
N ASN F 313 20.22 29.73 -43.94
CA ASN F 313 19.97 31.16 -43.65
C ASN F 313 20.66 31.61 -42.36
N ASN F 314 21.86 31.07 -42.13
CA ASN F 314 22.70 31.24 -40.92
C ASN F 314 21.88 31.22 -39.63
N SER F 315 21.00 30.22 -39.53
CA SER F 315 20.14 30.05 -38.36
C SER F 315 20.27 28.62 -37.85
N MET F 316 20.21 28.47 -36.53
CA MET F 316 20.47 27.17 -35.90
C MET F 316 19.30 26.20 -36.03
N ALA F 317 18.11 26.60 -35.58
CA ALA F 317 17.01 25.66 -35.32
C ALA F 317 16.52 24.99 -36.61
N THR F 318 16.58 25.71 -37.73
CA THR F 318 16.22 25.12 -39.01
C THR F 318 17.18 23.99 -39.40
N LEU F 319 18.49 24.18 -39.17
CA LEU F 319 19.43 23.12 -39.50
C LEU F 319 19.31 21.97 -38.50
N LYS F 320 18.94 22.25 -37.25
CA LYS F 320 18.69 21.14 -36.33
C LYS F 320 17.47 20.31 -36.74
N LYS F 321 16.37 20.96 -37.13
CA LYS F 321 15.21 20.15 -37.52
C LYS F 321 15.46 19.44 -38.85
N ILE F 322 16.31 20.00 -39.71
CA ILE F 322 16.62 19.25 -40.92
C ILE F 322 17.61 18.11 -40.66
N GLU F 323 18.48 18.21 -39.67
CA GLU F 323 19.33 17.05 -39.40
C GLU F 323 18.41 15.97 -38.86
N SER F 324 17.54 16.32 -37.92
CA SER F 324 16.56 15.37 -37.40
C SER F 324 15.80 14.69 -38.53
N ASN F 325 15.38 15.46 -39.55
CA ASN F 325 14.65 14.86 -40.67
C ASN F 325 15.53 13.93 -41.50
N PHE F 326 16.77 14.34 -41.80
CA PHE F 326 17.55 13.53 -42.73
C PHE F 326 18.07 12.28 -42.03
N ILE F 327 18.33 12.36 -40.72
CA ILE F 327 18.56 11.13 -39.97
C ILE F 327 17.29 10.30 -39.93
N LYS F 328 16.12 10.96 -39.93
CA LYS F 328 14.86 10.25 -39.76
C LYS F 328 14.52 9.32 -40.92
N GLN F 329 14.68 9.75 -42.19
CA GLN F 329 14.11 8.88 -43.23
C GLN F 329 14.95 7.62 -43.47
N ASN F 330 16.28 7.75 -43.55
CA ASN F 330 17.12 6.60 -43.89
C ASN F 330 17.71 6.01 -42.60
N ASN F 331 16.96 5.12 -41.97
CA ASN F 331 17.44 4.37 -40.81
C ASN F 331 18.32 3.20 -41.19
N ASN F 332 18.46 2.91 -42.49
CA ASN F 332 19.34 1.83 -42.93
C ASN F 332 20.79 2.27 -43.03
N VAL F 333 21.05 3.58 -42.88
CA VAL F 333 22.40 4.14 -42.86
C VAL F 333 22.62 4.89 -41.54
N LYS F 334 21.86 4.48 -40.52
CA LYS F 334 21.62 5.31 -39.32
C LYS F 334 22.91 5.61 -38.55
N ILE F 335 23.80 4.63 -38.41
CA ILE F 335 25.02 4.88 -37.64
C ILE F 335 25.98 5.80 -38.40
N PHE F 336 25.80 5.95 -39.69
CA PHE F 336 26.57 6.90 -40.48
C PHE F 336 25.80 8.17 -40.82
N ALA F 337 24.59 8.33 -40.28
CA ALA F 337 23.71 9.40 -40.72
C ALA F 337 24.23 10.79 -40.32
N LYS F 338 24.82 10.90 -39.12
CA LYS F 338 25.45 12.17 -38.74
C LYS F 338 26.70 12.41 -39.57
N LEU F 339 27.35 11.33 -40.02
CA LEU F 339 28.55 11.47 -40.83
C LEU F 339 28.25 11.91 -42.25
N LEU F 340 27.00 11.80 -42.70
CA LEU F 340 26.68 12.18 -44.09
C LEU F 340 26.58 13.70 -44.29
N PHE F 341 26.28 14.49 -43.25
CA PHE F 341 26.30 15.94 -43.44
C PHE F 341 27.68 16.56 -43.64
N ASN F 342 28.74 15.97 -43.07
CA ASN F 342 30.02 16.68 -43.03
C ASN F 342 30.60 16.89 -44.43
N ILE F 343 30.29 15.99 -45.36
CA ILE F 343 30.70 16.16 -46.77
C ILE F 343 30.05 17.41 -47.37
N ASP F 344 28.78 17.64 -47.08
CA ASP F 344 28.10 18.81 -47.62
C ASP F 344 28.64 20.09 -47.00
N SER F 345 29.22 19.99 -45.80
CA SER F 345 29.92 21.11 -45.18
C SER F 345 31.44 20.99 -45.30
N HIS F 346 31.94 20.04 -46.08
CA HIS F 346 33.37 19.92 -46.35
C HIS F 346 33.67 20.42 -47.75
N ASN F 347 34.63 21.30 -47.86
CA ASN F 347 35.21 21.63 -49.15
C ASN F 347 36.21 20.53 -49.49
N PRO F 348 36.09 19.90 -50.66
CA PRO F 348 36.92 18.74 -50.97
C PRO F 348 38.39 19.11 -51.11
N LYS F 349 39.25 18.15 -50.79
CA LYS F 349 40.69 18.38 -50.81
C LYS F 349 41.40 17.06 -51.05
N GLN F 350 42.73 17.15 -51.19
CA GLN F 350 43.55 15.96 -51.36
C GLN F 350 43.58 15.16 -50.06
N PHE F 351 43.93 13.88 -50.17
CA PHE F 351 43.95 13.00 -49.01
C PHE F 351 45.18 13.42 -48.20
N GLN F 352 44.99 14.30 -47.22
CA GLN F 352 46.06 14.67 -46.33
C GLN F 352 46.23 13.54 -45.32
N LEU F 353 47.36 12.83 -45.42
CA LEU F 353 47.57 11.63 -44.62
C LEU F 353 47.80 12.01 -43.16
N PRO F 354 47.01 11.47 -42.24
CA PRO F 354 47.12 11.90 -40.84
C PRO F 354 48.32 11.35 -40.10
N ASN F 355 48.54 11.90 -38.90
CA ASN F 355 49.85 11.92 -38.27
C ASN F 355 50.31 10.53 -37.83
N TYR F 356 49.42 9.75 -37.20
CA TYR F 356 49.80 8.41 -36.77
C TYR F 356 49.88 7.42 -37.92
N ILE F 357 49.45 7.83 -39.11
CA ILE F 357 49.57 6.98 -40.30
C ILE F 357 50.91 7.20 -40.99
N LYS F 358 51.52 8.38 -40.79
CA LYS F 358 52.88 8.62 -41.31
C LYS F 358 53.90 7.67 -40.71
N GLU F 359 53.79 7.41 -39.41
CA GLU F 359 54.77 6.56 -38.74
C GLU F 359 54.57 5.10 -39.14
N THR F 360 55.63 4.50 -39.69
CA THR F 360 55.66 3.13 -40.21
C THR F 360 54.54 2.84 -41.21
N PHE F 533 24.77 20.73 -14.67
CA PHE F 533 25.11 19.85 -15.78
C PHE F 533 23.88 19.07 -16.25
N ASN F 534 23.20 19.60 -17.27
CA ASN F 534 21.95 19.01 -17.75
C ASN F 534 22.16 17.74 -18.55
N GLN F 535 23.40 17.46 -18.99
CA GLN F 535 23.65 16.30 -19.83
C GLN F 535 23.70 14.99 -19.05
N ASP F 536 23.71 15.04 -17.72
CA ASP F 536 23.81 13.81 -16.93
C ASP F 536 22.49 13.04 -16.89
N PHE F 537 21.36 13.73 -16.97
CA PHE F 537 20.04 13.10 -16.86
C PHE F 537 19.36 12.98 -18.22
N LYS F 538 20.12 12.66 -19.25
CA LYS F 538 19.58 12.49 -20.60
C LYS F 538 18.66 11.27 -20.67
N ILE F 539 17.49 11.45 -21.25
CA ILE F 539 16.59 10.34 -21.55
C ILE F 539 16.88 9.85 -22.96
N THR F 540 17.16 8.56 -23.09
CA THR F 540 17.36 7.94 -24.39
C THR F 540 16.03 7.89 -25.15
N GLN F 541 16.04 8.43 -26.37
CA GLN F 541 14.88 8.32 -27.26
C GLN F 541 15.09 7.09 -28.13
N ILE F 542 14.23 6.10 -27.97
CA ILE F 542 14.42 4.80 -28.60
C ILE F 542 13.10 4.41 -29.28
N ASP F 543 13.21 3.59 -30.31
CA ASP F 543 12.06 3.05 -31.02
C ASP F 543 11.75 1.64 -30.53
N GLU F 544 10.58 1.13 -30.93
CA GLU F 544 10.16 -0.18 -30.44
C GLU F 544 10.95 -1.31 -31.11
N ASN F 545 11.38 -1.10 -32.35
CA ASN F 545 12.13 -2.14 -33.06
C ASN F 545 13.51 -2.35 -32.44
N SER F 546 14.17 -1.28 -32.01
CA SER F 546 15.47 -1.42 -31.40
C SER F 546 15.40 -2.04 -30.02
N ILE F 547 14.36 -1.69 -29.24
CA ILE F 547 14.12 -2.36 -27.96
C ILE F 547 13.87 -3.84 -28.18
N LYS F 548 13.10 -4.16 -29.23
CA LYS F 548 12.82 -5.54 -29.61
C LYS F 548 14.10 -6.28 -29.98
N TYR F 549 14.98 -5.62 -30.73
CA TYR F 549 16.26 -6.19 -31.12
C TYR F 549 17.15 -6.48 -29.92
N ASP F 550 17.24 -5.53 -28.98
CA ASP F 550 18.08 -5.77 -27.81
C ASP F 550 17.47 -6.81 -26.88
N PHE F 551 16.15 -6.94 -26.86
CA PHE F 551 15.53 -8.01 -26.08
C PHE F 551 15.86 -9.38 -26.65
N PHE F 552 15.76 -9.52 -27.98
CA PHE F 552 16.16 -10.77 -28.63
C PHE F 552 17.65 -11.03 -28.42
N ASP F 553 18.46 -9.98 -28.50
CA ASP F 553 19.90 -10.06 -28.25
C ASP F 553 20.19 -10.62 -26.86
N LYS F 554 19.59 -10.02 -25.83
CA LYS F 554 19.85 -10.40 -24.46
C LYS F 554 19.37 -11.81 -24.15
N ILE F 555 18.19 -12.20 -24.64
CA ILE F 555 17.71 -13.55 -24.34
C ILE F 555 18.59 -14.59 -25.06
N TYR F 556 19.03 -14.31 -26.29
CA TYR F 556 19.86 -15.28 -26.99
C TYR F 556 21.24 -15.41 -26.35
N LYS F 557 21.84 -14.28 -25.96
CA LYS F 557 23.12 -14.34 -25.25
C LYS F 557 23.01 -15.09 -23.93
N SER F 558 22.01 -14.77 -23.11
CA SER F 558 21.89 -15.41 -21.81
C SER F 558 21.64 -16.91 -21.96
N LYS F 559 20.74 -17.29 -22.88
CA LYS F 559 20.42 -18.69 -23.12
C LYS F 559 21.64 -19.47 -23.59
N MET F 560 22.43 -18.90 -24.49
CA MET F 560 23.49 -19.74 -25.01
C MET F 560 24.77 -19.69 -24.18
N VAL F 561 25.01 -18.64 -23.38
CA VAL F 561 26.09 -18.78 -22.41
C VAL F 561 25.72 -19.74 -21.29
N GLN F 562 24.44 -19.85 -20.91
CA GLN F 562 24.14 -20.87 -19.91
C GLN F 562 24.20 -22.28 -20.54
N LYS F 563 23.80 -22.40 -21.80
CA LYS F 563 23.94 -23.68 -22.51
C LYS F 563 25.40 -24.07 -22.68
N ARG F 564 26.24 -23.13 -23.10
CA ARG F 564 27.65 -23.42 -23.24
C ARG F 564 28.25 -23.80 -21.89
N LYS F 565 28.01 -22.99 -20.87
CA LYS F 565 28.64 -23.28 -19.58
C LYS F 565 28.20 -24.63 -19.04
N LEU F 566 26.94 -25.05 -19.29
CA LEU F 566 26.55 -26.40 -18.87
C LEU F 566 27.21 -27.45 -19.74
N PHE F 567 27.43 -27.15 -21.03
CA PHE F 567 28.12 -28.10 -21.91
C PHE F 567 29.59 -28.25 -21.50
N GLN F 568 30.25 -27.13 -21.16
CA GLN F 568 31.63 -27.20 -20.68
C GLN F 568 31.72 -27.92 -19.34
N PHE F 569 30.74 -27.70 -18.45
CA PHE F 569 30.72 -28.43 -17.18
C PHE F 569 30.51 -29.92 -17.41
N GLN F 570 29.66 -30.29 -18.38
CA GLN F 570 29.45 -31.69 -18.69
C GLN F 570 30.71 -32.34 -19.27
N GLU F 571 31.37 -31.66 -20.19
CA GLU F 571 32.60 -32.18 -20.74
C GLU F 571 33.66 -32.32 -19.66
N SER F 572 33.75 -31.31 -18.79
CA SER F 572 34.75 -31.34 -17.73
C SER F 572 34.51 -32.50 -16.78
N LEU F 573 33.24 -32.76 -16.42
CA LEU F 573 32.96 -33.91 -15.56
C LEU F 573 33.23 -35.22 -16.30
N ILE F 574 33.00 -35.25 -17.62
CA ILE F 574 33.32 -36.44 -18.40
C ILE F 574 34.82 -36.70 -18.40
N ASP F 575 35.61 -35.64 -18.60
CA ASP F 575 37.07 -35.78 -18.57
C ASP F 575 37.57 -36.18 -17.18
N LYS F 576 36.96 -35.62 -16.13
CA LYS F 576 37.36 -35.97 -14.77
C LYS F 576 37.01 -37.42 -14.44
N LEU F 577 35.86 -37.90 -14.88
CA LEU F 577 35.48 -39.28 -14.64
C LEU F 577 36.31 -40.26 -15.48
N VAL F 578 36.73 -39.83 -16.68
CA VAL F 578 37.61 -40.67 -17.48
C VAL F 578 38.99 -40.75 -16.84
N SER F 579 39.51 -39.61 -16.36
CA SER F 579 40.83 -39.59 -15.73
C SER F 579 40.83 -40.33 -14.38
N ASN F 580 39.74 -40.27 -13.65
CA ASN F 580 39.64 -40.97 -12.37
C ASN F 580 39.37 -42.46 -12.58
N ALA G 1 11.63 30.15 32.96
CA ALA G 1 11.39 29.86 31.55
C ALA G 1 9.92 29.51 31.30
N ARG G 2 9.22 30.42 30.65
CA ARG G 2 7.83 30.20 30.33
C ARG G 2 7.68 29.15 29.23
N THR G 3 6.78 28.21 29.44
CA THR G 3 6.52 27.18 28.43
C THR G 3 5.02 27.09 28.18
N LYS G 4 4.67 26.61 26.99
CA LYS G 4 3.27 26.41 26.62
C LYS G 4 3.17 25.18 25.75
N GLN G 5 1.99 24.56 25.76
CA GLN G 5 1.74 23.35 24.99
C GLN G 5 0.80 23.65 23.83
N THR G 6 1.22 23.25 22.63
CA THR G 6 0.49 23.40 21.37
C THR G 6 0.10 24.85 21.08
N GLY G 13 -3.18 20.31 23.08
CA GLY G 13 -2.47 19.60 24.13
C GLY G 13 -2.56 18.10 24.00
N LYS G 14 -1.89 17.53 23.00
CA LYS G 14 -1.91 16.09 22.80
C LYS G 14 -0.58 15.46 23.18
N ALA G 15 -0.63 14.48 24.09
CA ALA G 15 0.61 13.85 24.55
C ALA G 15 1.26 12.98 23.48
N PRO G 16 0.50 12.07 22.86
CA PRO G 16 1.07 11.25 21.79
C PRO G 16 1.08 11.97 20.44
N ARG G 17 1.50 11.27 19.38
CA ARG G 17 1.53 11.87 18.06
C ARG G 17 0.81 11.02 17.02
N LYS G 18 0.49 11.64 15.88
CA LYS G 18 -0.18 10.91 14.81
C LYS G 18 -1.43 10.19 15.31
N GLN G 19 -2.19 10.84 16.18
CA GLN G 19 -3.40 10.23 16.68
C GLN G 19 -4.26 9.74 15.53
N LEU G 20 -4.07 10.35 14.36
CA LEU G 20 -4.84 9.94 13.19
C LEU G 20 -4.52 8.49 12.86
N ALA G 21 -3.29 8.07 13.12
CA ALA G 21 -2.90 6.71 12.79
C ALA G 21 -3.04 5.83 14.02
N THR G 22 -4.21 5.84 14.64
CA THR G 22 -4.43 5.07 15.86
C THR G 22 -5.83 4.49 15.86
N LYS G 23 -6.12 3.57 16.78
CA LYS G 23 -7.42 2.89 16.81
C LYS G 23 -8.56 3.75 17.34
N ALA G 24 -8.24 4.71 18.19
CA ALA G 24 -9.28 5.54 18.79
C ALA G 24 -9.00 7.03 18.60
N ALA G 25 -7.91 7.36 17.93
CA ALA G 25 -7.57 8.75 17.67
C ALA G 25 -7.61 9.59 18.94
#